data_2OTY
# 
_entry.id   2OTY 
# 
_audit_conform.dict_name       mmcif_pdbx.dic 
_audit_conform.dict_version    5.377 
_audit_conform.dict_location   http://mmcif.pdb.org/dictionaries/ascii/mmcif_pdbx.dic 
# 
loop_
_database_2.database_id 
_database_2.database_code 
_database_2.pdbx_database_accession 
_database_2.pdbx_DOI 
PDB   2OTY         pdb_00002oty 10.2210/pdb2oty/pdb 
RCSB  RCSB041581   ?            ?                   
WWPDB D_1000041581 ?            ?                   
# 
_pdbx_database_related.db_name        PDB 
_pdbx_database_related.db_id          181L 
_pdbx_database_related.details        'The same protein complexed with benzene' 
_pdbx_database_related.content_type   unspecified 
# 
_pdbx_database_status.entry_id                        2OTY 
_pdbx_database_status.deposit_site                    RCSB 
_pdbx_database_status.process_site                    RCSB 
_pdbx_database_status.recvd_initial_deposition_date   2007-02-09 
_pdbx_database_status.status_code                     REL 
_pdbx_database_status.status_code_sf                  REL 
_pdbx_database_status.status_code_mr                  ? 
_pdbx_database_status.SG_entry                        ? 
_pdbx_database_status.pdb_format_compatible           Y 
_pdbx_database_status.status_code_cs                  ? 
_pdbx_database_status.methods_development_category    ? 
_pdbx_database_status.status_code_nmr_data            ? 
# 
loop_
_audit_author.name 
_audit_author.pdbx_ordinal 
'Graves, A.P.'   1 
'Shoichet, B.K.' 2 
# 
_citation.id                        primary 
_citation.title                     'Predicting absolute ligand binding free energies to a simple model site.' 
_citation.journal_abbrev            J.Mol.Biol. 
_citation.journal_volume            371 
_citation.page_first                1118 
_citation.page_last                 1134 
_citation.year                      2007 
_citation.journal_id_ASTM           JMOBAK 
_citation.country                   UK 
_citation.journal_id_ISSN           0022-2836 
_citation.journal_id_CSD            0070 
_citation.book_publisher            ? 
_citation.pdbx_database_id_PubMed   17599350 
_citation.pdbx_database_id_DOI      10.1016/j.jmb.2007.06.002 
# 
loop_
_citation_author.citation_id 
_citation_author.name 
_citation_author.ordinal 
_citation_author.identifier_ORCID 
primary 'Mobley, D.L.'     1 ? 
primary 'Graves, A.P.'     2 ? 
primary 'Chodera, J.D.'    3 ? 
primary 'McReynolds, A.C.' 4 ? 
primary 'Shoichet, B.K.'   5 ? 
primary 'Dill, K.A.'       6 ? 
# 
_cell.entry_id           2OTY 
_cell.length_a           60.210 
_cell.length_b           60.210 
_cell.length_c           97.031 
_cell.angle_alpha        90.00 
_cell.angle_beta         90.00 
_cell.angle_gamma        120.00 
_cell.Z_PDB              6 
_cell.pdbx_unique_axis   ? 
_cell.length_a_esd       ? 
_cell.length_b_esd       ? 
_cell.length_c_esd       ? 
_cell.angle_alpha_esd    ? 
_cell.angle_beta_esd     ? 
_cell.angle_gamma_esd    ? 
# 
_symmetry.entry_id                         2OTY 
_symmetry.space_group_name_H-M             'P 32 2 1' 
_symmetry.pdbx_full_space_group_name_H-M   ? 
_symmetry.cell_setting                     ? 
_symmetry.Int_Tables_number                154 
_symmetry.space_group_name_Hall            ? 
# 
loop_
_entity.id 
_entity.type 
_entity.src_method 
_entity.pdbx_description 
_entity.formula_weight 
_entity.pdbx_number_of_molecules 
_entity.pdbx_ec 
_entity.pdbx_mutation 
_entity.pdbx_fragment 
_entity.details 
1 polymer     man Lysozyme             18359.023 1   3.2.1.17 ? ? ? 
2 non-polymer syn 'PHOSPHATE ION'      94.971    3   ?        ? ? ? 
3 non-polymer syn BETA-MERCAPTOETHANOL 78.133    1   ?        ? ? ? 
4 non-polymer syn 1,2-DICHLOROBENZENE  147.002   1   ?        ? ? ? 
5 water       nat water                18.015    233 ?        ? ? ? 
# 
_entity_name_com.entity_id   1 
_entity_name_com.name        'Lysis protein, Muramidase, Endolysin' 
# 
_entity_poly.entity_id                      1 
_entity_poly.type                           'polypeptide(L)' 
_entity_poly.nstd_linkage                   no 
_entity_poly.nstd_monomer                   no 
_entity_poly.pdbx_seq_one_letter_code       
;MNIFEMLRIDEGLRLKIYKDTEGYYTIGIGHLLTKSPSLNAAKSELDKAIGRNTNGVITKDEAEKLFNQDVDAAVRGILR
NAKLKPVYDSLDAVRRAAAINMVFQMGETGVAGFTNSLRMLQQKRWDEAAVNLAKSRWYNQTPNRAKRVITTFRTGTWDA
YK
;
_entity_poly.pdbx_seq_one_letter_code_can   
;MNIFEMLRIDEGLRLKIYKDTEGYYTIGIGHLLTKSPSLNAAKSELDKAIGRNTNGVITKDEAEKLFNQDVDAAVRGILR
NAKLKPVYDSLDAVRRAAAINMVFQMGETGVAGFTNSLRMLQQKRWDEAAVNLAKSRWYNQTPNRAKRVITTFRTGTWDA
YK
;
_entity_poly.pdbx_strand_id                 X 
_entity_poly.pdbx_target_identifier         ? 
# 
loop_
_entity_poly_seq.entity_id 
_entity_poly_seq.num 
_entity_poly_seq.mon_id 
_entity_poly_seq.hetero 
1 1   MET n 
1 2   ASN n 
1 3   ILE n 
1 4   PHE n 
1 5   GLU n 
1 6   MET n 
1 7   LEU n 
1 8   ARG n 
1 9   ILE n 
1 10  ASP n 
1 11  GLU n 
1 12  GLY n 
1 13  LEU n 
1 14  ARG n 
1 15  LEU n 
1 16  LYS n 
1 17  ILE n 
1 18  TYR n 
1 19  LYS n 
1 20  ASP n 
1 21  THR n 
1 22  GLU n 
1 23  GLY n 
1 24  TYR n 
1 25  TYR n 
1 26  THR n 
1 27  ILE n 
1 28  GLY n 
1 29  ILE n 
1 30  GLY n 
1 31  HIS n 
1 32  LEU n 
1 33  LEU n 
1 34  THR n 
1 35  LYS n 
1 36  SER n 
1 37  PRO n 
1 38  SER n 
1 39  LEU n 
1 40  ASN n 
1 41  ALA n 
1 42  ALA n 
1 43  LYS n 
1 44  SER n 
1 45  GLU n 
1 46  LEU n 
1 47  ASP n 
1 48  LYS n 
1 49  ALA n 
1 50  ILE n 
1 51  GLY n 
1 52  ARG n 
1 53  ASN n 
1 54  THR n 
1 55  ASN n 
1 56  GLY n 
1 57  VAL n 
1 58  ILE n 
1 59  THR n 
1 60  LYS n 
1 61  ASP n 
1 62  GLU n 
1 63  ALA n 
1 64  GLU n 
1 65  LYS n 
1 66  LEU n 
1 67  PHE n 
1 68  ASN n 
1 69  GLN n 
1 70  ASP n 
1 71  VAL n 
1 72  ASP n 
1 73  ALA n 
1 74  ALA n 
1 75  VAL n 
1 76  ARG n 
1 77  GLY n 
1 78  ILE n 
1 79  LEU n 
1 80  ARG n 
1 81  ASN n 
1 82  ALA n 
1 83  LYS n 
1 84  LEU n 
1 85  LYS n 
1 86  PRO n 
1 87  VAL n 
1 88  TYR n 
1 89  ASP n 
1 90  SER n 
1 91  LEU n 
1 92  ASP n 
1 93  ALA n 
1 94  VAL n 
1 95  ARG n 
1 96  ARG n 
1 97  ALA n 
1 98  ALA n 
1 99  ALA n 
1 100 ILE n 
1 101 ASN n 
1 102 MET n 
1 103 VAL n 
1 104 PHE n 
1 105 GLN n 
1 106 MET n 
1 107 GLY n 
1 108 GLU n 
1 109 THR n 
1 110 GLY n 
1 111 VAL n 
1 112 ALA n 
1 113 GLY n 
1 114 PHE n 
1 115 THR n 
1 116 ASN n 
1 117 SER n 
1 118 LEU n 
1 119 ARG n 
1 120 MET n 
1 121 LEU n 
1 122 GLN n 
1 123 GLN n 
1 124 LYS n 
1 125 ARG n 
1 126 TRP n 
1 127 ASP n 
1 128 GLU n 
1 129 ALA n 
1 130 ALA n 
1 131 VAL n 
1 132 ASN n 
1 133 LEU n 
1 134 ALA n 
1 135 LYS n 
1 136 SER n 
1 137 ARG n 
1 138 TRP n 
1 139 TYR n 
1 140 ASN n 
1 141 GLN n 
1 142 THR n 
1 143 PRO n 
1 144 ASN n 
1 145 ARG n 
1 146 ALA n 
1 147 LYS n 
1 148 ARG n 
1 149 VAL n 
1 150 ILE n 
1 151 THR n 
1 152 THR n 
1 153 PHE n 
1 154 ARG n 
1 155 THR n 
1 156 GLY n 
1 157 THR n 
1 158 TRP n 
1 159 ASP n 
1 160 ALA n 
1 161 TYR n 
1 162 LYS n 
# 
_entity_src_gen.entity_id                          1 
_entity_src_gen.pdbx_src_id                        1 
_entity_src_gen.pdbx_alt_source_flag               sample 
_entity_src_gen.pdbx_seq_type                      ? 
_entity_src_gen.pdbx_beg_seq_num                   ? 
_entity_src_gen.pdbx_end_seq_num                   ? 
_entity_src_gen.gene_src_common_name               ? 
_entity_src_gen.gene_src_genus                     'T4-like viruses' 
_entity_src_gen.pdbx_gene_src_gene                 E 
_entity_src_gen.gene_src_species                   'Enterobacteria phage T4 sensu lato' 
_entity_src_gen.gene_src_strain                    ? 
_entity_src_gen.gene_src_tissue                    ? 
_entity_src_gen.gene_src_tissue_fraction           ? 
_entity_src_gen.gene_src_details                   ? 
_entity_src_gen.pdbx_gene_src_fragment             ? 
_entity_src_gen.pdbx_gene_src_scientific_name      'Enterobacteria phage T4' 
_entity_src_gen.pdbx_gene_src_ncbi_taxonomy_id     10665 
_entity_src_gen.pdbx_gene_src_variant              ? 
_entity_src_gen.pdbx_gene_src_cell_line            ? 
_entity_src_gen.pdbx_gene_src_atcc                 ? 
_entity_src_gen.pdbx_gene_src_organ                ? 
_entity_src_gen.pdbx_gene_src_organelle            ? 
_entity_src_gen.pdbx_gene_src_cell                 ? 
_entity_src_gen.pdbx_gene_src_cellular_location    ? 
_entity_src_gen.host_org_common_name               ? 
_entity_src_gen.pdbx_host_org_scientific_name      'Escherichia coli' 
_entity_src_gen.pdbx_host_org_ncbi_taxonomy_id     562 
_entity_src_gen.host_org_genus                     Escherichia 
_entity_src_gen.pdbx_host_org_gene                 ? 
_entity_src_gen.pdbx_host_org_organ                ? 
_entity_src_gen.host_org_species                   ? 
_entity_src_gen.pdbx_host_org_tissue               ? 
_entity_src_gen.pdbx_host_org_tissue_fraction      ? 
_entity_src_gen.pdbx_host_org_strain               ? 
_entity_src_gen.pdbx_host_org_variant              ? 
_entity_src_gen.pdbx_host_org_cell_line            ? 
_entity_src_gen.pdbx_host_org_atcc                 ? 
_entity_src_gen.pdbx_host_org_culture_collection   ? 
_entity_src_gen.pdbx_host_org_cell                 ? 
_entity_src_gen.pdbx_host_org_organelle            ? 
_entity_src_gen.pdbx_host_org_cellular_location    ? 
_entity_src_gen.pdbx_host_org_vector_type          Plasmid 
_entity_src_gen.pdbx_host_org_vector               ? 
_entity_src_gen.host_org_details                   ? 
_entity_src_gen.expression_system_id               ? 
_entity_src_gen.plasmid_name                       M13 
_entity_src_gen.plasmid_details                    ? 
_entity_src_gen.pdbx_description                   ? 
# 
_struct_ref.id                         1 
_struct_ref.db_name                    UNP 
_struct_ref.db_code                    LYS_BPT4 
_struct_ref.pdbx_db_accession          P00720 
_struct_ref.entity_id                  1 
_struct_ref.pdbx_seq_one_letter_code   
;MNIFEMLRIDEGLRLKIYKDTEGYYTIGIGHLLTKSPSLNAAKSELDKAIGRNCNGVITKDEAEKLFNQDVDAAVRGILR
NAKLKPVYDSLDAVRRCALINMVFQMGETGVAGFTNSLRMLQQKRWDEAAVNLAKSRWYNQTPNRAKRVITTFRTGTWDA
YK
;
_struct_ref.pdbx_align_begin           1 
_struct_ref.pdbx_db_isoform            ? 
# 
_struct_ref_seq.align_id                      1 
_struct_ref_seq.ref_id                        1 
_struct_ref_seq.pdbx_PDB_id_code              2OTY 
_struct_ref_seq.pdbx_strand_id                X 
_struct_ref_seq.seq_align_beg                 1 
_struct_ref_seq.pdbx_seq_align_beg_ins_code   ? 
_struct_ref_seq.seq_align_end                 162 
_struct_ref_seq.pdbx_seq_align_end_ins_code   ? 
_struct_ref_seq.pdbx_db_accession             P00720 
_struct_ref_seq.db_align_beg                  1 
_struct_ref_seq.pdbx_db_align_beg_ins_code    ? 
_struct_ref_seq.db_align_end                  162 
_struct_ref_seq.pdbx_db_align_end_ins_code    ? 
_struct_ref_seq.pdbx_auth_seq_align_beg       1 
_struct_ref_seq.pdbx_auth_seq_align_end       162 
# 
loop_
_struct_ref_seq_dif.align_id 
_struct_ref_seq_dif.pdbx_pdb_id_code 
_struct_ref_seq_dif.mon_id 
_struct_ref_seq_dif.pdbx_pdb_strand_id 
_struct_ref_seq_dif.seq_num 
_struct_ref_seq_dif.pdbx_pdb_ins_code 
_struct_ref_seq_dif.pdbx_seq_db_name 
_struct_ref_seq_dif.pdbx_seq_db_accession_code 
_struct_ref_seq_dif.db_mon_id 
_struct_ref_seq_dif.pdbx_seq_db_seq_num 
_struct_ref_seq_dif.details 
_struct_ref_seq_dif.pdbx_auth_seq_num 
_struct_ref_seq_dif.pdbx_ordinal 
1 2OTY THR X 54 ? UNP P00720 CYS 54 'engineered mutation' 54 1 
1 2OTY ALA X 97 ? UNP P00720 CYS 97 'engineered mutation' 97 2 
1 2OTY ALA X 99 ? UNP P00720 LEU 99 'engineered mutation' 99 3 
# 
loop_
_chem_comp.id 
_chem_comp.type 
_chem_comp.mon_nstd_flag 
_chem_comp.name 
_chem_comp.pdbx_synonyms 
_chem_comp.formula 
_chem_comp.formula_weight 
ALA 'L-peptide linking' y ALANINE              ? 'C3 H7 N O2'     89.093  
ARG 'L-peptide linking' y ARGININE             ? 'C6 H15 N4 O2 1' 175.209 
ASN 'L-peptide linking' y ASPARAGINE           ? 'C4 H8 N2 O3'    132.118 
ASP 'L-peptide linking' y 'ASPARTIC ACID'      ? 'C4 H7 N O4'     133.103 
BME non-polymer         . BETA-MERCAPTOETHANOL ? 'C2 H6 O S'      78.133  
CYS 'L-peptide linking' y CYSTEINE             ? 'C3 H7 N O2 S'   121.158 
GLN 'L-peptide linking' y GLUTAMINE            ? 'C5 H10 N2 O3'   146.144 
GLU 'L-peptide linking' y 'GLUTAMIC ACID'      ? 'C5 H9 N O4'     147.129 
GLY 'peptide linking'   y GLYCINE              ? 'C2 H5 N O2'     75.067  
HIS 'L-peptide linking' y HISTIDINE            ? 'C6 H10 N3 O2 1' 156.162 
HOH non-polymer         . WATER                ? 'H2 O'           18.015  
ILE 'L-peptide linking' y ISOLEUCINE           ? 'C6 H13 N O2'    131.173 
LEU 'L-peptide linking' y LEUCINE              ? 'C6 H13 N O2'    131.173 
LYS 'L-peptide linking' y LYSINE               ? 'C6 H15 N2 O2 1' 147.195 
MET 'L-peptide linking' y METHIONINE           ? 'C5 H11 N O2 S'  149.211 
PHE 'L-peptide linking' y PHENYLALANINE        ? 'C9 H11 N O2'    165.189 
PO4 non-polymer         . 'PHOSPHATE ION'      ? 'O4 P -3'        94.971  
PRO 'L-peptide linking' y PROLINE              ? 'C5 H9 N O2'     115.130 
SER 'L-peptide linking' y SERINE               ? 'C3 H7 N O3'     105.093 
THR 'L-peptide linking' y THREONINE            ? 'C4 H9 N O3'     119.119 
TRP 'L-peptide linking' y TRYPTOPHAN           ? 'C11 H12 N2 O2'  204.225 
TYR 'L-peptide linking' y TYROSINE             ? 'C9 H11 N O3'    181.189 
VAL 'L-peptide linking' y VALINE               ? 'C5 H11 N O2'    117.146 
YAN non-polymer         . 1,2-DICHLOROBENZENE  ? 'C6 H4 Cl2'      147.002 
# 
_exptl.crystals_number   1 
_exptl.entry_id          2OTY 
_exptl.method            'X-RAY DIFFRACTION' 
# 
_exptl_crystal.id                    1 
_exptl_crystal.density_Matthews      2.77 
_exptl_crystal.density_meas          ? 
_exptl_crystal.density_percent_sol   55.52 
_exptl_crystal.description           ? 
_exptl_crystal.F_000                 ? 
_exptl_crystal.preparation           ? 
# 
_exptl_crystal_grow.crystal_id      1 
_exptl_crystal_grow.method          'VAPOR DIFFUSION, HANGING DROP' 
_exptl_crystal_grow.pH              7.1 
_exptl_crystal_grow.temp            277 
_exptl_crystal_grow.temp_details    ? 
_exptl_crystal_grow.pdbx_details    
;2.2M sodium-potassium phosphate, 0.05M beta-mercaptoethanol, 0.05M 2-hydroxyethyldisulfide, pH 7.1, VAPOR DIFFUSION, HANGING DROP, temperature 277K
;
_exptl_crystal_grow.pdbx_pH_range   . 
# 
_diffrn.id                     1 
_diffrn.ambient_temp           110 
_diffrn.ambient_temp_details   ? 
_diffrn.crystal_id             1 
# 
_diffrn_detector.diffrn_id              1 
_diffrn_detector.detector               'IMAGE PLATE' 
_diffrn_detector.type                   'RIGAKU RAXIS IV' 
_diffrn_detector.pdbx_collection_date   2006-06-27 
_diffrn_detector.details                ? 
# 
_diffrn_radiation.diffrn_id                        1 
_diffrn_radiation.wavelength_id                    1 
_diffrn_radiation.pdbx_diffrn_protocol             'SINGLE WAVELENGTH' 
_diffrn_radiation.monochromator                    ? 
_diffrn_radiation.pdbx_monochromatic_or_laue_m_l   M 
_diffrn_radiation.pdbx_scattering_type             x-ray 
# 
_diffrn_radiation_wavelength.id           1 
_diffrn_radiation_wavelength.wavelength   1.5418 
_diffrn_radiation_wavelength.wt           1.0 
# 
_diffrn_source.diffrn_id                   1 
_diffrn_source.source                      'ROTATING ANODE' 
_diffrn_source.type                        'RIGAKU RU200' 
_diffrn_source.pdbx_wavelength             ? 
_diffrn_source.pdbx_wavelength_list        1.5418 
_diffrn_source.pdbx_synchrotron_site       ? 
_diffrn_source.pdbx_synchrotron_beamline   ? 
# 
_reflns.entry_id                     2OTY 
_reflns.d_resolution_high            1.700 
_reflns.d_resolution_low             50.000 
_reflns.number_obs                   22986 
_reflns.pdbx_Rmerge_I_obs            0.098 
_reflns.pdbx_netI_over_sigmaI        9.800 
_reflns.pdbx_chi_squared             1.006 
_reflns.pdbx_redundancy              5.800 
_reflns.percent_possible_obs         99.800 
_reflns.observed_criterion_sigma_F   0 
_reflns.observed_criterion_sigma_I   0 
_reflns.number_all                   22986 
_reflns.pdbx_Rsym_value              ? 
_reflns.B_iso_Wilson_estimate        ? 
_reflns.R_free_details               ? 
_reflns.limit_h_max                  ? 
_reflns.limit_h_min                  ? 
_reflns.limit_k_max                  ? 
_reflns.limit_k_min                  ? 
_reflns.limit_l_max                  ? 
_reflns.limit_l_min                  ? 
_reflns.observed_criterion_F_max     ? 
_reflns.observed_criterion_F_min     ? 
_reflns.pdbx_scaling_rejects         ? 
_reflns.pdbx_diffrn_id               1 
_reflns.pdbx_ordinal                 1 
# 
_reflns_shell.d_res_high             1.70 
_reflns_shell.d_res_low              1.76 
_reflns_shell.number_measured_obs    ? 
_reflns_shell.number_measured_all    ? 
_reflns_shell.number_unique_obs      ? 
_reflns_shell.Rmerge_I_obs           0.645 
_reflns_shell.meanI_over_sigI_obs    ? 
_reflns_shell.pdbx_Rsym_value        ? 
_reflns_shell.pdbx_chi_squared       0.972 
_reflns_shell.pdbx_redundancy        5.30 
_reflns_shell.percent_possible_obs   ? 
_reflns_shell.number_unique_all      2263 
_reflns_shell.percent_possible_all   99.90 
_reflns_shell.pdbx_diffrn_id         ? 
_reflns_shell.pdbx_ordinal           1 
# 
_refine.entry_id                                 2OTY 
_refine.ls_d_res_high                            1.830 
_refine.ls_d_res_low                             52.130 
_refine.pdbx_ls_sigma_F                          0.00 
_refine.ls_percent_reflns_obs                    99.810 
_refine.ls_number_reflns_obs                     18469 
_refine.pdbx_ls_cross_valid_method               THROUGHOUT 
_refine.pdbx_R_Free_selection_details            RANDOM 
_refine.details                                  'HYDROGENS HAVE BEEN ADDED IN THE RIDING POSITIONS' 
_refine.ls_R_factor_obs                          0.198 
_refine.ls_R_factor_R_work                       0.196 
_refine.ls_R_factor_R_free                       0.235 
_refine.ls_percent_reflns_R_free                 5.200 
_refine.ls_number_reflns_R_free                  959 
_refine.B_iso_mean                               14.790 
_refine.aniso_B[1][1]                            0.140 
_refine.aniso_B[2][2]                            0.140 
_refine.aniso_B[3][3]                            -0.220 
_refine.aniso_B[1][2]                            0.070 
_refine.aniso_B[1][3]                            0.000 
_refine.aniso_B[2][3]                            0.000 
_refine.correlation_coeff_Fo_to_Fc               0.943 
_refine.correlation_coeff_Fo_to_Fc_free          0.929 
_refine.pdbx_overall_ESU_R                       0.136 
_refine.pdbx_overall_ESU_R_Free                  0.131 
_refine.overall_SU_ML                            0.089 
_refine.overall_SU_B                             2.875 
_refine.solvent_model_details                    MASK 
_refine.pdbx_solvent_vdw_probe_radii             1.200 
_refine.pdbx_solvent_ion_probe_radii             0.800 
_refine.pdbx_solvent_shrinkage_radii             0.800 
_refine.pdbx_stereochemistry_target_values       'MAXIMUM LIKELIHOOD' 
_refine.pdbx_ls_sigma_I                          ? 
_refine.ls_number_reflns_all                     22951 
_refine.ls_R_factor_all                          0.206 
_refine.ls_redundancy_reflns_obs                 ? 
_refine.pdbx_data_cutoff_high_absF               ? 
_refine.pdbx_data_cutoff_low_absF                ? 
_refine.ls_number_parameters                     ? 
_refine.ls_number_restraints                     ? 
_refine.ls_R_factor_R_free_error                 ? 
_refine.ls_R_factor_R_free_error_details         ? 
_refine.pdbx_method_to_determine_struct          'MOLECULAR REPLACEMENT' 
_refine.pdbx_starting_model                      181L 
_refine.pdbx_stereochem_target_val_spec_case     ? 
_refine.solvent_model_param_bsol                 ? 
_refine.solvent_model_param_ksol                 ? 
_refine.occupancy_max                            ? 
_refine.occupancy_min                            ? 
_refine.pdbx_isotropic_thermal_model             ? 
_refine.B_iso_min                                ? 
_refine.B_iso_max                                ? 
_refine.overall_SU_R_Cruickshank_DPI             ? 
_refine.overall_SU_R_free                        ? 
_refine.pdbx_data_cutoff_high_rms_absF           ? 
_refine.ls_wR_factor_R_free                      ? 
_refine.ls_wR_factor_R_work                      ? 
_refine.overall_FOM_free_R_set                   ? 
_refine.overall_FOM_work_R_set                   ? 
_refine.pdbx_refine_id                           'X-RAY DIFFRACTION' 
_refine.pdbx_diffrn_id                           1 
_refine.pdbx_TLS_residual_ADP_flag               ? 
_refine.pdbx_overall_phase_error                 ? 
_refine.pdbx_overall_SU_R_free_Cruickshank_DPI   ? 
_refine.pdbx_overall_SU_R_Blow_DPI               ? 
_refine.pdbx_overall_SU_R_free_Blow_DPI          ? 
# 
_refine_hist.pdbx_refine_id                   'X-RAY DIFFRACTION' 
_refine_hist.cycle_id                         LAST 
_refine_hist.pdbx_number_atoms_protein        1295 
_refine_hist.pdbx_number_atoms_nucleic_acid   0 
_refine_hist.pdbx_number_atoms_ligand         35 
_refine_hist.number_atoms_solvent             237 
_refine_hist.number_atoms_total               1567 
_refine_hist.d_res_high                       1.830 
_refine_hist.d_res_low                        52.130 
# 
loop_
_refine_ls_restr.type 
_refine_ls_restr.number 
_refine_ls_restr.dev_ideal 
_refine_ls_restr.dev_ideal_target 
_refine_ls_restr.weight 
_refine_ls_restr.pdbx_refine_id 
_refine_ls_restr.pdbx_restraint_function 
r_bond_refined_d         1350 0.008  0.022  ? 'X-RAY DIFFRACTION' ? 
r_angle_refined_deg      1822 1.004  1.974  ? 'X-RAY DIFFRACTION' ? 
r_dihedral_angle_1_deg   167  4.822  5.000  ? 'X-RAY DIFFRACTION' ? 
r_dihedral_angle_2_deg   61   31.263 23.279 ? 'X-RAY DIFFRACTION' ? 
r_dihedral_angle_3_deg   243  11.112 15.000 ? 'X-RAY DIFFRACTION' ? 
r_dihedral_angle_4_deg   13   11.564 15.000 ? 'X-RAY DIFFRACTION' ? 
r_chiral_restr           200  0.065  0.200  ? 'X-RAY DIFFRACTION' ? 
r_gen_planes_refined     1000 0.003  0.020  ? 'X-RAY DIFFRACTION' ? 
r_nbd_refined            708  0.182  0.200  ? 'X-RAY DIFFRACTION' ? 
r_nbtor_refined          933  0.297  0.200  ? 'X-RAY DIFFRACTION' ? 
r_xyhbond_nbd_refined    186  0.114  0.200  ? 'X-RAY DIFFRACTION' ? 
r_symmetry_vdw_refined   45   0.161  0.200  ? 'X-RAY DIFFRACTION' ? 
r_symmetry_hbond_refined 23   0.100  0.200  ? 'X-RAY DIFFRACTION' ? 
r_mcbond_it              846  0.436  1.500  ? 'X-RAY DIFFRACTION' ? 
r_mcangle_it             1302 0.672  2.000  ? 'X-RAY DIFFRACTION' ? 
r_scbond_it              596  1.285  3.000  ? 'X-RAY DIFFRACTION' ? 
r_scangle_it             516  1.831  4.500  ? 'X-RAY DIFFRACTION' ? 
# 
_refine_ls_shell.d_res_high                       1.830 
_refine_ls_shell.d_res_low                        1.877 
_refine_ls_shell.pdbx_total_number_of_bins_used   20 
_refine_ls_shell.percent_reflns_obs               100.000 
_refine_ls_shell.number_reflns_R_work             1259 
_refine_ls_shell.R_factor_all                     ? 
_refine_ls_shell.R_factor_R_work                  0.27 
_refine_ls_shell.R_factor_R_free                  0.347 
_refine_ls_shell.percent_reflns_R_free            ? 
_refine_ls_shell.number_reflns_R_free             58 
_refine_ls_shell.R_factor_R_free_error            ? 
_refine_ls_shell.number_reflns_all                ? 
_refine_ls_shell.number_reflns_obs                1317 
_refine_ls_shell.redundancy_reflns_obs            ? 
_refine_ls_shell.pdbx_refine_id                   'X-RAY DIFFRACTION' 
# 
_struct.entry_id                  2OTY 
_struct.title                     '1,2-dichlorobenzene in complex with T4 Lysozyme L99A' 
_struct.pdbx_model_details        ? 
_struct.pdbx_CASP_flag            ? 
_struct.pdbx_model_type_details   ? 
# 
_struct_keywords.entry_id        2OTY 
_struct_keywords.pdbx_keywords   HYDROLASE 
_struct_keywords.text            'HYDROLASE, PROTEIN-LIGAND COMPLEX, MODEL SYSTEM' 
# 
loop_
_struct_asym.id 
_struct_asym.pdbx_blank_PDB_chainid_flag 
_struct_asym.pdbx_modified 
_struct_asym.entity_id 
_struct_asym.details 
A N N 1 ? 
B N N 2 ? 
C N N 2 ? 
D N N 2 ? 
E N N 3 ? 
F N N 4 ? 
G N N 5 ? 
# 
_struct_biol.id        1 
_struct_biol.details   ? 
# 
loop_
_struct_conf.conf_type_id 
_struct_conf.id 
_struct_conf.pdbx_PDB_helix_id 
_struct_conf.beg_label_comp_id 
_struct_conf.beg_label_asym_id 
_struct_conf.beg_label_seq_id 
_struct_conf.pdbx_beg_PDB_ins_code 
_struct_conf.end_label_comp_id 
_struct_conf.end_label_asym_id 
_struct_conf.end_label_seq_id 
_struct_conf.pdbx_end_PDB_ins_code 
_struct_conf.beg_auth_comp_id 
_struct_conf.beg_auth_asym_id 
_struct_conf.beg_auth_seq_id 
_struct_conf.end_auth_comp_id 
_struct_conf.end_auth_asym_id 
_struct_conf.end_auth_seq_id 
_struct_conf.pdbx_PDB_helix_class 
_struct_conf.details 
_struct_conf.pdbx_PDB_helix_length 
HELX_P HELX_P1  1  ASN A 2   ? GLY A 12  ? ASN X 2   GLY X 12  1 ? 11 
HELX_P HELX_P2  2  SER A 38  ? GLY A 51  ? SER X 38  GLY X 51  1 ? 14 
HELX_P HELX_P3  3  THR A 59  ? ASN A 81  ? THR X 59  ASN X 81  1 ? 23 
HELX_P HELX_P4  4  LEU A 84  ? LEU A 91  ? LEU X 84  LEU X 91  1 ? 8  
HELX_P HELX_P5  5  ASP A 92  ? ALA A 112 ? ASP X 92  ALA X 112 1 ? 21 
HELX_P HELX_P6  6  PHE A 114 ? GLN A 123 ? PHE X 114 GLN X 123 1 ? 10 
HELX_P HELX_P7  7  ARG A 125 ? ALA A 134 ? ARG X 125 ALA X 134 1 ? 10 
HELX_P HELX_P8  8  SER A 136 ? THR A 142 ? SER X 136 THR X 142 1 ? 7  
HELX_P HELX_P9  9  THR A 142 ? GLY A 156 ? THR X 142 GLY X 156 1 ? 15 
HELX_P HELX_P10 10 TRP A 158 ? LYS A 162 ? TRP X 158 LYS X 162 5 ? 5  
# 
_struct_conf_type.id          HELX_P 
_struct_conf_type.criteria    ? 
_struct_conf_type.reference   ? 
# 
_struct_sheet.id               A 
_struct_sheet.type             ? 
_struct_sheet.number_strands   3 
_struct_sheet.details          ? 
# 
loop_
_struct_sheet_order.sheet_id 
_struct_sheet_order.range_id_1 
_struct_sheet_order.range_id_2 
_struct_sheet_order.offset 
_struct_sheet_order.sense 
A 1 2 ? anti-parallel 
A 2 3 ? anti-parallel 
# 
loop_
_struct_sheet_range.sheet_id 
_struct_sheet_range.id 
_struct_sheet_range.beg_label_comp_id 
_struct_sheet_range.beg_label_asym_id 
_struct_sheet_range.beg_label_seq_id 
_struct_sheet_range.pdbx_beg_PDB_ins_code 
_struct_sheet_range.end_label_comp_id 
_struct_sheet_range.end_label_asym_id 
_struct_sheet_range.end_label_seq_id 
_struct_sheet_range.pdbx_end_PDB_ins_code 
_struct_sheet_range.beg_auth_comp_id 
_struct_sheet_range.beg_auth_asym_id 
_struct_sheet_range.beg_auth_seq_id 
_struct_sheet_range.end_auth_comp_id 
_struct_sheet_range.end_auth_asym_id 
_struct_sheet_range.end_auth_seq_id 
A 1 ARG A 14 ? LYS A 19 ? ARG X 14 LYS X 19 
A 2 TYR A 25 ? GLY A 28 ? TYR X 25 GLY X 28 
A 3 HIS A 31 ? LEU A 32 ? HIS X 31 LEU X 32 
# 
loop_
_pdbx_struct_sheet_hbond.sheet_id 
_pdbx_struct_sheet_hbond.range_id_1 
_pdbx_struct_sheet_hbond.range_id_2 
_pdbx_struct_sheet_hbond.range_1_label_atom_id 
_pdbx_struct_sheet_hbond.range_1_label_comp_id 
_pdbx_struct_sheet_hbond.range_1_label_asym_id 
_pdbx_struct_sheet_hbond.range_1_label_seq_id 
_pdbx_struct_sheet_hbond.range_1_PDB_ins_code 
_pdbx_struct_sheet_hbond.range_1_auth_atom_id 
_pdbx_struct_sheet_hbond.range_1_auth_comp_id 
_pdbx_struct_sheet_hbond.range_1_auth_asym_id 
_pdbx_struct_sheet_hbond.range_1_auth_seq_id 
_pdbx_struct_sheet_hbond.range_2_label_atom_id 
_pdbx_struct_sheet_hbond.range_2_label_comp_id 
_pdbx_struct_sheet_hbond.range_2_label_asym_id 
_pdbx_struct_sheet_hbond.range_2_label_seq_id 
_pdbx_struct_sheet_hbond.range_2_PDB_ins_code 
_pdbx_struct_sheet_hbond.range_2_auth_atom_id 
_pdbx_struct_sheet_hbond.range_2_auth_comp_id 
_pdbx_struct_sheet_hbond.range_2_auth_asym_id 
_pdbx_struct_sheet_hbond.range_2_auth_seq_id 
A 1 2 N TYR A 18 ? N TYR X 18 O THR A 26 ? O THR X 26 
A 2 3 N ILE A 27 ? N ILE X 27 O HIS A 31 ? O HIS X 31 
# 
loop_
_struct_site.id 
_struct_site.pdbx_evidence_code 
_struct_site.pdbx_auth_asym_id 
_struct_site.pdbx_auth_comp_id 
_struct_site.pdbx_auth_seq_id 
_struct_site.pdbx_auth_ins_code 
_struct_site.pdbx_num_residues 
_struct_site.details 
AC1 Software X PO4 301 ? 9  'BINDING SITE FOR RESIDUE PO4 X 301' 
AC2 Software X PO4 302 ? 5  'BINDING SITE FOR RESIDUE PO4 X 302' 
AC3 Software X PO4 303 ? 5  'BINDING SITE FOR RESIDUE PO4 X 303' 
AC4 Software X BME 304 ? 5  'BINDING SITE FOR RESIDUE BME X 304' 
AC5 Software X YAN 305 ? 12 'BINDING SITE FOR RESIDUE YAN X 305' 
# 
loop_
_struct_site_gen.id 
_struct_site_gen.site_id 
_struct_site_gen.pdbx_num_res 
_struct_site_gen.label_comp_id 
_struct_site_gen.label_asym_id 
_struct_site_gen.label_seq_id 
_struct_site_gen.pdbx_auth_ins_code 
_struct_site_gen.auth_comp_id 
_struct_site_gen.auth_asym_id 
_struct_site_gen.auth_seq_id 
_struct_site_gen.label_atom_id 
_struct_site_gen.label_alt_id 
_struct_site_gen.symmetry 
_struct_site_gen.details 
1  AC1 9  ARG A 14  ? ARG X 14  . ? 1_555 ? 
2  AC1 9  LYS A 19  ? LYS X 19  . ? 1_555 ? 
3  AC1 9  ARG A 125 ? ARG X 125 . ? 4_455 ? 
4  AC1 9  TRP A 126 ? TRP X 126 . ? 4_455 ? 
5  AC1 9  ASP A 127 ? ASP X 127 . ? 4_455 ? 
6  AC1 9  GLU A 128 ? GLU X 128 . ? 4_455 ? 
7  AC1 9  HOH G .   ? HOH X 334 . ? 4_455 ? 
8  AC1 9  HOH G .   ? HOH X 463 . ? 1_555 ? 
9  AC1 9  HOH G .   ? HOH X 513 . ? 1_555 ? 
10 AC2 5  ASN A 144 ? ASN X 144 . ? 1_555 ? 
11 AC2 5  ARG A 148 ? ARG X 148 . ? 1_555 ? 
12 AC2 5  HOH G .   ? HOH X 332 . ? 4_455 ? 
13 AC2 5  HOH G .   ? HOH X 506 . ? 1_555 ? 
14 AC2 5  HOH G .   ? HOH X 519 . ? 1_555 ? 
15 AC3 5  ARG A 76  ? ARG X 76  . ? 1_555 ? 
16 AC3 5  ARG A 80  ? ARG X 80  . ? 1_555 ? 
17 AC3 5  LYS A 85  ? LYS X 85  . ? 6_554 ? 
18 AC3 5  HOH G .   ? HOH X 471 . ? 1_555 ? 
19 AC3 5  HOH G .   ? HOH X 534 . ? 1_555 ? 
20 AC4 5  ASP A 72  ? ASP X 72  . ? 1_555 ? 
21 AC4 5  VAL A 75  ? VAL X 75  . ? 6_554 ? 
22 AC4 5  VAL A 75  ? VAL X 75  . ? 1_555 ? 
23 AC4 5  LEU A 79  ? LEU X 79  . ? 1_555 ? 
24 AC4 5  TYR A 88  ? TYR X 88  . ? 6_554 ? 
25 AC5 12 ILE A 78  ? ILE X 78  . ? 1_555 ? 
26 AC5 12 LEU A 84  ? LEU X 84  . ? 1_555 ? 
27 AC5 12 VAL A 87  ? VAL X 87  . ? 1_555 ? 
28 AC5 12 TYR A 88  ? TYR X 88  . ? 1_555 ? 
29 AC5 12 LEU A 91  ? LEU X 91  . ? 1_555 ? 
30 AC5 12 ALA A 99  ? ALA X 99  . ? 1_555 ? 
31 AC5 12 MET A 102 ? MET X 102 . ? 1_555 ? 
32 AC5 12 VAL A 103 ? VAL X 103 . ? 1_555 ? 
33 AC5 12 VAL A 111 ? VAL X 111 . ? 1_555 ? 
34 AC5 12 LEU A 118 ? LEU X 118 . ? 1_555 ? 
35 AC5 12 LEU A 121 ? LEU X 121 . ? 1_555 ? 
36 AC5 12 PHE A 153 ? PHE X 153 . ? 1_555 ? 
# 
_atom_sites.entry_id                    2OTY 
_atom_sites.fract_transf_matrix[1][1]   0.00072663 
_atom_sites.fract_transf_matrix[1][2]   0.01739813 
_atom_sites.fract_transf_matrix[1][3]   -0.00803646 
_atom_sites.fract_transf_matrix[2][1]   0.00497814 
_atom_sites.fract_transf_matrix[2][2]   0.01522999 
_atom_sites.fract_transf_matrix[2][3]   0.01053856 
_atom_sites.fract_transf_matrix[3][1]   0.00989247 
_atom_sites.fract_transf_matrix[3][2]   -0.00154218 
_atom_sites.fract_transf_matrix[3][3]   -0.00244423 
_atom_sites.fract_transf_vector[1]      -0.218652 
_atom_sites.fract_transf_vector[2]      0.319793 
_atom_sites.fract_transf_vector[3]      -0.099661 
# 
loop_
_atom_type.symbol 
C  
CL 
N  
O  
P  
S  
# 
loop_
_atom_site.group_PDB 
_atom_site.id 
_atom_site.type_symbol 
_atom_site.label_atom_id 
_atom_site.label_alt_id 
_atom_site.label_comp_id 
_atom_site.label_asym_id 
_atom_site.label_entity_id 
_atom_site.label_seq_id 
_atom_site.pdbx_PDB_ins_code 
_atom_site.Cartn_x 
_atom_site.Cartn_y 
_atom_site.Cartn_z 
_atom_site.occupancy 
_atom_site.B_iso_or_equiv 
_atom_site.pdbx_formal_charge 
_atom_site.auth_seq_id 
_atom_site.auth_comp_id 
_atom_site.auth_asym_id 
_atom_site.auth_atom_id 
_atom_site.pdbx_PDB_model_num 
ATOM   1    N  N   . MET A 1 1   ? -1.597  9.418   -14.237 1.00 14.60 ? 1   MET X N   1 
ATOM   2    C  CA  A MET A 1 1   ? -1.335  8.541   -13.061 0.50 14.01 ? 1   MET X CA  1 
ATOM   3    C  CA  B MET A 1 1   ? -1.315  8.544   -13.056 0.50 14.37 ? 1   MET X CA  1 
ATOM   4    C  C   . MET A 1 1   ? -1.391  9.308   -11.732 1.00 14.06 ? 1   MET X C   1 
ATOM   5    O  O   . MET A 1 1   ? -1.051  10.496  -11.660 1.00 14.14 ? 1   MET X O   1 
ATOM   6    C  CB  A MET A 1 1   ? 0.017   7.840   -13.236 0.50 14.39 ? 1   MET X CB  1 
ATOM   7    C  CB  B MET A 1 1   ? 0.059   7.870   -13.191 0.50 14.99 ? 1   MET X CB  1 
ATOM   8    C  CG  A MET A 1 1   ? 0.326   6.749   -12.222 0.50 13.70 ? 1   MET X CG  1 
ATOM   9    C  CG  B MET A 1 1   ? 0.118   6.664   -14.141 0.50 15.64 ? 1   MET X CG  1 
ATOM   10   S  SD  A MET A 1 1   ? -0.789  5.340   -12.179 0.50 13.50 ? 1   MET X SD  1 
ATOM   11   S  SD  B MET A 1 1   ? -1.045  5.336   -13.733 0.50 19.41 ? 1   MET X SD  1 
ATOM   12   C  CE  A MET A 1 1   ? -0.604  4.690   -13.839 0.50 15.17 ? 1   MET X CE  1 
ATOM   13   C  CE  B MET A 1 1   ? -0.507  4.887   -12.084 0.50 18.16 ? 1   MET X CE  1 
ATOM   14   N  N   . ASN A 1 2   ? -1.843  8.618   -10.687 1.00 13.36 ? 2   ASN X N   1 
ATOM   15   C  CA  . ASN A 1 2   ? -1.903  9.145   -9.318  1.00 12.56 ? 2   ASN X CA  1 
ATOM   16   C  C   . ASN A 1 2   ? -1.949  7.958   -8.345  1.00 11.97 ? 2   ASN X C   1 
ATOM   17   O  O   . ASN A 1 2   ? -1.977  6.809   -8.790  1.00 11.16 ? 2   ASN X O   1 
ATOM   18   C  CB  . ASN A 1 2   ? -3.121  10.071  -9.134  1.00 12.92 ? 2   ASN X CB  1 
ATOM   19   C  CG  . ASN A 1 2   ? -4.439  9.378   -9.439  1.00 12.73 ? 2   ASN X CG  1 
ATOM   20   O  OD1 . ASN A 1 2   ? -4.752  8.333   -8.872  1.00 11.54 ? 2   ASN X OD1 1 
ATOM   21   N  ND2 . ASN A 1 2   ? -5.222  9.963   -10.343 1.00 12.58 ? 2   ASN X ND2 1 
ATOM   22   N  N   . ILE A 1 3   ? -1.965  8.235   -7.039  1.00 11.52 ? 3   ILE X N   1 
ATOM   23   C  CA  . ILE A 1 3   ? -1.953  7.182   -6.009  1.00 11.19 ? 3   ILE X CA  1 
ATOM   24   C  C   . ILE A 1 3   ? -3.120  6.177   -6.126  1.00 11.18 ? 3   ILE X C   1 
ATOM   25   O  O   . ILE A 1 3   ? -2.953  4.987   -5.851  1.00 10.91 ? 3   ILE X O   1 
ATOM   26   C  CB  . ILE A 1 3   ? -1.838  7.771   -4.555  1.00 11.18 ? 3   ILE X CB  1 
ATOM   27   C  CG1 . ILE A 1 3   ? -1.689  6.664   -3.492  1.00 11.55 ? 3   ILE X CG1 1 
ATOM   28   C  CG2 . ILE A 1 3   ? -3.029  8.681   -4.216  1.00 10.41 ? 3   ILE X CG2 1 
ATOM   29   C  CD1 . ILE A 1 3   ? -0.521  5.696   -3.710  1.00 11.37 ? 3   ILE X CD1 1 
ATOM   30   N  N   . PHE A 1 4   ? -4.291  6.654   -6.541  1.00 11.15 ? 4   PHE X N   1 
ATOM   31   C  CA  . PHE A 1 4   ? -5.429  5.753   -6.719  1.00 11.22 ? 4   PHE X CA  1 
ATOM   32   C  C   . PHE A 1 4   ? -5.194  4.802   -7.885  1.00 11.13 ? 4   PHE X C   1 
ATOM   33   O  O   . PHE A 1 4   ? -5.360  3.592   -7.745  1.00 10.69 ? 4   PHE X O   1 
ATOM   34   C  CB  . PHE A 1 4   ? -6.732  6.536   -6.900  1.00 11.43 ? 4   PHE X CB  1 
ATOM   35   C  CG  . PHE A 1 4   ? -7.212  7.195   -5.645  1.00 11.42 ? 4   PHE X CG  1 
ATOM   36   C  CD1 . PHE A 1 4   ? -8.073  6.529   -4.775  1.00 12.77 ? 4   PHE X CD1 1 
ATOM   37   C  CD2 . PHE A 1 4   ? -6.804  8.483   -5.325  1.00 11.94 ? 4   PHE X CD2 1 
ATOM   38   C  CE1 . PHE A 1 4   ? -8.522  7.148   -3.599  1.00 14.43 ? 4   PHE X CE1 1 
ATOM   39   C  CE2 . PHE A 1 4   ? -7.247  9.109   -4.152  1.00 13.41 ? 4   PHE X CE2 1 
ATOM   40   C  CZ  . PHE A 1 4   ? -8.108  8.442   -3.297  1.00 14.15 ? 4   PHE X CZ  1 
ATOM   41   N  N   . GLU A 1 5   ? -4.782  5.354   -9.026  1.00 11.26 ? 5   GLU X N   1 
ATOM   42   C  CA  . GLU A 1 5   ? -4.537  4.550   -10.221 1.00 11.82 ? 5   GLU X CA  1 
ATOM   43   C  C   . GLU A 1 5   ? -3.379  3.579   -9.986  1.00 11.29 ? 5   GLU X C   1 
ATOM   44   O  O   . GLU A 1 5   ? -3.416  2.440   -10.464 1.00 11.41 ? 5   GLU X O   1 
ATOM   45   C  CB  . GLU A 1 5   ? -4.259  5.438   -11.436 1.00 11.74 ? 5   GLU X CB  1 
ATOM   46   C  CG  . GLU A 1 5   ? -5.465  6.276   -11.891 1.00 12.94 ? 5   GLU X CG  1 
ATOM   47   C  CD  . GLU A 1 5   ? -5.215  7.036   -13.178 1.00 14.00 ? 5   GLU X CD  1 
ATOM   48   O  OE1 . GLU A 1 5   ? -4.183  6.785   -13.838 1.00 16.95 ? 5   GLU X OE1 1 
ATOM   49   O  OE2 . GLU A 1 5   ? -6.065  7.872   -13.547 1.00 18.02 ? 5   GLU X OE2 1 
ATOM   50   N  N   . MET A 1 6   ? -2.375  4.047   -9.241  1.00 11.13 ? 6   MET X N   1 
ATOM   51   C  CA  . MET A 1 6   ? -1.167  3.285   -8.917  1.00 10.87 ? 6   MET X CA  1 
ATOM   52   C  C   . MET A 1 6   ? -1.514  2.051   -8.092  1.00 10.87 ? 6   MET X C   1 
ATOM   53   O  O   . MET A 1 6   ? -1.192  0.923   -8.480  1.00 10.44 ? 6   MET X O   1 
ATOM   54   C  CB  . MET A 1 6   ? -0.171  4.174   -8.162  1.00 10.97 ? 6   MET X CB  1 
ATOM   55   C  CG  . MET A 1 6   ? 1.204   3.559   -7.907  1.00 11.42 ? 6   MET X CG  1 
ATOM   56   S  SD  . MET A 1 6   ? 2.018   4.456   -6.574  1.00 10.89 ? 6   MET X SD  1 
ATOM   57   C  CE  . MET A 1 6   ? 3.731   3.946   -6.759  1.00 10.38 ? 6   MET X CE  1 
ATOM   58   N  N   . LEU A 1 7   ? -2.178  2.270   -6.958  1.00 10.85 ? 7   LEU X N   1 
ATOM   59   C  CA  . LEU A 1 7   ? -2.616  1.165   -6.111  1.00 11.05 ? 7   LEU X CA  1 
ATOM   60   C  C   . LEU A 1 7   ? -3.630  0.236   -6.796  1.00 11.17 ? 7   LEU X C   1 
ATOM   61   O  O   . LEU A 1 7   ? -3.627  -0.972  -6.551  1.00 11.25 ? 7   LEU X O   1 
ATOM   62   C  CB  . LEU A 1 7   ? -3.144  1.674   -4.768  1.00 10.72 ? 7   LEU X CB  1 
ATOM   63   C  CG  . LEU A 1 7   ? -2.054  2.015   -3.746  1.00 11.22 ? 7   LEU X CG  1 
ATOM   64   C  CD1 . LEU A 1 7   ? -2.637  2.843   -2.598  1.00 11.65 ? 7   LEU X CD1 1 
ATOM   65   C  CD2 . LEU A 1 7   ? -1.379  0.735   -3.226  1.00 10.50 ? 7   LEU X CD2 1 
ATOM   66   N  N   . ARG A 1 8   ? -4.486  0.787   -7.652  1.00 11.03 ? 8   ARG X N   1 
ATOM   67   C  CA  . ARG A 1 8   ? -5.436  -0.041  -8.398  1.00 11.08 ? 8   ARG X CA  1 
ATOM   68   C  C   . ARG A 1 8   ? -4.707  -1.057  -9.304  1.00 11.01 ? 8   ARG X C   1 
ATOM   69   O  O   . ARG A 1 8   ? -5.110  -2.216  -9.397  1.00 11.09 ? 8   ARG X O   1 
ATOM   70   C  CB  . ARG A 1 8   ? -6.426  0.832   -9.182  1.00 11.43 ? 8   ARG X CB  1 
ATOM   71   C  CG  . ARG A 1 8   ? -7.346  0.074   -10.128 1.00 12.51 ? 8   ARG X CG  1 
ATOM   72   C  CD  . ARG A 1 8   ? -8.275  -0.930  -9.420  1.00 14.89 ? 8   ARG X CD  1 
ATOM   73   N  NE  . ARG A 1 8   ? -9.050  -1.691  -10.405 1.00 16.44 ? 8   ARG X NE  1 
ATOM   74   C  CZ  . ARG A 1 8   ? -8.579  -2.720  -11.106 1.00 17.10 ? 8   ARG X CZ  1 
ATOM   75   N  NH1 . ARG A 1 8   ? -7.333  -3.150  -10.933 1.00 18.06 ? 8   ARG X NH1 1 
ATOM   76   N  NH2 . ARG A 1 8   ? -9.363  -3.330  -11.983 1.00 18.99 ? 8   ARG X NH2 1 
ATOM   77   N  N   . ILE A 1 9   ? -3.624  -0.623  -9.949  1.00 10.61 ? 9   ILE X N   1 
ATOM   78   C  CA  . ILE A 1 9   ? -2.752  -1.539  -10.700 1.00 10.16 ? 9   ILE X CA  1 
ATOM   79   C  C   . ILE A 1 9   ? -2.076  -2.574  -9.780  1.00 9.78  ? 9   ILE X C   1 
ATOM   80   O  O   . ILE A 1 9   ? -2.123  -3.781  -10.051 1.00 8.99  ? 9   ILE X O   1 
ATOM   81   C  CB  . ILE A 1 9   ? -1.701  -0.748  -11.534 1.00 10.16 ? 9   ILE X CB  1 
ATOM   82   C  CG1 . ILE A 1 9   ? -2.386  -0.053  -12.717 1.00 10.20 ? 9   ILE X CG1 1 
ATOM   83   C  CG2 . ILE A 1 9   ? -0.560  -1.657  -12.004 1.00 10.66 ? 9   ILE X CG2 1 
ATOM   84   C  CD1 . ILE A 1 9   ? -1.579  1.104   -13.299 1.00 10.32 ? 9   ILE X CD1 1 
ATOM   85   N  N   . ASP A 1 10  ? -1.470  -2.105  -8.689  1.00 9.73  ? 10  ASP X N   1 
ATOM   86   C  CA  . ASP A 1 10  ? -0.719  -2.994  -7.793  1.00 10.14 ? 10  ASP X CA  1 
ATOM   87   C  C   . ASP A 1 10  ? -1.585  -3.965  -6.990  1.00 10.39 ? 10  ASP X C   1 
ATOM   88   O  O   . ASP A 1 10  ? -1.126  -5.053  -6.630  1.00 10.73 ? 10  ASP X O   1 
ATOM   89   C  CB  . ASP A 1 10  ? 0.170   -2.195  -6.837  1.00 9.90  ? 10  ASP X CB  1 
ATOM   90   C  CG  . ASP A 1 10  ? 1.365   -1.574  -7.534  1.00 10.43 ? 10  ASP X CG  1 
ATOM   91   O  OD1 . ASP A 1 10  ? 1.773   -2.087  -8.600  1.00 10.01 ? 10  ASP X OD1 1 
ATOM   92   O  OD2 . ASP A 1 10  ? 1.895   -0.578  -7.007  1.00 10.42 ? 10  ASP X OD2 1 
ATOM   93   N  N   . GLU A 1 11  ? -2.824  -3.567  -6.713  1.00 10.31 ? 11  GLU X N   1 
ATOM   94   C  CA  . GLU A 1 11  ? -3.699  -4.345  -5.835  1.00 10.59 ? 11  GLU X CA  1 
ATOM   95   C  C   . GLU A 1 11  ? -4.754  -5.158  -6.571  1.00 10.52 ? 11  GLU X C   1 
ATOM   96   O  O   . GLU A 1 11  ? -5.218  -6.180  -6.061  1.00 10.35 ? 11  GLU X O   1 
ATOM   97   C  CB  . GLU A 1 11  ? -4.358  -3.438  -4.781  1.00 10.47 ? 11  GLU X CB  1 
ATOM   98   C  CG  . GLU A 1 11  ? -3.384  -2.838  -3.759  1.00 11.17 ? 11  GLU X CG  1 
ATOM   99   C  CD  . GLU A 1 11  ? -2.688  -3.876  -2.882  1.00 12.43 ? 11  GLU X CD  1 
ATOM   100  O  OE1 . GLU A 1 11  ? -3.000  -5.085  -2.986  1.00 13.39 ? 11  GLU X OE1 1 
ATOM   101  O  OE2 . GLU A 1 11  ? -1.821  -3.484  -2.078  1.00 14.03 ? 11  GLU X OE2 1 
ATOM   102  N  N   . GLY A 1 12  ? -5.136  -4.707  -7.763  1.00 11.17 ? 12  GLY X N   1 
ATOM   103  C  CA  . GLY A 1 12  ? -6.215  -5.351  -8.514  1.00 11.45 ? 12  GLY X CA  1 
ATOM   104  C  C   . GLY A 1 12  ? -7.582  -5.027  -7.932  1.00 12.08 ? 12  GLY X C   1 
ATOM   105  O  O   . GLY A 1 12  ? -7.712  -4.173  -7.050  1.00 11.77 ? 12  GLY X O   1 
ATOM   106  N  N   . LEU A 1 13  ? -8.611  -5.697  -8.444  1.00 12.47 ? 13  LEU X N   1 
ATOM   107  C  CA  . LEU A 1 13  ? -9.966  -5.535  -7.932  1.00 12.74 ? 13  LEU X CA  1 
ATOM   108  C  C   . LEU A 1 13  ? -10.678 -6.873  -7.974  1.00 12.60 ? 13  LEU X C   1 
ATOM   109  O  O   . LEU A 1 13  ? -10.822 -7.488  -9.045  1.00 11.92 ? 13  LEU X O   1 
ATOM   110  C  CB  . LEU A 1 13  ? -10.731 -4.453  -8.721  1.00 12.83 ? 13  LEU X CB  1 
ATOM   111  C  CG  . LEU A 1 13  ? -12.250 -4.262  -8.583  1.00 13.16 ? 13  LEU X CG  1 
ATOM   112  C  CD1 . LEU A 1 13  ? -12.661 -3.951  -7.150  1.00 15.91 ? 13  LEU X CD1 1 
ATOM   113  C  CD2 . LEU A 1 13  ? -12.707 -3.139  -9.522  1.00 14.09 ? 13  LEU X CD2 1 
ATOM   114  N  N   . ARG A 1 14  ? -11.091 -7.333  -6.796  1.00 12.70 ? 14  ARG X N   1 
ATOM   115  C  CA  . ARG A 1 14  ? -11.827 -8.587  -6.663  1.00 13.76 ? 14  ARG X CA  1 
ATOM   116  C  C   . ARG A 1 14  ? -13.005 -8.395  -5.711  1.00 13.51 ? 14  ARG X C   1 
ATOM   117  O  O   . ARG A 1 14  ? -12.847 -7.853  -4.619  1.00 14.07 ? 14  ARG X O   1 
ATOM   118  C  CB  . ARG A 1 14  ? -10.905 -9.720  -6.185  1.00 13.27 ? 14  ARG X CB  1 
ATOM   119  C  CG  . ARG A 1 14  ? -9.708  -9.984  -7.125  1.00 14.62 ? 14  ARG X CG  1 
ATOM   120  C  CD  . ARG A 1 14  ? -8.847  -11.147 -6.661  1.00 15.51 ? 14  ARG X CD  1 
ATOM   121  N  NE  . ARG A 1 14  ? -9.507  -12.431 -6.890  1.00 18.72 ? 14  ARG X NE  1 
ATOM   122  C  CZ  . ARG A 1 14  ? -8.992  -13.621 -6.575  1.00 20.21 ? 14  ARG X CZ  1 
ATOM   123  N  NH1 . ARG A 1 14  ? -7.796  -13.716 -6.006  1.00 19.80 ? 14  ARG X NH1 1 
ATOM   124  N  NH2 . ARG A 1 14  ? -9.689  -14.721 -6.824  1.00 21.67 ? 14  ARG X NH2 1 
ATOM   125  N  N   . LEU A 1 15  ? -14.182 -8.848  -6.132  1.00 13.50 ? 15  LEU X N   1 
ATOM   126  C  CA  . LEU A 1 15  ? -15.424 -8.558  -5.417  1.00 13.41 ? 15  LEU X CA  1 
ATOM   127  C  C   . LEU A 1 15  ? -15.828 -9.644  -4.417  1.00 13.47 ? 15  LEU X C   1 
ATOM   128  O  O   . LEU A 1 15  ? -16.789 -9.470  -3.664  1.00 13.82 ? 15  LEU X O   1 
ATOM   129  C  CB  . LEU A 1 15  ? -16.551 -8.264  -6.422  1.00 13.26 ? 15  LEU X CB  1 
ATOM   130  C  CG  . LEU A 1 15  ? -16.313 -7.065  -7.345  1.00 13.52 ? 15  LEU X CG  1 
ATOM   131  C  CD1 . LEU A 1 15  ? -17.530 -6.792  -8.236  1.00 14.62 ? 15  LEU X CD1 1 
ATOM   132  C  CD2 . LEU A 1 15  ? -15.931 -5.817  -6.539  1.00 13.95 ? 15  LEU X CD2 1 
ATOM   133  N  N   . LYS A 1 16  ? -15.088 -10.752 -4.417  1.00 13.20 ? 16  LYS X N   1 
ATOM   134  C  CA  . LYS A 1 16  ? -15.266 -11.831 -3.442  1.00 13.52 ? 16  LYS X CA  1 
ATOM   135  C  C   . LYS A 1 16  ? -14.044 -11.903 -2.541  1.00 13.31 ? 16  LYS X C   1 
ATOM   136  O  O   . LYS A 1 16  ? -12.930 -11.588 -2.976  1.00 13.59 ? 16  LYS X O   1 
ATOM   137  C  CB  . LYS A 1 16  ? -15.432 -13.180 -4.151  1.00 13.75 ? 16  LYS X CB  1 
ATOM   138  C  CG  . LYS A 1 16  ? -16.684 -13.309 -5.000  1.00 14.96 ? 16  LYS X CG  1 
ATOM   139  C  CD  . LYS A 1 16  ? -16.621 -14.583 -5.844  1.00 16.91 ? 16  LYS X CD  1 
ATOM   140  N  N   . ILE A 1 17  ? -14.247 -12.331 -1.298  1.00 12.94 ? 17  ILE X N   1 
ATOM   141  C  CA  . ILE A 1 17  ? -13.136 -12.553 -0.378  1.00 12.56 ? 17  ILE X CA  1 
ATOM   142  C  C   . ILE A 1 17  ? -12.089 -13.477 -1.020  1.00 12.71 ? 17  ILE X C   1 
ATOM   143  O  O   . ILE A 1 17  ? -12.415 -14.549 -1.540  1.00 12.84 ? 17  ILE X O   1 
ATOM   144  C  CB  . ILE A 1 17  ? -13.602 -13.107 0.994   1.00 12.60 ? 17  ILE X CB  1 
ATOM   145  C  CG1 . ILE A 1 17  ? -14.495 -12.081 1.712   1.00 12.59 ? 17  ILE X CG1 1 
ATOM   146  C  CG2 . ILE A 1 17  ? -12.405 -13.462 1.870   1.00 11.93 ? 17  ILE X CG2 1 
ATOM   147  C  CD1 . ILE A 1 17  ? -15.218 -12.639 2.933   1.00 12.81 ? 17  ILE X CD1 1 
ATOM   148  N  N   . TYR A 1 18  ? -10.843 -13.013 -1.015  1.00 12.57 ? 18  TYR X N   1 
ATOM   149  C  CA  . TYR A 1 18  ? -9.704  -13.781 -1.522  1.00 12.49 ? 18  TYR X CA  1 
ATOM   150  C  C   . TYR A 1 18  ? -8.559  -13.657 -0.519  1.00 11.91 ? 18  TYR X C   1 
ATOM   151  O  O   . TYR A 1 18  ? -8.631  -12.845 0.401   1.00 12.17 ? 18  TYR X O   1 
ATOM   152  C  CB  . TYR A 1 18  ? -9.276  -13.264 -2.906  1.00 12.68 ? 18  TYR X CB  1 
ATOM   153  C  CG  . TYR A 1 18  ? -8.703  -11.853 -2.922  1.00 13.02 ? 18  TYR X CG  1 
ATOM   154  C  CD1 . TYR A 1 18  ? -9.540  -10.730 -2.943  1.00 13.56 ? 18  TYR X CD1 1 
ATOM   155  C  CD2 . TYR A 1 18  ? -7.317  -11.641 -2.932  1.00 14.14 ? 18  TYR X CD2 1 
ATOM   156  C  CE1 . TYR A 1 18  ? -9.017  -9.438  -2.958  1.00 13.70 ? 18  TYR X CE1 1 
ATOM   157  C  CE2 . TYR A 1 18  ? -6.780  -10.344 -2.950  1.00 14.12 ? 18  TYR X CE2 1 
ATOM   158  C  CZ  . TYR A 1 18  ? -7.634  -9.255  -2.964  1.00 14.78 ? 18  TYR X CZ  1 
ATOM   159  O  OH  . TYR A 1 18  ? -7.110  -7.986  -2.979  1.00 13.72 ? 18  TYR X OH  1 
ATOM   160  N  N   . LYS A 1 19  ? -7.514  -14.462 -0.693  1.00 11.67 ? 19  LYS X N   1 
ATOM   161  C  CA  . LYS A 1 19  ? -6.326  -14.359 0.148   1.00 11.40 ? 19  LYS X CA  1 
ATOM   162  C  C   . LYS A 1 19  ? -5.259  -13.527 -0.566  1.00 11.26 ? 19  LYS X C   1 
ATOM   163  O  O   . LYS A 1 19  ? -4.990  -13.720 -1.760  1.00 11.36 ? 19  LYS X O   1 
ATOM   164  C  CB  . LYS A 1 19  ? -5.780  -15.742 0.533   1.00 11.58 ? 19  LYS X CB  1 
ATOM   165  C  CG  . LYS A 1 19  ? -6.721  -16.571 1.415   1.00 11.22 ? 19  LYS X CG  1 
ATOM   166  C  CD  . LYS A 1 19  ? -6.056  -17.874 1.830   1.00 12.03 ? 19  LYS X CD  1 
ATOM   167  C  CE  . LYS A 1 19  ? -6.909  -18.662 2.824   1.00 13.24 ? 19  LYS X CE  1 
ATOM   168  N  NZ  . LYS A 1 19  ? -6.251  -19.960 3.156   1.00 12.85 ? 19  LYS X NZ  1 
ATOM   169  N  N   . ASP A 1 20  ? -4.663  -12.589 0.160   1.00 11.21 ? 20  ASP X N   1 
ATOM   170  C  CA  . ASP A 1 20  ? -3.612  -11.752 -0.412  1.00 11.33 ? 20  ASP X CA  1 
ATOM   171  C  C   . ASP A 1 20  ? -2.302  -12.544 -0.552  1.00 11.29 ? 20  ASP X C   1 
ATOM   172  O  O   . ASP A 1 20  ? -2.293  -13.775 -0.370  1.00 10.83 ? 20  ASP X O   1 
ATOM   173  C  CB  . ASP A 1 20  ? -3.440  -10.445 0.387   1.00 11.37 ? 20  ASP X CB  1 
ATOM   174  C  CG  . ASP A 1 20  ? -2.844  -10.656 1.778   1.00 11.82 ? 20  ASP X CG  1 
ATOM   175  O  OD1 . ASP A 1 20  ? -2.337  -11.754 2.098   1.00 10.85 ? 20  ASP X OD1 1 
ATOM   176  O  OD2 . ASP A 1 20  ? -2.883  -9.694  2.571   1.00 12.88 ? 20  ASP X OD2 1 
ATOM   177  N  N   . THR A 1 21  ? -1.214  -11.845 -0.878  1.00 11.37 ? 21  THR X N   1 
ATOM   178  C  CA  . THR A 1 21  ? 0.077   -12.486 -1.155  1.00 11.88 ? 21  THR X CA  1 
ATOM   179  C  C   . THR A 1 21  ? 0.628   -13.173 0.095   1.00 11.90 ? 21  THR X C   1 
ATOM   180  O  O   . THR A 1 21  ? 1.429   -14.109 0.004   1.00 12.20 ? 21  THR X O   1 
ATOM   181  C  CB  . THR A 1 21  ? 1.139   -11.475 -1.698  1.00 11.93 ? 21  THR X CB  1 
ATOM   182  O  OG1 . THR A 1 21  ? 1.464   -10.511 -0.689  1.00 12.04 ? 21  THR X OG1 1 
ATOM   183  C  CG2 . THR A 1 21  ? 0.641   -10.751 -2.949  1.00 12.59 ? 21  THR X CG2 1 
ATOM   184  N  N   . GLU A 1 22  ? 0.179   -12.717 1.262   1.00 12.30 ? 22  GLU X N   1 
ATOM   185  C  CA  . GLU A 1 22  ? 0.610   -13.284 2.545   1.00 12.28 ? 22  GLU X CA  1 
ATOM   186  C  C   . GLU A 1 22  ? -0.353  -14.344 3.092   1.00 12.19 ? 22  GLU X C   1 
ATOM   187  O  O   . GLU A 1 22  ? -0.128  -14.891 4.174   1.00 12.34 ? 22  GLU X O   1 
ATOM   188  C  CB  . GLU A 1 22  ? 0.832   -12.171 3.571   1.00 12.82 ? 22  GLU X CB  1 
ATOM   189  C  CG  . GLU A 1 22  ? 1.910   -11.154 3.170   1.00 14.27 ? 22  GLU X CG  1 
ATOM   190  C  CD  . GLU A 1 22  ? 3.326   -11.723 3.213   1.00 17.44 ? 22  GLU X CD  1 
ATOM   191  O  OE1 . GLU A 1 22  ? 3.527   -12.830 3.754   1.00 18.18 ? 22  GLU X OE1 1 
ATOM   192  O  OE2 . GLU A 1 22  ? 4.250   -11.052 2.707   1.00 19.49 ? 22  GLU X OE2 1 
ATOM   193  N  N   . GLY A 1 23  ? -1.408  -14.635 2.328   1.00 11.81 ? 23  GLY X N   1 
ATOM   194  C  CA  . GLY A 1 23  ? -2.427  -15.623 2.704   1.00 11.94 ? 23  GLY X CA  1 
ATOM   195  C  C   . GLY A 1 23  ? -3.539  -15.099 3.607   1.00 12.14 ? 23  GLY X C   1 
ATOM   196  O  O   . GLY A 1 23  ? -4.289  -15.884 4.203   1.00 11.55 ? 23  GLY X O   1 
ATOM   197  N  N   . TYR A 1 24  ? -3.656  -13.774 3.693   1.00 12.55 ? 24  TYR X N   1 
ATOM   198  C  CA  . TYR A 1 24  ? -4.670  -13.129 4.536   1.00 13.15 ? 24  TYR X CA  1 
ATOM   199  C  C   . TYR A 1 24  ? -5.928  -12.738 3.769   1.00 12.44 ? 24  TYR X C   1 
ATOM   200  O  O   . TYR A 1 24  ? -5.843  -12.214 2.654   1.00 11.71 ? 24  TYR X O   1 
ATOM   201  C  CB  . TYR A 1 24  ? -4.106  -11.877 5.208   1.00 14.24 ? 24  TYR X CB  1 
ATOM   202  C  CG  . TYR A 1 24  ? -2.885  -12.097 6.077   1.00 16.32 ? 24  TYR X CG  1 
ATOM   203  C  CD1 . TYR A 1 24  ? -2.839  -13.134 7.008   1.00 18.06 ? 24  TYR X CD1 1 
ATOM   204  C  CD2 . TYR A 1 24  ? -1.780  -11.257 5.972   1.00 18.29 ? 24  TYR X CD2 1 
ATOM   205  C  CE1 . TYR A 1 24  ? -1.716  -13.329 7.815   1.00 19.59 ? 24  TYR X CE1 1 
ATOM   206  C  CE2 . TYR A 1 24  ? -0.652  -11.440 6.770   1.00 18.84 ? 24  TYR X CE2 1 
ATOM   207  C  CZ  . TYR A 1 24  ? -0.628  -12.476 7.684   1.00 18.92 ? 24  TYR X CZ  1 
ATOM   208  O  OH  . TYR A 1 24  ? 0.485   -12.660 8.477   1.00 19.80 ? 24  TYR X OH  1 
ATOM   209  N  N   . TYR A 1 25  ? -7.087  -12.973 4.387   1.00 12.23 ? 25  TYR X N   1 
ATOM   210  C  CA  . TYR A 1 25  ? -8.375  -12.602 3.796   1.00 12.56 ? 25  TYR X CA  1 
ATOM   211  C  C   . TYR A 1 25  ? -8.481  -11.111 3.514   1.00 12.16 ? 25  TYR X C   1 
ATOM   212  O  O   . TYR A 1 25  ? -8.170  -10.263 4.365   1.00 11.60 ? 25  TYR X O   1 
ATOM   213  C  CB  . TYR A 1 25  ? -9.553  -13.071 4.653   1.00 13.32 ? 25  TYR X CB  1 
ATOM   214  C  CG  . TYR A 1 25  ? -9.633  -14.573 4.767   1.00 14.51 ? 25  TYR X CG  1 
ATOM   215  C  CD1 . TYR A 1 25  ? -9.882  -15.362 3.638   1.00 16.63 ? 25  TYR X CD1 1 
ATOM   216  C  CD2 . TYR A 1 25  ? -9.462  -15.208 5.995   1.00 15.09 ? 25  TYR X CD2 1 
ATOM   217  C  CE1 . TYR A 1 25  ? -9.953  -16.748 3.730   1.00 16.47 ? 25  TYR X CE1 1 
ATOM   218  C  CE2 . TYR A 1 25  ? -9.539  -16.598 6.100   1.00 15.92 ? 25  TYR X CE2 1 
ATOM   219  C  CZ  . TYR A 1 25  ? -9.783  -17.357 4.963   1.00 16.14 ? 25  TYR X CZ  1 
ATOM   220  O  OH  . TYR A 1 25  ? -9.864  -18.727 5.054   1.00 16.85 ? 25  TYR X OH  1 
ATOM   221  N  N   . THR A 1 26  ? -8.939  -10.825 2.302   1.00 11.72 ? 26  THR X N   1 
ATOM   222  C  CA  . THR A 1 26  ? -8.882  -9.500  1.706   1.00 11.24 ? 26  THR X CA  1 
ATOM   223  C  C   . THR A 1 26  ? -10.072 -9.408  0.749   1.00 11.12 ? 26  THR X C   1 
ATOM   224  O  O   . THR A 1 26  ? -10.600 -10.429 0.312   1.00 10.91 ? 26  THR X O   1 
ATOM   225  C  CB  . THR A 1 26  ? -7.524  -9.325  0.950   1.00 11.21 ? 26  THR X CB  1 
ATOM   226  O  OG1 . THR A 1 26  ? -6.440  -9.513  1.870   1.00 11.28 ? 26  THR X OG1 1 
ATOM   227  C  CG2 . THR A 1 26  ? -7.380  -7.942  0.283   1.00 10.42 ? 26  THR X CG2 1 
ATOM   228  N  N   . ILE A 1 27  ? -10.503 -8.190  0.438   1.00 10.99 ? 27  ILE X N   1 
ATOM   229  C  CA  . ILE A 1 27  ? -11.525 -7.977  -0.586  1.00 11.04 ? 27  ILE X CA  1 
ATOM   230  C  C   . ILE A 1 27  ? -11.287 -6.662  -1.333  1.00 10.92 ? 27  ILE X C   1 
ATOM   231  O  O   . ILE A 1 27  ? -10.522 -5.810  -0.873  1.00 11.05 ? 27  ILE X O   1 
ATOM   232  C  CB  . ILE A 1 27  ? -12.954 -8.025  0.016   1.00 10.77 ? 27  ILE X CB  1 
ATOM   233  C  CG1 . ILE A 1 27  ? -13.993 -8.353  -1.077  1.00 11.51 ? 27  ILE X CG1 1 
ATOM   234  C  CG2 . ILE A 1 27  ? -13.276 -6.751  0.781   1.00 10.98 ? 27  ILE X CG2 1 
ATOM   235  C  CD1 . ILE A 1 27  ? -15.243 -9.023  -0.558  1.00 11.86 ? 27  ILE X CD1 1 
ATOM   236  N  N   . GLY A 1 28  ? -11.941 -6.504  -2.483  1.00 10.79 ? 28  GLY X N   1 
ATOM   237  C  CA  . GLY A 1 28  ? -11.942 -5.228  -3.202  1.00 11.07 ? 28  GLY X CA  1 
ATOM   238  C  C   . GLY A 1 28  ? -10.575 -4.892  -3.765  1.00 11.11 ? 28  GLY X C   1 
ATOM   239  O  O   . GLY A 1 28  ? -9.962  -5.707  -4.462  1.00 11.35 ? 28  GLY X O   1 
ATOM   240  N  N   . ILE A 1 29  ? -10.102 -3.690  -3.453  1.00 11.06 ? 29  ILE X N   1 
ATOM   241  C  CA  . ILE A 1 29  ? -8.799  -3.223  -3.924  1.00 11.65 ? 29  ILE X CA  1 
ATOM   242  C  C   . ILE A 1 29  ? -7.777  -3.304  -2.791  1.00 11.35 ? 29  ILE X C   1 
ATOM   243  O  O   . ILE A 1 29  ? -7.407  -2.298  -2.183  1.00 11.85 ? 29  ILE X O   1 
ATOM   244  C  CB  . ILE A 1 29  ? -8.890  -1.802  -4.557  1.00 11.30 ? 29  ILE X CB  1 
ATOM   245  C  CG1 . ILE A 1 29  ? -10.028 -1.755  -5.585  1.00 12.13 ? 29  ILE X CG1 1 
ATOM   246  C  CG2 . ILE A 1 29  ? -7.555  -1.402  -5.216  1.00 11.13 ? 29  ILE X CG2 1 
ATOM   247  C  CD1 . ILE A 1 29  ? -10.493 -0.338  -5.942  1.00 12.16 ? 29  ILE X CD1 1 
ATOM   248  N  N   . GLY A 1 30  ? -7.344  -4.527  -2.494  1.00 11.65 ? 30  GLY X N   1 
ATOM   249  C  CA  . GLY A 1 30  ? -6.382  -4.767  -1.419  1.00 11.50 ? 30  GLY X CA  1 
ATOM   250  C  C   . GLY A 1 30  ? -6.859  -4.333  -0.039  1.00 11.75 ? 30  GLY X C   1 
ATOM   251  O  O   . GLY A 1 30  ? -6.057  -3.885  0.786   1.00 11.14 ? 30  GLY X O   1 
ATOM   252  N  N   . HIS A 1 31  ? -8.160  -4.448  0.219   1.00 11.53 ? 31  HIS X N   1 
ATOM   253  C  CA  . HIS A 1 31  ? -8.660  -4.160  1.561   1.00 11.99 ? 31  HIS X CA  1 
ATOM   254  C  C   . HIS A 1 31  ? -8.480  -5.376  2.466   1.00 11.95 ? 31  HIS X C   1 
ATOM   255  O  O   . HIS A 1 31  ? -9.265  -6.326  2.408   1.00 11.54 ? 31  HIS X O   1 
ATOM   256  C  CB  . HIS A 1 31  ? -10.123 -3.725  1.577   1.00 11.84 ? 31  HIS X CB  1 
ATOM   257  C  CG  . HIS A 1 31  ? -10.626 -3.436  2.958   1.00 12.52 ? 31  HIS X CG  1 
ATOM   258  N  ND1 . HIS A 1 31  ? -10.385 -2.240  3.597   1.00 12.68 ? 31  HIS X ND1 1 
ATOM   259  C  CD2 . HIS A 1 31  ? -11.296 -4.208  3.847   1.00 13.35 ? 31  HIS X CD2 1 
ATOM   260  C  CE1 . HIS A 1 31  ? -10.910 -2.275  4.809   1.00 14.36 ? 31  HIS X CE1 1 
ATOM   261  N  NE2 . HIS A 1 31  ? -11.468 -3.459  4.986   1.00 13.94 ? 31  HIS X NE2 1 
ATOM   262  N  N   . LEU A 1 32  ? -7.437  -5.335  3.290   1.00 12.31 ? 32  LEU X N   1 
ATOM   263  C  CA  . LEU A 1 32  ? -7.163  -6.394  4.251   1.00 12.81 ? 32  LEU X CA  1 
ATOM   264  C  C   . LEU A 1 32  ? -8.301  -6.471  5.266   1.00 13.13 ? 32  LEU X C   1 
ATOM   265  O  O   . LEU A 1 32  ? -8.664  -5.469  5.884   1.00 12.83 ? 32  LEU X O   1 
ATOM   266  C  CB  . LEU A 1 32  ? -5.829  -6.137  4.958   1.00 12.76 ? 32  LEU X CB  1 
ATOM   267  C  CG  . LEU A 1 32  ? -5.428  -7.125  6.055   1.00 13.53 ? 32  LEU X CG  1 
ATOM   268  C  CD1 . LEU A 1 32  ? -5.160  -8.506  5.468   1.00 13.56 ? 32  LEU X CD1 1 
ATOM   269  C  CD2 . LEU A 1 32  ? -4.211  -6.616  6.827   1.00 13.46 ? 32  LEU X CD2 1 
ATOM   270  N  N   . LEU A 1 33  ? -8.871  -7.659  5.420   1.00 13.48 ? 33  LEU X N   1 
ATOM   271  C  CA  . LEU A 1 33  ? -9.993  -7.841  6.338   1.00 14.49 ? 33  LEU X CA  1 
ATOM   272  C  C   . LEU A 1 33  ? -9.508  -8.214  7.728   1.00 15.18 ? 33  LEU X C   1 
ATOM   273  O  O   . LEU A 1 33  ? -9.976  -7.664  8.727   1.00 15.32 ? 33  LEU X O   1 
ATOM   274  C  CB  . LEU A 1 33  ? -10.962 -8.896  5.807   1.00 13.94 ? 33  LEU X CB  1 
ATOM   275  C  CG  . LEU A 1 33  ? -11.760 -8.495  4.562   1.00 13.82 ? 33  LEU X CG  1 
ATOM   276  C  CD1 . LEU A 1 33  ? -12.407 -9.726  3.972   1.00 13.48 ? 33  LEU X CD1 1 
ATOM   277  C  CD2 . LEU A 1 33  ? -12.804 -7.422  4.878   1.00 13.39 ? 33  LEU X CD2 1 
ATOM   278  N  N   . THR A 1 34  ? -8.565  -9.150  7.772   1.00 16.12 ? 34  THR X N   1 
ATOM   279  C  CA  . THR A 1 34  ? -8.053  -9.701  9.019   1.00 17.17 ? 34  THR X CA  1 
ATOM   280  C  C   . THR A 1 34  ? -6.851  -10.589 8.736   1.00 17.88 ? 34  THR X C   1 
ATOM   281  O  O   . THR A 1 34  ? -6.717  -11.138 7.635   1.00 18.28 ? 34  THR X O   1 
ATOM   282  C  CB  . THR A 1 34  ? -9.141  -10.518 9.786   1.00 17.25 ? 34  THR X CB  1 
ATOM   283  O  OG1 . THR A 1 34  ? -8.626  -10.943 11.053  1.00 17.45 ? 34  THR X OG1 1 
ATOM   284  C  CG2 . THR A 1 34  ? -9.605  -11.750 8.977   1.00 17.32 ? 34  THR X CG2 1 
ATOM   285  N  N   . LYS A 1 35  ? -5.983  -10.737 9.732   1.00 18.39 ? 35  LYS X N   1 
ATOM   286  C  CA  . LYS A 1 35  ? -4.901  -11.709 9.645   1.00 19.37 ? 35  LYS X CA  1 
ATOM   287  C  C   . LYS A 1 35  ? -5.289  -13.048 10.285  1.00 19.40 ? 35  LYS X C   1 
ATOM   288  O  O   . LYS A 1 35  ? -4.501  -13.997 10.283  1.00 19.66 ? 35  LYS X O   1 
ATOM   289  C  CB  . LYS A 1 35  ? -3.596  -11.136 10.224  1.00 19.27 ? 35  LYS X CB  1 
ATOM   290  C  CG  . LYS A 1 35  ? -3.032  -10.002 9.370   1.00 19.96 ? 35  LYS X CG  1 
ATOM   291  C  CD  . LYS A 1 35  ? -1.676  -9.514  9.845   1.00 20.39 ? 35  LYS X CD  1 
ATOM   292  C  CE  . LYS A 1 35  ? -1.207  -8.367  8.956   1.00 22.86 ? 35  LYS X CE  1 
ATOM   293  N  NZ  . LYS A 1 35  ? 0.014   -7.682  9.461   1.00 24.44 ? 35  LYS X NZ  1 
ATOM   294  N  N   . SER A 1 36  ? -6.518  -13.126 10.793  1.00 19.51 ? 36  SER X N   1 
ATOM   295  C  CA  . SER A 1 36  ? -7.071  -14.381 11.314  1.00 19.73 ? 36  SER X CA  1 
ATOM   296  C  C   . SER A 1 36  ? -7.296  -15.426 10.211  1.00 19.47 ? 36  SER X C   1 
ATOM   297  O  O   . SER A 1 36  ? -7.822  -15.095 9.137   1.00 19.22 ? 36  SER X O   1 
ATOM   298  C  CB  . SER A 1 36  ? -8.390  -14.123 12.058  1.00 19.92 ? 36  SER X CB  1 
ATOM   299  O  OG  . SER A 1 36  ? -9.112  -15.331 12.251  1.00 20.21 ? 36  SER X OG  1 
ATOM   300  N  N   . PRO A 1 37  ? -6.915  -16.694 10.474  1.00 19.33 ? 37  PRO X N   1 
ATOM   301  C  CA  . PRO A 1 37  ? -7.185  -17.774 9.510   1.00 19.28 ? 37  PRO X CA  1 
ATOM   302  C  C   . PRO A 1 37  ? -8.666  -18.174 9.421   1.00 18.81 ? 37  PRO X C   1 
ATOM   303  O  O   . PRO A 1 37  ? -9.024  -19.051 8.633   1.00 18.79 ? 37  PRO X O   1 
ATOM   304  C  CB  . PRO A 1 37  ? -6.342  -18.938 10.043  1.00 19.67 ? 37  PRO X CB  1 
ATOM   305  C  CG  . PRO A 1 37  ? -6.236  -18.685 11.495  1.00 19.66 ? 37  PRO X CG  1 
ATOM   306  C  CD  . PRO A 1 37  ? -6.208  -17.190 11.671  1.00 19.50 ? 37  PRO X CD  1 
ATOM   307  N  N   . SER A 1 38  ? -9.517  -17.529 10.214  1.00 18.51 ? 38  SER X N   1 
ATOM   308  C  CA  . SER A 1 38  ? -10.950 -17.826 10.211  1.00 18.08 ? 38  SER X CA  1 
ATOM   309  C  C   . SER A 1 38  ? -11.704 -17.030 9.138   1.00 18.02 ? 38  SER X C   1 
ATOM   310  O  O   . SER A 1 38  ? -11.745 -15.796 9.196   1.00 18.05 ? 38  SER X O   1 
ATOM   311  C  CB  . SER A 1 38  ? -11.546 -17.561 11.598  1.00 18.12 ? 38  SER X CB  1 
ATOM   312  O  OG  . SER A 1 38  ? -12.959 -17.592 11.569  1.00 18.04 ? 38  SER X OG  1 
ATOM   313  N  N   . LEU A 1 39  ? -12.299 -17.740 8.175   1.00 17.76 ? 39  LEU X N   1 
ATOM   314  C  CA  . LEU A 1 39  ? -13.119 -17.112 7.125   1.00 17.48 ? 39  LEU X CA  1 
ATOM   315  C  C   . LEU A 1 39  ? -14.366 -16.445 7.706   1.00 17.26 ? 39  LEU X C   1 
ATOM   316  O  O   . LEU A 1 39  ? -14.780 -15.377 7.248   1.00 16.89 ? 39  LEU X O   1 
ATOM   317  C  CB  . LEU A 1 39  ? -13.502 -18.115 6.026   1.00 17.64 ? 39  LEU X CB  1 
ATOM   318  C  CG  . LEU A 1 39  ? -14.425 -17.622 4.892   1.00 17.79 ? 39  LEU X CG  1 
ATOM   319  C  CD1 . LEU A 1 39  ? -13.790 -16.473 4.077   1.00 18.67 ? 39  LEU X CD1 1 
ATOM   320  C  CD2 . LEU A 1 39  ? -14.845 -18.768 3.979   1.00 17.75 ? 39  LEU X CD2 1 
ATOM   321  N  N   . ASN A 1 40  ? -14.964 -17.076 8.715   1.00 17.15 ? 40  ASN X N   1 
ATOM   322  C  CA  . ASN A 1 40  ? -16.080 -16.471 9.439   1.00 17.31 ? 40  ASN X CA  1 
ATOM   323  C  C   . ASN A 1 40  ? -15.702 -15.129 10.088  1.00 16.65 ? 40  ASN X C   1 
ATOM   324  O  O   . ASN A 1 40  ? -16.475 -14.169 10.032  1.00 16.69 ? 40  ASN X O   1 
ATOM   325  C  CB  . ASN A 1 40  ? -16.650 -17.445 10.481  1.00 17.94 ? 40  ASN X CB  1 
ATOM   326  C  CG  . ASN A 1 40  ? -17.532 -18.525 9.861   1.00 19.35 ? 40  ASN X CG  1 
ATOM   327  O  OD1 . ASN A 1 40  ? -18.147 -18.327 8.806   1.00 22.43 ? 40  ASN X OD1 1 
ATOM   328  N  ND2 . ASN A 1 40  ? -17.606 -19.672 10.525  0.50 19.80 ? 40  ASN X ND2 1 
ATOM   329  N  N   . ALA A 1 41  ? -14.508 -15.067 10.677  1.00 15.92 ? 41  ALA X N   1 
ATOM   330  C  CA  . ALA A 1 41  ? -13.988 -13.826 11.261  1.00 15.24 ? 41  ALA X CA  1 
ATOM   331  C  C   . ALA A 1 41  ? -13.804 -12.758 10.178  1.00 14.86 ? 41  ALA X C   1 
ATOM   332  O  O   . ALA A 1 41  ? -14.134 -11.587 10.389  1.00 14.16 ? 41  ALA X O   1 
ATOM   333  C  CB  . ALA A 1 41  ? -12.691 -14.076 12.007  1.00 15.33 ? 41  ALA X CB  1 
ATOM   334  N  N   . ALA A 1 42  ? -13.310 -13.183 9.015   1.00 14.39 ? 42  ALA X N   1 
ATOM   335  C  CA  . ALA A 1 42  ? -13.127 -12.289 7.868   1.00 14.16 ? 42  ALA X CA  1 
ATOM   336  C  C   . ALA A 1 42  ? -14.458 -11.757 7.345   1.00 14.02 ? 42  ALA X C   1 
ATOM   337  O  O   . ALA A 1 42  ? -14.581 -10.562 7.042   1.00 13.93 ? 42  ALA X O   1 
ATOM   338  C  CB  . ALA A 1 42  ? -12.363 -13.002 6.751   1.00 14.36 ? 42  ALA X CB  1 
ATOM   339  N  N   . LYS A 1 43  ? -15.447 -12.646 7.247   1.00 13.58 ? 43  LYS X N   1 
ATOM   340  C  CA  . LYS A 1 43  ? -16.788 -12.275 6.796   1.00 13.51 ? 43  LYS X CA  1 
ATOM   341  C  C   . LYS A 1 43  ? -17.432 -11.256 7.734   1.00 12.96 ? 43  LYS X C   1 
ATOM   342  O  O   . LYS A 1 43  ? -18.132 -10.344 7.283   1.00 12.58 ? 43  LYS X O   1 
ATOM   343  C  CB  . LYS A 1 43  ? -17.676 -13.513 6.652   1.00 13.49 ? 43  LYS X CB  1 
ATOM   344  C  CG  . LYS A 1 43  ? -17.433 -14.286 5.359   1.00 14.34 ? 43  LYS X CG  1 
ATOM   345  C  CD  . LYS A 1 43  ? -18.224 -15.587 5.316   1.00 14.79 ? 43  LYS X CD  1 
ATOM   346  C  CE  . LYS A 1 43  ? -18.178 -16.187 3.922   1.00 17.38 ? 43  LYS X CE  1 
ATOM   347  N  NZ  . LYS A 1 43  ? -18.765 -17.555 3.861   1.00 18.64 ? 43  LYS X NZ  1 
ATOM   348  N  N   . SER A 1 44  ? -17.165 -11.412 9.029   1.00 12.51 ? 44  SER X N   1 
ATOM   349  C  CA  . SER A 1 44  ? -17.629 -10.476 10.048  1.00 12.95 ? 44  SER X CA  1 
ATOM   350  C  C   . SER A 1 44  ? -16.998 -9.087  9.871   1.00 12.73 ? 44  SER X C   1 
ATOM   351  O  O   . SER A 1 44  ? -17.701 -8.075  9.920   1.00 12.44 ? 44  SER X O   1 
ATOM   352  C  CB  . SER A 1 44  ? -17.330 -11.028 11.442  1.00 13.08 ? 44  SER X CB  1 
ATOM   353  O  OG  . SER A 1 44  ? -17.943 -10.242 12.438  1.00 15.49 ? 44  SER X OG  1 
ATOM   354  N  N   . GLU A 1 45  ? -15.677 -9.050  9.669   1.00 12.17 ? 45  GLU X N   1 
ATOM   355  C  CA  . GLU A 1 45  ? -14.962 -7.796  9.392   1.00 12.26 ? 45  GLU X CA  1 
ATOM   356  C  C   . GLU A 1 45  ? -15.503 -7.099  8.145   1.00 11.93 ? 45  GLU X C   1 
ATOM   357  O  O   . GLU A 1 45  ? -15.648 -5.872  8.127   1.00 12.07 ? 45  GLU X O   1 
ATOM   358  C  CB  . GLU A 1 45  ? -13.455 -8.034  9.260   1.00 12.33 ? 45  GLU X CB  1 
ATOM   359  C  CG  . GLU A 1 45  ? -12.764 -8.422  10.572  1.00 13.08 ? 45  GLU X CG  1 
ATOM   360  C  CD  . GLU A 1 45  ? -12.877 -7.344  11.650  1.00 14.95 ? 45  GLU X CD  1 
ATOM   361  O  OE1 . GLU A 1 45  ? -12.511 -6.185  11.392  1.00 15.92 ? 45  GLU X OE1 1 
ATOM   362  O  OE2 . GLU A 1 45  ? -13.332 -7.660  12.761  1.00 16.46 ? 45  GLU X OE2 1 
ATOM   363  N  N   . LEU A 1 46  ? -15.799 -7.888  7.112   1.00 11.29 ? 46  LEU X N   1 
ATOM   364  C  CA  . LEU A 1 46  ? -16.375 -7.366  5.876   1.00 10.97 ? 46  LEU X CA  1 
ATOM   365  C  C   . LEU A 1 46  ? -17.725 -6.705  6.134   1.00 10.89 ? 46  LEU X C   1 
ATOM   366  O  O   . LEU A 1 46  ? -17.946 -5.568  5.724   1.00 10.42 ? 46  LEU X O   1 
ATOM   367  C  CB  . LEU A 1 46  ? -16.501 -8.465  4.814   1.00 10.90 ? 46  LEU X CB  1 
ATOM   368  C  CG  . LEU A 1 46  ? -17.067 -8.073  3.442   1.00 11.25 ? 46  LEU X CG  1 
ATOM   369  C  CD1 . LEU A 1 46  ? -16.280 -6.934  2.792   1.00 12.20 ? 46  LEU X CD1 1 
ATOM   370  C  CD2 . LEU A 1 46  ? -17.097 -9.302  2.546   1.00 10.76 ? 46  LEU X CD2 1 
ATOM   371  N  N   . ASP A 1 47  ? -18.607 -7.414  6.833   1.00 10.39 ? 47  ASP X N   1 
ATOM   372  C  CA  . ASP A 1 47  ? -19.939 -6.902  7.148   1.00 10.90 ? 47  ASP X CA  1 
ATOM   373  C  C   . ASP A 1 47  ? -19.845 -5.615  7.953   1.00 10.87 ? 47  ASP X C   1 
ATOM   374  O  O   . ASP A 1 47  ? -20.601 -4.665  7.718   1.00 10.47 ? 47  ASP X O   1 
ATOM   375  C  CB  . ASP A 1 47  ? -20.742 -7.951  7.936   1.00 10.81 ? 47  ASP X CB  1 
ATOM   376  C  CG  . ASP A 1 47  ? -21.114 -9.163  7.094   1.00 12.26 ? 47  ASP X CG  1 
ATOM   377  O  OD1 . ASP A 1 47  ? -20.884 -9.150  5.870   1.00 13.75 ? 47  ASP X OD1 1 
ATOM   378  O  OD2 . ASP A 1 47  ? -21.655 -10.133 7.661   1.00 13.58 ? 47  ASP X OD2 1 
ATOM   379  N  N   . LYS A 1 48  ? -18.905 -5.598  8.894   1.00 10.84 ? 48  LYS X N   1 
ATOM   380  C  CA  . LYS A 1 48  ? -18.655 -4.437  9.741   1.00 11.19 ? 48  LYS X CA  1 
ATOM   381  C  C   . LYS A 1 48  ? -18.197 -3.229  8.908   1.00 11.33 ? 48  LYS X C   1 
ATOM   382  O  O   . LYS A 1 48  ? -18.659 -2.106  9.124   1.00 11.22 ? 48  LYS X O   1 
ATOM   383  C  CB  . LYS A 1 48  ? -17.612 -4.794  10.809  1.00 10.97 ? 48  LYS X CB  1 
ATOM   384  C  CG  . LYS A 1 48  ? -17.305 -3.672  11.810  1.00 11.00 ? 48  LYS X CG  1 
ATOM   385  C  CD  . LYS A 1 48  ? -16.665 -4.193  13.104  1.00 11.54 ? 48  LYS X CD  1 
ATOM   386  C  CE  . LYS A 1 48  ? -15.418 -5.041  12.845  1.00 13.01 ? 48  LYS X CE  1 
ATOM   387  N  NZ  . LYS A 1 48  ? -14.217 -4.218  12.611  1.00 13.70 ? 48  LYS X NZ  1 
ATOM   388  N  N   . ALA A 1 49  ? -17.299 -3.479  7.956   1.00 11.70 ? 49  ALA X N   1 
ATOM   389  C  CA  . ALA A 1 49  ? -16.752 -2.431  7.077   1.00 12.61 ? 49  ALA X CA  1 
ATOM   390  C  C   . ALA A 1 49  ? -17.776 -1.844  6.088   1.00 13.05 ? 49  ALA X C   1 
ATOM   391  O  O   . ALA A 1 49  ? -17.767 -0.640  5.815   1.00 13.46 ? 49  ALA X O   1 
ATOM   392  C  CB  . ALA A 1 49  ? -15.520 -2.968  6.323   1.00 12.33 ? 49  ALA X CB  1 
ATOM   393  N  N   . ILE A 1 50  ? -18.657 -2.697  5.568   1.00 13.47 ? 50  ILE X N   1 
ATOM   394  C  CA  . ILE A 1 50  ? -19.642 -2.312  4.548   1.00 14.04 ? 50  ILE X CA  1 
ATOM   395  C  C   . ILE A 1 50  ? -20.959 -1.793  5.158   1.00 14.40 ? 50  ILE X C   1 
ATOM   396  O  O   . ILE A 1 50  ? -21.659 -0.976  4.550   1.00 14.47 ? 50  ILE X O   1 
ATOM   397  C  CB  . ILE A 1 50  ? -19.928 -3.506  3.585   1.00 14.07 ? 50  ILE X CB  1 
ATOM   398  C  CG1 . ILE A 1 50  ? -18.627 -3.987  2.913   1.00 14.39 ? 50  ILE X CG1 1 
ATOM   399  C  CG2 . ILE A 1 50  ? -21.006 -3.167  2.550   1.00 14.51 ? 50  ILE X CG2 1 
ATOM   400  C  CD1 . ILE A 1 50  ? -17.939 -2.960  2.036   1.00 14.01 ? 50  ILE X CD1 1 
ATOM   401  N  N   . GLY A 1 51  ? -21.291 -2.281  6.348   1.00 14.70 ? 51  GLY X N   1 
ATOM   402  C  CA  . GLY A 1 51  ? -22.511 -1.870  7.042   1.00 15.40 ? 51  GLY X CA  1 
ATOM   403  C  C   . GLY A 1 51  ? -23.745 -2.685  6.693   1.00 15.94 ? 51  GLY X C   1 
ATOM   404  O  O   . GLY A 1 51  ? -24.872 -2.234  6.916   1.00 16.34 ? 51  GLY X O   1 
ATOM   405  N  N   . ARG A 1 52  ? -23.539 -3.887  6.151   1.00 15.71 ? 52  ARG X N   1 
ATOM   406  C  CA  . ARG A 1 52  ? -24.635 -4.798  5.815   1.00 16.20 ? 52  ARG X CA  1 
ATOM   407  C  C   . ARG A 1 52  ? -24.144 -6.250  5.842   1.00 16.40 ? 52  ARG X C   1 
ATOM   408  O  O   . ARG A 1 52  ? -22.939 -6.487  5.893   1.00 15.83 ? 52  ARG X O   1 
ATOM   409  C  CB  . ARG A 1 52  ? -25.235 -4.460  4.439   1.00 16.24 ? 52  ARG X CB  1 
ATOM   410  C  CG  . ARG A 1 52  ? -24.287 -4.715  3.270   1.00 16.04 ? 52  ARG X CG  1 
ATOM   411  C  CD  . ARG A 1 52  ? -24.855 -4.251  1.934   1.00 16.10 ? 52  ARG X CD  1 
ATOM   412  N  NE  . ARG A 1 52  ? -23.910 -4.545  0.859   1.00 16.53 ? 52  ARG X NE  1 
ATOM   413  C  CZ  . ARG A 1 52  ? -23.793 -5.724  0.246   1.00 16.54 ? 52  ARG X CZ  1 
ATOM   414  N  NH1 . ARG A 1 52  ? -24.574 -6.748  0.578   1.00 16.40 ? 52  ARG X NH1 1 
ATOM   415  N  NH2 . ARG A 1 52  ? -22.888 -5.877  -0.709  1.00 16.71 ? 52  ARG X NH2 1 
ATOM   416  N  N   . ASN A 1 53  ? -25.074 -7.206  5.831   1.00 16.74 ? 53  ASN X N   1 
ATOM   417  C  CA  . ASN A 1 53  ? -24.726 -8.628  5.722   1.00 17.16 ? 53  ASN X CA  1 
ATOM   418  C  C   . ASN A 1 53  ? -24.366 -8.969  4.271   1.00 17.29 ? 53  ASN X C   1 
ATOM   419  O  O   . ASN A 1 53  ? -25.245 -9.127  3.421   1.00 17.03 ? 53  ASN X O   1 
ATOM   420  C  CB  . ASN A 1 53  ? -25.882 -9.518  6.219   1.00 17.46 ? 53  ASN X CB  1 
ATOM   421  C  CG  . ASN A 1 53  ? -25.445 -10.954 6.489   0.50 17.31 ? 53  ASN X CG  1 
ATOM   422  O  OD1 . ASN A 1 53  ? -25.443 -11.406 7.633   0.50 18.62 ? 53  ASN X OD1 1 
ATOM   423  N  ND2 . ASN A 1 53  ? -25.066 -11.671 5.439   0.50 16.80 ? 53  ASN X ND2 1 
ATOM   424  N  N   . THR A 1 54  ? -23.072 -9.078  3.989   1.00 17.40 ? 54  THR X N   1 
ATOM   425  C  CA  . THR A 1 54  ? -22.611 -9.176  2.598   1.00 17.78 ? 54  THR X CA  1 
ATOM   426  C  C   . THR A 1 54  ? -22.525 -10.603 2.080   1.00 18.23 ? 54  THR X C   1 
ATOM   427  O  O   . THR A 1 54  ? -22.549 -10.815 0.869   1.00 19.22 ? 54  THR X O   1 
ATOM   428  C  CB  . THR A 1 54  ? -21.213 -8.563  2.398   1.00 17.22 ? 54  THR X CB  1 
ATOM   429  O  OG1 . THR A 1 54  ? -20.250 -9.352  3.108   1.00 17.20 ? 54  THR X OG1 1 
ATOM   430  C  CG2 . THR A 1 54  ? -21.161 -7.094  2.866   1.00 17.50 ? 54  THR X CG2 1 
ATOM   431  N  N   . ASN A 1 55  ? -22.391 -11.564 2.992   1.00 18.73 ? 55  ASN X N   1 
ATOM   432  C  CA  . ASN A 1 55  ? -22.145 -12.963 2.628   1.00 19.14 ? 55  ASN X CA  1 
ATOM   433  C  C   . ASN A 1 55  ? -20.883 -13.130 1.777   1.00 19.30 ? 55  ASN X C   1 
ATOM   434  O  O   . ASN A 1 55  ? -20.868 -13.920 0.827   1.00 19.99 ? 55  ASN X O   1 
ATOM   435  N  N   . GLY A 1 56  ? -19.842 -12.361 2.105   1.00 18.80 ? 56  GLY X N   1 
ATOM   436  C  CA  . GLY A 1 56  ? -18.546 -12.456 1.431   1.00 18.44 ? 56  GLY X CA  1 
ATOM   437  C  C   . GLY A 1 56  ? -18.413 -11.834 0.046   1.00 17.86 ? 56  GLY X C   1 
ATOM   438  O  O   . GLY A 1 56  ? -17.365 -11.972 -0.593  1.00 17.85 ? 56  GLY X O   1 
ATOM   439  N  N   . VAL A 1 57  ? -19.465 -11.160 -0.419  1.00 17.28 ? 57  VAL X N   1 
ATOM   440  C  CA  . VAL A 1 57  ? -19.484 -10.525 -1.749  1.00 16.77 ? 57  VAL X CA  1 
ATOM   441  C  C   . VAL A 1 57  ? -19.863 -9.046  -1.649  1.00 16.19 ? 57  VAL X C   1 
ATOM   442  O  O   . VAL A 1 57  ? -20.793 -8.680  -0.922  1.00 15.97 ? 57  VAL X O   1 
ATOM   443  C  CB  . VAL A 1 57  ? -20.485 -11.204 -2.727  1.00 17.21 ? 57  VAL X CB  1 
ATOM   444  C  CG1 . VAL A 1 57  ? -20.289 -10.668 -4.144  1.00 16.97 ? 57  VAL X CG1 1 
ATOM   445  C  CG2 . VAL A 1 57  ? -20.332 -12.720 -2.720  1.00 17.75 ? 57  VAL X CG2 1 
ATOM   446  N  N   . ILE A 1 58  ? -19.147 -8.206  -2.394  1.00 15.08 ? 58  ILE X N   1 
ATOM   447  C  CA  . ILE A 1 58  ? -19.440 -6.775  -2.450  1.00 14.53 ? 58  ILE X CA  1 
ATOM   448  C  C   . ILE A 1 58  ? -19.500 -6.265  -3.893  1.00 14.20 ? 58  ILE X C   1 
ATOM   449  O  O   . ILE A 1 58  ? -19.083 -6.957  -4.829  1.00 14.10 ? 58  ILE X O   1 
ATOM   450  C  CB  . ILE A 1 58  ? -18.409 -5.922  -1.639  1.00 14.26 ? 58  ILE X CB  1 
ATOM   451  C  CG1 . ILE A 1 58  ? -17.008 -6.013  -2.268  1.00 14.40 ? 58  ILE X CG1 1 
ATOM   452  C  CG2 . ILE A 1 58  ? -18.424 -6.312  -0.152  1.00 14.41 ? 58  ILE X CG2 1 
ATOM   453  C  CD1 . ILE A 1 58  ? -15.994 -5.029  -1.696  1.00 14.48 ? 58  ILE X CD1 1 
ATOM   454  N  N   . THR A 1 59  ? -20.003 -5.044  -4.060  1.00 13.63 ? 59  THR X N   1 
ATOM   455  C  CA  . THR A 1 59  ? -20.084 -4.414  -5.377  1.00 13.76 ? 59  THR X CA  1 
ATOM   456  C  C   . THR A 1 59  ? -18.820 -3.597  -5.674  1.00 13.90 ? 59  THR X C   1 
ATOM   457  O  O   . THR A 1 59  ? -17.992 -3.368  -4.777  1.00 13.99 ? 59  THR X O   1 
ATOM   458  C  CB  . THR A 1 59  ? -21.342 -3.507  -5.497  1.00 13.91 ? 59  THR X CB  1 
ATOM   459  O  OG1 . THR A 1 59  ? -21.179 -2.338  -4.683  1.00 13.74 ? 59  THR X OG1 1 
ATOM   460  C  CG2 . THR A 1 59  ? -22.612 -4.260  -5.062  1.00 13.64 ? 59  THR X CG2 1 
ATOM   461  N  N   . LYS A 1 60  ? -18.672 -3.172  -6.932  1.00 13.82 ? 60  LYS X N   1 
ATOM   462  C  CA  . LYS A 1 60  ? -17.554 -2.316  -7.338  1.00 13.87 ? 60  LYS X CA  1 
ATOM   463  C  C   . LYS A 1 60  ? -17.581 -0.988  -6.576  1.00 13.37 ? 60  LYS X C   1 
ATOM   464  O  O   . LYS A 1 60  ? -16.541 -0.534  -6.095  1.00 13.07 ? 60  LYS X O   1 
ATOM   465  C  CB  . LYS A 1 60  ? -17.539 -2.077  -8.855  1.00 13.80 ? 60  LYS X CB  1 
ATOM   466  C  CG  . LYS A 1 60  ? -16.307 -1.312  -9.342  1.00 14.92 ? 60  LYS X CG  1 
ATOM   467  C  CD  . LYS A 1 60  ? -16.295 -1.125  -10.845 1.00 15.34 ? 60  LYS X CD  1 
ATOM   468  C  CE  . LYS A 1 60  ? -15.045 -0.387  -11.290 1.00 17.90 ? 60  LYS X CE  1 
ATOM   469  N  N   . ASP A 1 61  ? -18.766 -0.387  -6.444  1.00 12.80 ? 61  ASP X N   1 
ATOM   470  C  CA  . ASP A 1 61  ? -18.903 0.870   -5.700  1.00 12.71 ? 61  ASP X CA  1 
ATOM   471  C  C   . ASP A 1 61  ? -18.451 0.719   -4.252  1.00 12.38 ? 61  ASP X C   1 
ATOM   472  O  O   . ASP A 1 61  ? -17.702 1.556   -3.751  1.00 12.70 ? 61  ASP X O   1 
ATOM   473  C  CB  . ASP A 1 61  ? -20.335 1.425   -5.771  1.00 12.53 ? 61  ASP X CB  1 
ATOM   474  C  CG  . ASP A 1 61  ? -20.661 2.053   -7.124  1.00 13.59 ? 61  ASP X CG  1 
ATOM   475  O  OD1 . ASP A 1 61  ? -19.833 1.981   -8.062  0.50 11.45 ? 61  ASP X OD1 1 
ATOM   476  O  OD2 . ASP A 1 61  ? -21.763 2.629   -7.240  0.50 13.21 ? 61  ASP X OD2 1 
ATOM   477  N  N   . GLU A 1 62  ? -18.897 -0.351  -3.592  1.00 12.21 ? 62  GLU X N   1 
ATOM   478  C  CA  . GLU A 1 62  ? -18.471 -0.647  -2.222  1.00 11.87 ? 62  GLU X CA  1 
ATOM   479  C  C   . GLU A 1 62  ? -16.954 -0.842  -2.132  1.00 11.30 ? 62  GLU X C   1 
ATOM   480  O  O   . GLU A 1 62  ? -16.314 -0.341  -1.208  1.00 10.89 ? 62  GLU X O   1 
ATOM   481  C  CB  . GLU A 1 62  ? -19.218 -1.873  -1.686  1.00 11.75 ? 62  GLU X CB  1 
ATOM   482  C  CG  . GLU A 1 62  ? -20.705 -1.612  -1.472  1.00 12.44 ? 62  GLU X CG  1 
ATOM   483  C  CD  . GLU A 1 62  ? -21.520 -2.857  -1.120  1.00 12.76 ? 62  GLU X CD  1 
ATOM   484  O  OE1 . GLU A 1 62  ? -21.133 -3.985  -1.494  1.00 12.32 ? 62  GLU X OE1 1 
ATOM   485  O  OE2 . GLU A 1 62  ? -22.571 -2.690  -0.467  1.00 12.78 ? 62  GLU X OE2 1 
ATOM   486  N  N   . ALA A 1 63  ? -16.382 -1.558  -3.101  1.00 11.04 ? 63  ALA X N   1 
ATOM   487  C  CA  . ALA A 1 63  ? -14.934 -1.772  -3.134  1.00 11.02 ? 63  ALA X CA  1 
ATOM   488  C  C   . ALA A 1 63  ? -14.196 -0.433  -3.207  1.00 10.96 ? 63  ALA X C   1 
ATOM   489  O  O   . ALA A 1 63  ? -13.233 -0.207  -2.478  1.00 10.86 ? 63  ALA X O   1 
ATOM   490  C  CB  . ALA A 1 63  ? -14.544 -2.667  -4.300  1.00 11.23 ? 63  ALA X CB  1 
ATOM   491  N  N   . GLU A 1 64  ? -14.683 0.455   -4.069  1.00 10.59 ? 64  GLU X N   1 
ATOM   492  C  CA  . GLU A 1 64  ? -14.054 1.750   -4.290  1.00 11.00 ? 64  GLU X CA  1 
ATOM   493  C  C   . GLU A 1 64  ? -14.226 2.667   -3.072  1.00 10.40 ? 64  GLU X C   1 
ATOM   494  O  O   . GLU A 1 64  ? -13.342 3.464   -2.763  1.00 10.28 ? 64  GLU X O   1 
ATOM   495  C  CB  . GLU A 1 64  ? -14.587 2.391   -5.575  1.00 11.00 ? 64  GLU X CB  1 
ATOM   496  C  CG  . GLU A 1 64  ? -14.120 1.665   -6.855  1.00 12.11 ? 64  GLU X CG  1 
ATOM   497  C  CD  . GLU A 1 64  ? -14.741 2.228   -8.123  1.00 12.57 ? 64  GLU X CD  1 
ATOM   498  O  OE1 . GLU A 1 64  ? -15.819 2.853   -8.038  1.00 15.00 ? 64  GLU X OE1 1 
ATOM   499  O  OE2 . GLU A 1 64  ? -14.152 2.037   -9.201  1.00 14.49 ? 64  GLU X OE2 1 
ATOM   500  N  N   . LYS A 1 65  ? -15.349 2.519   -2.371  1.00 10.38 ? 65  LYS X N   1 
ATOM   501  C  CA  . LYS A 1 65  ? -15.597 3.264   -1.146  1.00 10.53 ? 65  LYS X CA  1 
ATOM   502  C  C   . LYS A 1 65  ? -14.574 2.878   -0.077  1.00 10.39 ? 65  LYS X C   1 
ATOM   503  O  O   . LYS A 1 65  ? -13.938 3.753   0.503   1.00 10.09 ? 65  LYS X O   1 
ATOM   504  C  CB  . LYS A 1 65  ? -17.025 3.026   -0.642  1.00 10.62 ? 65  LYS X CB  1 
ATOM   505  C  CG  . LYS A 1 65  ? -17.415 3.897   0.534   1.00 12.17 ? 65  LYS X CG  1 
ATOM   506  C  CD  . LYS A 1 65  ? -18.863 3.663   0.911   1.00 14.12 ? 65  LYS X CD  1 
ATOM   507  C  CE  . LYS A 1 65  ? -19.229 4.347   2.225   1.00 16.18 ? 65  LYS X CE  1 
ATOM   508  N  NZ  . LYS A 1 65  ? -19.256 5.822   2.108   1.00 16.54 ? 65  LYS X NZ  1 
ATOM   509  N  N   . LEU A 1 66  ? -14.411 1.575   0.173   1.00 10.37 ? 66  LEU X N   1 
ATOM   510  C  CA  . LEU A 1 66  ? -13.370 1.101   1.095   1.00 10.38 ? 66  LEU X CA  1 
ATOM   511  C  C   . LEU A 1 66  ? -11.963 1.558   0.681   1.00 10.35 ? 66  LEU X C   1 
ATOM   512  O  O   . LEU A 1 66  ? -11.160 1.958   1.532   1.00 10.04 ? 66  LEU X O   1 
ATOM   513  C  CB  . LEU A 1 66  ? -13.406 -0.423  1.245   1.00 10.84 ? 66  LEU X CB  1 
ATOM   514  C  CG  . LEU A 1 66  ? -14.604 -1.087  1.940   1.00 10.97 ? 66  LEU X CG  1 
ATOM   515  C  CD1 . LEU A 1 66  ? -14.314 -2.580  2.104   1.00 12.62 ? 66  LEU X CD1 1 
ATOM   516  C  CD2 . LEU A 1 66  ? -14.938 -0.451  3.291   1.00 11.32 ? 66  LEU X CD2 1 
ATOM   517  N  N   . PHE A 1 67  ? -11.678 1.486   -0.621  1.00 10.15 ? 67  PHE X N   1 
ATOM   518  C  CA  . PHE A 1 67  ? -10.368 1.874   -1.177  1.00 10.46 ? 67  PHE X CA  1 
ATOM   519  C  C   . PHE A 1 67  ? -10.046 3.338   -0.861  1.00 10.42 ? 67  PHE X C   1 
ATOM   520  O  O   . PHE A 1 67  ? -8.951  3.650   -0.369  1.00 10.73 ? 67  PHE X O   1 
ATOM   521  C  CB  . PHE A 1 67  ? -10.331 1.587   -2.687  1.00 10.05 ? 67  PHE X CB  1 
ATOM   522  C  CG  . PHE A 1 67  ? -9.017  1.918   -3.366  1.00 11.80 ? 67  PHE X CG  1 
ATOM   523  C  CD1 . PHE A 1 67  ? -7.793  1.521   -2.815  1.00 11.32 ? 67  PHE X CD1 1 
ATOM   524  C  CD2 . PHE A 1 67  ? -9.014  2.588   -4.590  1.00 11.36 ? 67  PHE X CD2 1 
ATOM   525  C  CE1 . PHE A 1 67  ? -6.584  1.816   -3.467  1.00 12.08 ? 67  PHE X CE1 1 
ATOM   526  C  CE2 . PHE A 1 67  ? -7.818  2.885   -5.244  1.00 11.15 ? 67  PHE X CE2 1 
ATOM   527  C  CZ  . PHE A 1 67  ? -6.603  2.495   -4.679  1.00 11.56 ? 67  PHE X CZ  1 
ATOM   528  N  N   . ASN A 1 68  ? -11.009 4.223   -1.115  1.00 10.36 ? 68  ASN X N   1 
ATOM   529  C  CA  . ASN A 1 68  ? -10.856 5.646   -0.794  1.00 10.67 ? 68  ASN X CA  1 
ATOM   530  C  C   . ASN A 1 68  ? -10.555 5.868   0.700   1.00 10.64 ? 68  ASN X C   1 
ATOM   531  O  O   . ASN A 1 68  ? -9.675  6.655   1.055   1.00 10.68 ? 68  ASN X O   1 
ATOM   532  C  CB  . ASN A 1 68  ? -12.104 6.423   -1.221  1.00 10.82 ? 68  ASN X CB  1 
ATOM   533  C  CG  . ASN A 1 68  ? -11.851 7.925   -1.381  0.50 10.57 ? 68  ASN X CG  1 
ATOM   534  O  OD1 . ASN A 1 68  ? -12.618 8.613   -2.047  0.50 11.37 ? 68  ASN X OD1 1 
ATOM   535  N  ND2 . ASN A 1 68  ? -10.781 8.434   -0.769  0.50 11.19 ? 68  ASN X ND2 1 
ATOM   536  N  N   . GLN A 1 69  ? -11.287 5.167   1.566   1.00 10.72 ? 69  GLN X N   1 
ATOM   537  C  CA  . GLN A 1 69  ? -11.068 5.263   3.002   1.00 10.78 ? 69  GLN X CA  1 
ATOM   538  C  C   . GLN A 1 69  ? -9.674  4.773   3.378   1.00 10.91 ? 69  GLN X C   1 
ATOM   539  O  O   . GLN A 1 69  ? -9.001  5.399   4.190   1.00 10.68 ? 69  GLN X O   1 
ATOM   540  C  CB  . GLN A 1 69  ? -12.136 4.473   3.772   1.00 10.62 ? 69  GLN X CB  1 
ATOM   541  C  CG  . GLN A 1 69  ? -13.529 5.079   3.651   1.00 10.70 ? 69  GLN X CG  1 
ATOM   542  C  CD  . GLN A 1 69  ? -14.608 4.258   4.336   1.00 10.77 ? 69  GLN X CD  1 
ATOM   543  O  OE1 . GLN A 1 69  ? -15.715 4.742   4.539   1.00 10.31 ? 69  GLN X OE1 1 
ATOM   544  N  NE2 . GLN A 1 69  ? -14.291 3.011   4.687   1.00 10.90 ? 69  GLN X NE2 1 
ATOM   545  N  N   . ASP A 1 70  ? -9.255  3.658   2.770   1.00 11.22 ? 70  ASP X N   1 
ATOM   546  C  CA  . ASP A 1 70  ? -7.969  3.030   3.072   1.00 11.68 ? 70  ASP X CA  1 
ATOM   547  C  C   . ASP A 1 70  ? -6.804  3.932   2.668   1.00 11.63 ? 70  ASP X C   1 
ATOM   548  O  O   . ASP A 1 70  ? -5.862  4.106   3.441   1.00 12.11 ? 70  ASP X O   1 
ATOM   549  C  CB  . ASP A 1 70  ? -7.841  1.669   2.366   1.00 11.61 ? 70  ASP X CB  1 
ATOM   550  C  CG  . ASP A 1 70  ? -8.743  0.602   2.967   1.00 12.28 ? 70  ASP X CG  1 
ATOM   551  O  OD1 . ASP A 1 70  ? -9.375  0.847   4.024   1.00 11.72 ? 70  ASP X OD1 1 
ATOM   552  O  OD2 . ASP A 1 70  ? -8.814  -0.492  2.374   1.00 13.04 ? 70  ASP X OD2 1 
ATOM   553  N  N   . VAL A 1 71  ? -6.876  4.501   1.467   1.00 11.61 ? 71  VAL X N   1 
ATOM   554  C  CA  . VAL A 1 71  ? -5.858  5.457   1.006   1.00 11.57 ? 71  VAL X CA  1 
ATOM   555  C  C   . VAL A 1 71  ? -5.780  6.665   1.950   1.00 11.66 ? 71  VAL X C   1 
ATOM   556  O  O   . VAL A 1 71  ? -4.693  7.047   2.395   1.00 11.21 ? 71  VAL X O   1 
ATOM   557  C  CB  . VAL A 1 71  ? -6.105  5.930   -0.454  1.00 11.54 ? 71  VAL X CB  1 
ATOM   558  C  CG1 . VAL A 1 71  ? -5.091  6.990   -0.849  1.00 11.25 ? 71  VAL X CG1 1 
ATOM   559  C  CG2 . VAL A 1 71  ? -6.046  4.755   -1.446  1.00 11.44 ? 71  VAL X CG2 1 
ATOM   560  N  N   . ASP A 1 72  ? -6.940  7.249   2.249   1.00 12.08 ? 72  ASP X N   1 
ATOM   561  C  CA  . ASP A 1 72  ? -7.049  8.402   3.145   1.00 13.33 ? 72  ASP X CA  1 
ATOM   562  C  C   . ASP A 1 72  ? -6.387  8.099   4.495   1.00 13.56 ? 72  ASP X C   1 
ATOM   563  O  O   . ASP A 1 72  ? -5.528  8.859   4.951   1.00 13.63 ? 72  ASP X O   1 
ATOM   564  C  CB  . ASP A 1 72  ? -8.529  8.801   3.303   1.00 13.33 ? 72  ASP X CB  1 
ATOM   565  C  CG  . ASP A 1 72  ? -8.726  10.148  4.002   1.00 15.87 ? 72  ASP X CG  1 
ATOM   566  O  OD1 . ASP A 1 72  ? -7.738  10.829  4.327   1.00 17.75 ? 72  ASP X OD1 1 
ATOM   567  O  OD2 . ASP A 1 72  ? -9.899  10.527  4.225   1.00 19.27 ? 72  ASP X OD2 1 
ATOM   568  N  N   . ALA A 1 73  ? -6.770  6.980   5.114   1.00 13.58 ? 73  ALA X N   1 
ATOM   569  C  CA  . ALA A 1 73  ? -6.216  6.583   6.414   1.00 13.77 ? 73  ALA X CA  1 
ATOM   570  C  C   . ALA A 1 73  ? -4.712  6.299   6.368   1.00 13.69 ? 73  ALA X C   1 
ATOM   571  O  O   . ALA A 1 73  ? -4.003  6.588   7.333   1.00 13.46 ? 73  ALA X O   1 
ATOM   572  C  CB  . ALA A 1 73  ? -6.977  5.385   6.993   1.00 14.26 ? 73  ALA X CB  1 
ATOM   573  N  N   . ALA A 1 74  ? -4.235  5.744   5.251   1.00 13.46 ? 74  ALA X N   1 
ATOM   574  C  CA  . ALA A 1 74  ? -2.805  5.472   5.074   1.00 13.30 ? 74  ALA X CA  1 
ATOM   575  C  C   . ALA A 1 74  ? -1.989  6.767   5.093   1.00 13.41 ? 74  ALA X C   1 
ATOM   576  O  O   . ALA A 1 74  ? -0.982  6.863   5.804   1.00 13.01 ? 74  ALA X O   1 
ATOM   577  C  CB  . ALA A 1 74  ? -2.549  4.687   3.784   1.00 13.31 ? 74  ALA X CB  1 
ATOM   578  N  N   . VAL A 1 75  ? -2.430  7.752   4.310   1.00 13.29 ? 75  VAL X N   1 
ATOM   579  C  CA  A VAL A 1 75  ? -1.788  9.071   4.225   0.50 13.77 ? 75  VAL X CA  1 
ATOM   580  C  CA  B VAL A 1 75  ? -1.687  9.002   4.255   0.50 13.77 ? 75  VAL X CA  1 
ATOM   581  C  C   . VAL A 1 75  ? -1.813  9.775   5.579   1.00 14.10 ? 75  VAL X C   1 
ATOM   582  O  O   . VAL A 1 75  ? -0.816  10.330  6.042   1.00 14.34 ? 75  VAL X O   1 
ATOM   583  C  CB  A VAL A 1 75  ? -2.521  9.976   3.198   0.50 13.72 ? 75  VAL X CB  1 
ATOM   584  C  CB  B VAL A 1 75  ? -1.985  9.840   2.967   0.50 13.75 ? 75  VAL X CB  1 
ATOM   585  C  CG1 A VAL A 1 75  ? -1.971  11.399  3.229   0.50 13.43 ? 75  VAL X CG1 1 
ATOM   586  C  CG1 B VAL A 1 75  ? -3.446  10.266  2.889   0.50 13.16 ? 75  VAL X CG1 1 
ATOM   587  C  CG2 A VAL A 1 75  ? -2.423  9.389   1.808   0.50 13.00 ? 75  VAL X CG2 1 
ATOM   588  C  CG2 B VAL A 1 75  ? -1.037  11.034  2.863   0.50 13.41 ? 75  VAL X CG2 1 
ATOM   589  N  N   . ARG A 1 76  ? -2.991  9.758   6.207   1.00 14.61 ? 76  ARG X N   1 
ATOM   590  C  CA  . ARG A 1 76  ? -3.168  10.434  7.498   1.00 15.40 ? 76  ARG X CA  1 
ATOM   591  C  C   . ARG A 1 76  ? -2.284  9.813   8.580   1.00 15.53 ? 76  ARG X C   1 
ATOM   592  O  O   . ARG A 1 76  ? -1.711  10.533  9.404   1.00 15.74 ? 76  ARG X O   1 
ATOM   593  C  CB  . ARG A 1 76  ? -4.639  10.460  7.930   1.00 15.71 ? 76  ARG X CB  1 
ATOM   594  C  CG  . ARG A 1 76  ? -4.941  11.500  9.026   1.00 16.63 ? 76  ARG X CG  1 
ATOM   595  C  CD  . ARG A 1 76  ? -4.584  12.924  8.593   1.00 18.50 ? 76  ARG X CD  1 
ATOM   596  N  NE  . ARG A 1 76  ? -5.012  13.950  9.548   1.00 19.31 ? 76  ARG X NE  1 
ATOM   597  C  CZ  . ARG A 1 76  ? -6.229  14.494  9.576   1.00 18.66 ? 76  ARG X CZ  1 
ATOM   598  N  NH1 . ARG A 1 76  ? -7.158  14.108  8.710   1.00 19.11 ? 76  ARG X NH1 1 
ATOM   599  N  NH2 . ARG A 1 76  ? -6.517  15.425  10.473  1.00 19.16 ? 76  ARG X NH2 1 
ATOM   600  N  N   . GLY A 1 77  ? -2.161  8.485   8.554   1.00 15.26 ? 77  GLY X N   1 
ATOM   601  C  CA  . GLY A 1 77  ? -1.247  7.761   9.439   1.00 15.67 ? 77  GLY X CA  1 
ATOM   602  C  C   . GLY A 1 77  ? 0.210   8.174   9.273   1.00 15.60 ? 77  GLY X C   1 
ATOM   603  O  O   . GLY A 1 77  ? 0.935   8.348   10.261  1.00 15.62 ? 77  GLY X O   1 
ATOM   604  N  N   . ILE A 1 78  ? 0.639   8.330   8.022   1.00 15.47 ? 78  ILE X N   1 
ATOM   605  C  CA  . ILE A 1 78  ? 1.973   8.854   7.718   1.00 15.26 ? 78  ILE X CA  1 
ATOM   606  C  C   . ILE A 1 78  ? 2.206   10.202  8.423   1.00 15.57 ? 78  ILE X C   1 
ATOM   607  O  O   . ILE A 1 78  ? 3.211   10.386  9.116   1.00 15.20 ? 78  ILE X O   1 
ATOM   608  C  CB  . ILE A 1 78  ? 2.200   8.974   6.182   1.00 15.13 ? 78  ILE X CB  1 
ATOM   609  C  CG1 . ILE A 1 78  ? 2.376   7.574   5.567   1.00 14.87 ? 78  ILE X CG1 1 
ATOM   610  C  CG2 . ILE A 1 78  ? 3.419   9.848   5.873   1.00 14.56 ? 78  ILE X CG2 1 
ATOM   611  C  CD1 . ILE A 1 78  ? 2.313   7.523   4.028   1.00 14.86 ? 78  ILE X CD1 1 
ATOM   612  N  N   . LEU A 1 79  ? 1.263   11.127  8.255   1.00 15.99 ? 79  LEU X N   1 
ATOM   613  C  CA  . LEU A 1 79  ? 1.389   12.477  8.818   1.00 16.62 ? 79  LEU X CA  1 
ATOM   614  C  C   . LEU A 1 79  ? 1.415   12.466  10.347  1.00 16.81 ? 79  LEU X C   1 
ATOM   615  O  O   . LEU A 1 79  ? 2.041   13.330  10.970  1.00 16.46 ? 79  LEU X O   1 
ATOM   616  C  CB  . LEU A 1 79  ? 0.273   13.397  8.294   1.00 16.68 ? 79  LEU X CB  1 
ATOM   617  C  CG  . LEU A 1 79  ? 0.210   13.670  6.783   1.00 17.61 ? 79  LEU X CG  1 
ATOM   618  C  CD1 . LEU A 1 79  ? -0.760  14.812  6.493   1.00 18.90 ? 79  LEU X CD1 1 
ATOM   619  C  CD2 . LEU A 1 79  ? 1.582   13.987  6.179   1.00 17.11 ? 79  LEU X CD2 1 
ATOM   620  N  N   . ARG A 1 80  ? 0.757   11.467  10.936  1.00 16.89 ? 80  ARG X N   1 
ATOM   621  C  CA  . ARG A 1 80  ? 0.691   11.302  12.392  1.00 17.47 ? 80  ARG X CA  1 
ATOM   622  C  C   . ARG A 1 80  ? 1.869   10.526  12.968  1.00 17.57 ? 80  ARG X C   1 
ATOM   623  O  O   . ARG A 1 80  ? 1.997   10.398  14.191  1.00 17.57 ? 80  ARG X O   1 
ATOM   624  C  CB  . ARG A 1 80  ? -0.621  10.619  12.783  1.00 17.37 ? 80  ARG X CB  1 
ATOM   625  C  CG  . ARG A 1 80  ? -1.780  11.578  12.766  1.00 19.06 ? 80  ARG X CG  1 
ATOM   626  C  CD  . ARG A 1 80  ? -3.109  10.889  12.936  1.00 20.88 ? 80  ARG X CD  1 
ATOM   627  N  NE  . ARG A 1 80  ? -4.188  11.861  12.802  1.00 24.04 ? 80  ARG X NE  1 
ATOM   628  C  CZ  . ARG A 1 80  ? -5.419  11.577  12.392  1.00 24.52 ? 80  ARG X CZ  1 
ATOM   629  N  NH1 . ARG A 1 80  ? -5.748  10.335  12.061  1.00 25.15 ? 80  ARG X NH1 1 
ATOM   630  N  NH2 . ARG A 1 80  ? -6.319  12.551  12.299  1.00 26.15 ? 80  ARG X NH2 1 
ATOM   631  N  N   . ASN A 1 81  ? 2.723   10.005  12.091  1.00 17.53 ? 81  ASN X N   1 
ATOM   632  C  CA  . ASN A 1 81  ? 3.889   9.241   12.522  1.00 17.85 ? 81  ASN X CA  1 
ATOM   633  C  C   . ASN A 1 81  ? 5.152   10.097  12.480  1.00 18.11 ? 81  ASN X C   1 
ATOM   634  O  O   . ASN A 1 81  ? 5.602   10.501  11.403  1.00 18.13 ? 81  ASN X O   1 
ATOM   635  C  CB  . ASN A 1 81  ? 4.049   7.979   11.668  1.00 17.73 ? 81  ASN X CB  1 
ATOM   636  C  CG  . ASN A 1 81  ? 5.110   7.029   12.207  1.00 18.43 ? 81  ASN X CG  1 
ATOM   637  O  OD1 . ASN A 1 81  ? 6.213   7.442   12.578  1.00 18.88 ? 81  ASN X OD1 1 
ATOM   638  N  ND2 . ASN A 1 81  ? 4.781   5.742   12.237  1.00 19.06 ? 81  ASN X ND2 1 
ATOM   639  N  N   . ALA A 1 82  ? 5.729   10.347  13.658  1.00 18.47 ? 82  ALA X N   1 
ATOM   640  C  CA  . ALA A 1 82  ? 6.870   11.261  13.800  1.00 18.91 ? 82  ALA X CA  1 
ATOM   641  C  C   . ALA A 1 82  ? 8.127   10.832  13.034  1.00 19.13 ? 82  ALA X C   1 
ATOM   642  O  O   . ALA A 1 82  ? 8.959   11.674  12.682  1.00 19.71 ? 82  ALA X O   1 
ATOM   643  C  CB  . ALA A 1 82  ? 7.190   11.498  15.284  1.00 19.22 ? 82  ALA X CB  1 
ATOM   644  N  N   . LYS A 1 83  ? 8.259   9.533   12.778  1.00 19.07 ? 83  LYS X N   1 
ATOM   645  C  CA  . LYS A 1 83  ? 9.374   8.996   11.996  1.00 18.98 ? 83  LYS X CA  1 
ATOM   646  C  C   . LYS A 1 83  ? 9.129   9.023   10.480  1.00 18.75 ? 83  LYS X C   1 
ATOM   647  O  O   . LYS A 1 83  ? 10.077  8.956   9.689   1.00 19.52 ? 83  LYS X O   1 
ATOM   648  C  CB  . LYS A 1 83  ? 9.706   7.574   12.445  1.00 19.37 ? 83  LYS X CB  1 
ATOM   649  N  N   . LEU A 1 84  ? 7.866   9.111   10.075  1.00 17.58 ? 84  LEU X N   1 
ATOM   650  C  CA  . LEU A 1 84  ? 7.519   9.103   8.656   1.00 16.54 ? 84  LEU X CA  1 
ATOM   651  C  C   . LEU A 1 84  ? 7.242   10.499  8.101   1.00 15.81 ? 84  LEU X C   1 
ATOM   652  O  O   . LEU A 1 84  ? 7.617   10.803  6.966   1.00 15.20 ? 84  LEU X O   1 
ATOM   653  C  CB  . LEU A 1 84  ? 6.323   8.179   8.390   1.00 16.66 ? 84  LEU X CB  1 
ATOM   654  C  CG  . LEU A 1 84  ? 6.456   6.730   8.874   1.00 17.29 ? 84  LEU X CG  1 
ATOM   655  C  CD1 . LEU A 1 84  ? 5.208   5.930   8.538   1.00 18.31 ? 84  LEU X CD1 1 
ATOM   656  C  CD2 . LEU A 1 84  ? 7.693   6.071   8.283   1.00 17.71 ? 84  LEU X CD2 1 
ATOM   657  N  N   . LYS A 1 85  ? 6.597   11.342  8.906   1.00 14.86 ? 85  LYS X N   1 
ATOM   658  C  CA  . LYS A 1 85  ? 6.168   12.664  8.446   1.00 14.41 ? 85  LYS X CA  1 
ATOM   659  C  C   . LYS A 1 85  ? 7.273   13.521  7.796   1.00 13.99 ? 85  LYS X C   1 
ATOM   660  O  O   . LYS A 1 85  ? 7.061   14.028  6.697   1.00 13.97 ? 85  LYS X O   1 
ATOM   661  C  CB  . LYS A 1 85  ? 5.425   13.442  9.543   1.00 14.35 ? 85  LYS X CB  1 
ATOM   662  C  CG  . LYS A 1 85  ? 4.730   14.697  9.031   1.00 14.88 ? 85  LYS X CG  1 
ATOM   663  C  CD  . LYS A 1 85  ? 4.447   15.666  10.152  1.00 16.93 ? 85  LYS X CD  1 
ATOM   664  C  CE  . LYS A 1 85  ? 3.630   16.838  9.659   1.00 17.64 ? 85  LYS X CE  1 
ATOM   665  N  NZ  . LYS A 1 85  ? 3.055   17.571  10.820  1.00 21.09 ? 85  LYS X NZ  1 
ATOM   666  N  N   . PRO A 1 86  ? 8.450   13.675  8.454   1.00 13.79 ? 86  PRO X N   1 
ATOM   667  C  CA  . PRO A 1 86  ? 9.461   14.554  7.851   1.00 13.47 ? 86  PRO X CA  1 
ATOM   668  C  C   . PRO A 1 86  ? 9.931   14.050  6.489   1.00 12.96 ? 86  PRO X C   1 
ATOM   669  O  O   . PRO A 1 86  ? 10.139  14.852  5.575   1.00 12.59 ? 86  PRO X O   1 
ATOM   670  C  CB  . PRO A 1 86  ? 10.628  14.526  8.854   1.00 13.81 ? 86  PRO X CB  1 
ATOM   671  C  CG  . PRO A 1 86  ? 10.110  13.907  10.079  1.00 14.59 ? 86  PRO X CG  1 
ATOM   672  C  CD  . PRO A 1 86  ? 8.933   13.067  9.709   1.00 13.88 ? 86  PRO X CD  1 
ATOM   673  N  N   . VAL A 1 87  ? 10.084  12.736  6.348   1.00 12.27 ? 87  VAL X N   1 
ATOM   674  C  CA  . VAL A 1 87  ? 10.534  12.172  5.080   1.00 12.03 ? 87  VAL X CA  1 
ATOM   675  C  C   . VAL A 1 87  ? 9.467   12.406  4.011   1.00 11.58 ? 87  VAL X C   1 
ATOM   676  O  O   . VAL A 1 87  ? 9.760   12.890  2.923   1.00 11.01 ? 87  VAL X O   1 
ATOM   677  C  CB  . VAL A 1 87  ? 10.899  10.670  5.190   1.00 12.28 ? 87  VAL X CB  1 
ATOM   678  C  CG1 . VAL A 1 87  ? 11.592  10.207  3.914   1.00 11.81 ? 87  VAL X CG1 1 
ATOM   679  C  CG2 . VAL A 1 87  ? 11.808  10.431  6.399   1.00 13.30 ? 87  VAL X CG2 1 
ATOM   680  N  N   . TYR A 1 88  ? 8.221   12.085  4.348   1.00 11.60 ? 88  TYR X N   1 
ATOM   681  C  CA  . TYR A 1 88  ? 7.110   12.264  3.425   1.00 11.43 ? 88  TYR X CA  1 
ATOM   682  C  C   . TYR A 1 88  ? 7.022   13.719  2.942   1.00 11.15 ? 88  TYR X C   1 
ATOM   683  O  O   . TYR A 1 88  ? 6.931   13.993  1.737   1.00 10.56 ? 88  TYR X O   1 
ATOM   684  C  CB  . TYR A 1 88  ? 5.810   11.847  4.112   1.00 11.62 ? 88  TYR X CB  1 
ATOM   685  C  CG  . TYR A 1 88  ? 4.592   11.982  3.234   1.00 12.61 ? 88  TYR X CG  1 
ATOM   686  C  CD1 . TYR A 1 88  ? 4.223   10.957  2.361   1.00 12.86 ? 88  TYR X CD1 1 
ATOM   687  C  CD2 . TYR A 1 88  ? 3.802   13.131  3.277   1.00 13.20 ? 88  TYR X CD2 1 
ATOM   688  C  CE1 . TYR A 1 88  ? 3.098   11.078  1.554   1.00 13.09 ? 88  TYR X CE1 1 
ATOM   689  C  CE2 . TYR A 1 88  ? 2.682   13.263  2.468   1.00 13.72 ? 88  TYR X CE2 1 
ATOM   690  C  CZ  . TYR A 1 88  ? 2.336   12.234  1.612   1.00 13.15 ? 88  TYR X CZ  1 
ATOM   691  O  OH  . TYR A 1 88  ? 1.221   12.362  0.806   1.00 13.64 ? 88  TYR X OH  1 
ATOM   692  N  N   . ASP A 1 89  ? 7.063   14.649  3.891   1.00 11.30 ? 89  ASP X N   1 
ATOM   693  C  CA  . ASP A 1 89  ? 6.966   16.073  3.573   1.00 11.75 ? 89  ASP X CA  1 
ATOM   694  C  C   . ASP A 1 89  ? 8.135   16.556  2.716   1.00 11.49 ? 89  ASP X C   1 
ATOM   695  O  O   . ASP A 1 89  ? 7.984   17.480  1.927   1.00 11.44 ? 89  ASP X O   1 
ATOM   696  C  CB  . ASP A 1 89  ? 6.842   16.903  4.850   1.00 11.92 ? 89  ASP X CB  1 
ATOM   697  C  CG  . ASP A 1 89  ? 5.437   16.857  5.441   1.00 13.14 ? 89  ASP X CG  1 
ATOM   698  O  OD1 . ASP A 1 89  ? 4.477   16.477  4.732   1.00 14.31 ? 89  ASP X OD1 1 
ATOM   699  O  OD2 . ASP A 1 89  ? 5.295   17.218  6.619   1.00 15.48 ? 89  ASP X OD2 1 
ATOM   700  N  N   . SER A 1 90  ? 9.283   15.893  2.837   1.00 11.39 ? 90  SER X N   1 
ATOM   701  C  CA  . SER A 1 90  ? 10.470  16.262  2.058   1.00 11.11 ? 90  SER X CA  1 
ATOM   702  C  C   . SER A 1 90  ? 10.349  15.869  0.572   1.00 11.05 ? 90  SER X C   1 
ATOM   703  O  O   . SER A 1 90  ? 11.082  16.379  -0.277  1.00 10.89 ? 90  SER X O   1 
ATOM   704  C  CB  . SER A 1 90  ? 11.716  15.613  2.667   1.00 11.00 ? 90  SER X CB  1 
ATOM   705  O  OG  . SER A 1 90  ? 11.832  14.264  2.240   1.00 10.76 ? 90  SER X OG  1 
ATOM   706  N  N   . LEU A 1 91  ? 9.423   14.956  0.273   1.00 10.59 ? 91  LEU X N   1 
ATOM   707  C  CA  . LEU A 1 91  ? 9.276   14.386  -1.067  1.00 10.30 ? 91  LEU X CA  1 
ATOM   708  C  C   . LEU A 1 91  ? 8.381   15.220  -1.973  1.00 10.12 ? 91  LEU X C   1 
ATOM   709  O  O   . LEU A 1 91  ? 7.499   15.927  -1.493  1.00 10.52 ? 91  LEU X O   1 
ATOM   710  C  CB  . LEU A 1 91  ? 8.701   12.964  -0.981  1.00 9.89  ? 91  LEU X CB  1 
ATOM   711  C  CG  . LEU A 1 91  ? 9.526   11.904  -0.239  1.00 10.35 ? 91  LEU X CG  1 
ATOM   712  C  CD1 . LEU A 1 91  ? 8.723   10.621  -0.118  1.00 9.54  ? 91  LEU X CD1 1 
ATOM   713  C  CD2 . LEU A 1 91  ? 10.846  11.649  -0.954  1.00 9.03  ? 91  LEU X CD2 1 
ATOM   714  N  N   . ASP A 1 92  ? 8.632   15.125  -3.279  1.00 9.81  ? 92  ASP X N   1 
ATOM   715  C  CA  . ASP A 1 92  ? 7.708   15.601  -4.323  1.00 9.59  ? 92  ASP X CA  1 
ATOM   716  C  C   . ASP A 1 92  ? 6.479   14.688  -4.360  1.00 9.42  ? 92  ASP X C   1 
ATOM   717  O  O   . ASP A 1 92  ? 6.506   13.600  -3.787  1.00 9.33  ? 92  ASP X O   1 
ATOM   718  C  CB  . ASP A 1 92  ? 8.382   15.517  -5.685  1.00 9.63  ? 92  ASP X CB  1 
ATOM   719  C  CG  . ASP A 1 92  ? 8.848   14.105  -6.001  1.00 9.94  ? 92  ASP X CG  1 
ATOM   720  O  OD1 . ASP A 1 92  ? 9.927   13.730  -5.507  1.00 10.99 ? 92  ASP X OD1 1 
ATOM   721  O  OD2 . ASP A 1 92  ? 8.125   13.368  -6.698  1.00 10.61 ? 92  ASP X OD2 1 
ATOM   722  N  N   . ALA A 1 93  ? 5.439   15.112  -5.083  1.00 9.32  ? 93  ALA X N   1 
ATOM   723  C  CA  . ALA A 1 93  ? 4.147   14.407  -5.117  1.00 9.29  ? 93  ALA X CA  1 
ATOM   724  C  C   . ALA A 1 93  ? 4.190   12.985  -5.699  1.00 9.20  ? 93  ALA X C   1 
ATOM   725  O  O   . ALA A 1 93  ? 3.429   12.114  -5.271  1.00 8.81  ? 93  ALA X O   1 
ATOM   726  C  CB  . ALA A 1 93  ? 3.104   15.251  -5.845  1.00 9.23  ? 93  ALA X CB  1 
ATOM   727  N  N   . VAL A 1 94  ? 5.058   12.753  -6.676  1.00 9.23  ? 94  VAL X N   1 
ATOM   728  C  CA  . VAL A 1 94  ? 5.162   11.416  -7.285  1.00 9.36  ? 94  VAL X CA  1 
ATOM   729  C  C   . VAL A 1 94  ? 5.760   10.434  -6.266  1.00 9.38  ? 94  VAL X C   1 
ATOM   730  O  O   . VAL A 1 94  ? 5.206   9.361   -6.033  1.00 9.24  ? 94  VAL X O   1 
ATOM   731  C  CB  . VAL A 1 94  ? 5.982   11.431  -8.597  1.00 9.38  ? 94  VAL X CB  1 
ATOM   732  C  CG1 . VAL A 1 94  ? 6.152   10.005  -9.163  1.00 9.54  ? 94  VAL X CG1 1 
ATOM   733  C  CG2 . VAL A 1 94  ? 5.320   12.344  -9.634  1.00 9.74  ? 94  VAL X CG2 1 
ATOM   734  N  N   . ARG A 1 95  ? 6.879   10.816  -5.652  1.00 9.54  ? 95  ARG X N   1 
ATOM   735  C  CA  . ARG A 1 95  ? 7.512   9.963   -4.639  1.00 9.41  ? 95  ARG X CA  1 
ATOM   736  C  C   . ARG A 1 95  ? 6.625   9.791   -3.389  1.00 9.35  ? 95  ARG X C   1 
ATOM   737  O  O   . ARG A 1 95  ? 6.664   8.754   -2.732  1.00 9.04  ? 95  ARG X O   1 
ATOM   738  C  CB  . ARG A 1 95  ? 8.896   10.498  -4.282  1.00 9.38  ? 95  ARG X CB  1 
ATOM   739  C  CG  . ARG A 1 95  ? 9.878   10.390  -5.451  1.00 8.56  ? 95  ARG X CG  1 
ATOM   740  C  CD  . ARG A 1 95  ? 11.241  10.874  -5.047  1.00 9.55  ? 95  ARG X CD  1 
ATOM   741  N  NE  . ARG A 1 95  ? 12.256  10.602  -6.067  1.00 7.84  ? 95  ARG X NE  1 
ATOM   742  C  CZ  . ARG A 1 95  ? 12.647  11.475  -6.994  1.00 9.70  ? 95  ARG X CZ  1 
ATOM   743  N  NH1 . ARG A 1 95  ? 12.098  12.687  -7.056  1.00 10.73 ? 95  ARG X NH1 1 
ATOM   744  N  NH2 . ARG A 1 95  ? 13.592  11.133  -7.868  1.00 9.79  ? 95  ARG X NH2 1 
ATOM   745  N  N   . ARG A 1 96  ? 5.824   10.809  -3.073  1.00 9.34  ? 96  ARG X N   1 
ATOM   746  C  CA  . ARG A 1 96  ? 4.819   10.684  -2.008  1.00 9.64  ? 96  ARG X CA  1 
ATOM   747  C  C   . ARG A 1 96  ? 3.848   9.526   -2.244  1.00 9.82  ? 96  ARG X C   1 
ATOM   748  O  O   . ARG A 1 96  ? 3.495   8.812   -1.306  1.00 9.81  ? 96  ARG X O   1 
ATOM   749  C  CB  . ARG A 1 96  ? 4.043   11.987  -1.829  1.00 9.71  ? 96  ARG X CB  1 
ATOM   750  C  CG  . ARG A 1 96  ? 4.796   12.999  -1.008  1.00 9.82  ? 96  ARG X CG  1 
ATOM   751  C  CD  . ARG A 1 96  ? 4.010   14.290  -0.861  1.00 11.11 ? 96  ARG X CD  1 
ATOM   752  N  NE  . ARG A 1 96  ? 4.829   15.287  -0.176  1.00 11.53 ? 96  ARG X NE  1 
ATOM   753  C  CZ  . ARG A 1 96  ? 4.484   16.553  0.033   1.00 12.68 ? 96  ARG X CZ  1 
ATOM   754  N  NH1 . ARG A 1 96  ? 3.307   17.007  -0.382  1.00 14.72 ? 96  ARG X NH1 1 
ATOM   755  N  NH2 . ARG A 1 96  ? 5.326   17.373  0.660   1.00 12.35 ? 96  ARG X NH2 1 
ATOM   756  N  N   . ALA A 1 97  ? 3.421   9.349   -3.494  1.00 10.06 ? 97  ALA X N   1 
ATOM   757  C  CA  . ALA A 1 97  ? 2.535   8.241   -3.855  1.00 10.07 ? 97  ALA X CA  1 
ATOM   758  C  C   . ALA A 1 97  ? 3.237   6.894   -3.623  1.00 10.34 ? 97  ALA X C   1 
ATOM   759  O  O   . ALA A 1 97  ? 2.647   5.964   -3.076  1.00 9.65  ? 97  ALA X O   1 
ATOM   760  C  CB  . ALA A 1 97  ? 2.066   8.378   -5.304  1.00 10.24 ? 97  ALA X CB  1 
ATOM   761  N  N   . ALA A 1 98  ? 4.511   6.815   -4.004  1.00 10.24 ? 98  ALA X N   1 
ATOM   762  C  CA  . ALA A 1 98  ? 5.327   5.630   -3.710  1.00 10.06 ? 98  ALA X CA  1 
ATOM   763  C  C   . ALA A 1 98  ? 5.380   5.313   -2.202  1.00 9.79  ? 98  ALA X C   1 
ATOM   764  O  O   . ALA A 1 98  ? 5.288   4.147   -1.803  1.00 9.72  ? 98  ALA X O   1 
ATOM   765  C  CB  . ALA A 1 98  ? 6.729   5.789   -4.302  1.00 10.10 ? 98  ALA X CB  1 
ATOM   766  N  N   . ALA A 1 99  ? 5.501   6.356   -1.375  1.00 9.47  ? 99  ALA X N   1 
ATOM   767  C  CA  . ALA A 1 99  ? 5.474   6.223   0.081   1.00 9.45  ? 99  ALA X CA  1 
ATOM   768  C  C   . ALA A 1 99  ? 4.134   5.664   0.574   1.00 9.26  ? 99  ALA X C   1 
ATOM   769  O  O   . ALA A 1 99  ? 4.095   4.754   1.409   1.00 8.96  ? 99  ALA X O   1 
ATOM   770  C  CB  . ALA A 1 99  ? 5.767   7.572   0.747   1.00 9.52  ? 99  ALA X CB  1 
ATOM   771  N  N   . ILE A 1 100 ? 3.041   6.201   0.034   1.00 9.13  ? 100 ILE X N   1 
ATOM   772  C  CA  . ILE A 1 100 ? 1.687   5.765   0.413   1.00 9.17  ? 100 ILE X CA  1 
ATOM   773  C  C   . ILE A 1 100 ? 1.480   4.313   -0.010  1.00 9.25  ? 100 ILE X C   1 
ATOM   774  O  O   . ILE A 1 100 ? 0.913   3.508   0.746   1.00 8.98  ? 100 ILE X O   1 
ATOM   775  C  CB  . ILE A 1 100 ? 0.583   6.679   -0.194  1.00 8.85  ? 100 ILE X CB  1 
ATOM   776  C  CG1 . ILE A 1 100 ? 0.704   8.114   0.347   1.00 9.29  ? 100 ILE X CG1 1 
ATOM   777  C  CG2 . ILE A 1 100 ? -0.830  6.113   0.096   1.00 8.58  ? 100 ILE X CG2 1 
ATOM   778  C  CD1 . ILE A 1 100 ? 0.155   9.174   -0.581  1.00 7.94  ? 100 ILE X CD1 1 
ATOM   779  N  N   . ASN A 1 101 ? 1.968   3.984   -1.202  1.00 9.34  ? 101 ASN X N   1 
ATOM   780  C  CA  . ASN A 1 101 ? 1.896   2.619   -1.718  1.00 9.51  ? 101 ASN X CA  1 
ATOM   781  C  C   . ASN A 1 101 ? 2.499   1.611   -0.725  1.00 9.60  ? 101 ASN X C   1 
ATOM   782  O  O   . ASN A 1 101 ? 1.853   0.617   -0.347  1.00 9.38  ? 101 ASN X O   1 
ATOM   783  C  CB  . ASN A 1 101 ? 2.588   2.542   -3.086  1.00 9.67  ? 101 ASN X CB  1 
ATOM   784  C  CG  . ASN A 1 101 ? 2.251   1.276   -3.842  1.00 9.21  ? 101 ASN X CG  1 
ATOM   785  O  OD1 . ASN A 1 101 ? 2.440   0.172   -3.337  1.00 8.71  ? 101 ASN X OD1 1 
ATOM   786  N  ND2 . ASN A 1 101 ? 1.753   1.432   -5.068  1.00 9.59  ? 101 ASN X ND2 1 
ATOM   787  N  N   . MET A 1 102 ? 3.717   1.895   -0.280  1.00 9.73  ? 102 MET X N   1 
ATOM   788  C  CA  . MET A 1 102 ? 4.411   1.034   0.679   1.00 10.55 ? 102 MET X CA  1 
ATOM   789  C  C   . MET A 1 102 ? 3.655   0.846   1.999   1.00 10.56 ? 102 MET X C   1 
ATOM   790  O  O   . MET A 1 102 ? 3.552   -0.276  2.501   1.00 10.69 ? 102 MET X O   1 
ATOM   791  C  CB  . MET A 1 102 ? 5.811   1.565   0.952   1.00 10.44 ? 102 MET X CB  1 
ATOM   792  C  CG  . MET A 1 102 ? 6.784   1.328   -0.180  1.00 10.78 ? 102 MET X CG  1 
ATOM   793  S  SD  . MET A 1 102 ? 8.500   1.542   0.322   1.00 11.66 ? 102 MET X SD  1 
ATOM   794  C  CE  . MET A 1 102 ? 8.851   0.005   1.164   1.00 11.92 ? 102 MET X CE  1 
ATOM   795  N  N   . VAL A 1 103 ? 3.150   1.941   2.560   1.00 10.93 ? 103 VAL X N   1 
ATOM   796  C  CA  . VAL A 1 103 ? 2.389   1.898   3.816   1.00 11.40 ? 103 VAL X CA  1 
ATOM   797  C  C   . VAL A 1 103 ? 1.078   1.119   3.641   1.00 11.16 ? 103 VAL X C   1 
ATOM   798  O  O   . VAL A 1 103 ? 0.692   0.326   4.512   1.00 11.28 ? 103 VAL X O   1 
ATOM   799  C  CB  . VAL A 1 103 ? 2.126   3.320   4.381   1.00 11.41 ? 103 VAL X CB  1 
ATOM   800  C  CG1 . VAL A 1 103 ? 1.099   3.285   5.508   1.00 12.77 ? 103 VAL X CG1 1 
ATOM   801  C  CG2 . VAL A 1 103 ? 3.438   3.952   4.881   1.00 12.76 ? 103 VAL X CG2 1 
ATOM   802  N  N   . PHE A 1 104 ? 0.415   1.330   2.508   1.00 11.18 ? 104 PHE X N   1 
ATOM   803  C  CA  . PHE A 1 104 ? -0.796  0.587   2.148   1.00 11.46 ? 104 PHE X CA  1 
ATOM   804  C  C   . PHE A 1 104 ? -0.527  -0.928  2.171   1.00 12.00 ? 104 PHE X C   1 
ATOM   805  O  O   . PHE A 1 104 ? -1.320  -1.703  2.720   1.00 11.73 ? 104 PHE X O   1 
ATOM   806  C  CB  . PHE A 1 104 ? -1.295  1.045   0.765   1.00 11.50 ? 104 PHE X CB  1 
ATOM   807  C  CG  . PHE A 1 104 ? -2.681  0.557   0.398   1.00 11.95 ? 104 PHE X CG  1 
ATOM   808  C  CD1 . PHE A 1 104 ? -2.872  -0.709  -0.167  1.00 12.59 ? 104 PHE X CD1 1 
ATOM   809  C  CD2 . PHE A 1 104 ? -3.794  1.385   0.574   1.00 13.39 ? 104 PHE X CD2 1 
ATOM   810  C  CE1 . PHE A 1 104 ? -4.157  -1.156  -0.524  1.00 11.83 ? 104 PHE X CE1 1 
ATOM   811  C  CE2 . PHE A 1 104 ? -5.078  0.956   0.217   1.00 12.87 ? 104 PHE X CE2 1 
ATOM   812  C  CZ  . PHE A 1 104 ? -5.261  -0.322  -0.329  1.00 12.86 ? 104 PHE X CZ  1 
ATOM   813  N  N   . GLN A 1 105 ? 0.605   -1.344  1.607   1.00 12.12 ? 105 GLN X N   1 
ATOM   814  C  CA  . GLN A 1 105 ? 0.925   -2.769  1.498   1.00 12.81 ? 105 GLN X CA  1 
ATOM   815  C  C   . GLN A 1 105 ? 1.392   -3.418  2.808   1.00 13.89 ? 105 GLN X C   1 
ATOM   816  O  O   . GLN A 1 105 ? 0.968   -4.530  3.142   1.00 13.63 ? 105 GLN X O   1 
ATOM   817  C  CB  . GLN A 1 105 ? 1.977   -3.005  0.408   1.00 12.49 ? 105 GLN X CB  1 
ATOM   818  C  CG  . GLN A 1 105 ? 2.243   -4.500  0.117   1.00 12.38 ? 105 GLN X CG  1 
ATOM   819  C  CD  . GLN A 1 105 ? 3.364   -4.732  -0.874  1.00 12.10 ? 105 GLN X CD  1 
ATOM   820  O  OE1 . GLN A 1 105 ? 3.903   -3.793  -1.456  1.00 11.82 ? 105 GLN X OE1 1 
ATOM   821  N  NE2 . GLN A 1 105 ? 3.726   -5.998  -1.066  1.00 12.32 ? 105 GLN X NE2 1 
ATOM   822  N  N   . MET A 1 106 ? 2.259   -2.726  3.540   1.00 14.56 ? 106 MET X N   1 
ATOM   823  C  CA  A MET A 1 106 ? 2.905   -3.362  4.686   0.50 15.24 ? 106 MET X CA  1 
ATOM   824  C  CA  B MET A 1 106 ? 2.974   -3.303  4.679   0.50 16.03 ? 106 MET X CA  1 
ATOM   825  C  C   . MET A 1 106 ? 2.527   -2.748  6.028   1.00 15.77 ? 106 MET X C   1 
ATOM   826  O  O   . MET A 1 106 ? 2.888   -3.282  7.081   1.00 15.77 ? 106 MET X O   1 
ATOM   827  C  CB  A MET A 1 106 ? 4.430   -3.426  4.500   0.50 15.23 ? 106 MET X CB  1 
ATOM   828  C  CB  B MET A 1 106 ? 4.477   -3.060  4.513   0.50 15.83 ? 106 MET X CB  1 
ATOM   829  C  CG  A MET A 1 106 ? 5.139   -2.085  4.506   0.50 14.97 ? 106 MET X CG  1 
ATOM   830  C  CG  B MET A 1 106 ? 5.147   -3.888  3.423   0.50 16.87 ? 106 MET X CG  1 
ATOM   831  S  SD  A MET A 1 106 ? 6.901   -2.210  4.159   0.50 15.52 ? 106 MET X SD  1 
ATOM   832  S  SD  B MET A 1 106 ? 6.547   -3.058  2.635   0.50 18.79 ? 106 MET X SD  1 
ATOM   833  C  CE  A MET A 1 106 ? 6.883   -2.395  2.375   0.50 15.67 ? 106 MET X CE  1 
ATOM   834  C  CE  B MET A 1 106 ? 7.150   -2.021  3.967   0.50 18.52 ? 106 MET X CE  1 
ATOM   835  N  N   . GLY A 1 107 ? 1.768   -1.655  5.995   1.00 16.38 ? 107 GLY X N   1 
ATOM   836  C  CA  . GLY A 1 107 ? 1.413   -0.934  7.215   1.00 17.33 ? 107 GLY X CA  1 
ATOM   837  C  C   . GLY A 1 107 ? 2.592   -0.143  7.768   1.00 18.29 ? 107 GLY X C   1 
ATOM   838  O  O   . GLY A 1 107 ? 3.732   -0.296  7.316   1.00 17.58 ? 107 GLY X O   1 
ATOM   839  N  N   . GLU A 1 108 ? 2.328   0.711   8.754   1.00 19.23 ? 108 GLU X N   1 
ATOM   840  C  CA  . GLU A 1 108 ? 3.408   1.453   9.414   1.00 20.39 ? 108 GLU X CA  1 
ATOM   841  C  C   . GLU A 1 108 ? 4.446   0.574   10.123  1.00 20.99 ? 108 GLU X C   1 
ATOM   842  O  O   . GLU A 1 108 ? 5.635   0.914   10.148  1.00 21.02 ? 108 GLU X O   1 
ATOM   843  C  CB  . GLU A 1 108 ? 2.848   2.496   10.373  1.00 20.32 ? 108 GLU X CB  1 
ATOM   844  C  CG  . GLU A 1 108 ? 2.331   3.723   9.664   1.00 21.16 ? 108 GLU X CG  1 
ATOM   845  C  CD  . GLU A 1 108 ? 1.556   4.645   10.574  1.00 21.73 ? 108 GLU X CD  1 
ATOM   846  O  OE1 . GLU A 1 108 ? 1.984   4.853   11.731  1.00 20.79 ? 108 GLU X OE1 1 
ATOM   847  O  OE2 . GLU A 1 108 ? 0.516   5.158   10.123  1.00 22.08 ? 108 GLU X OE2 1 
ATOM   848  N  N   . THR A 1 109 ? 4.002   -0.548  10.685  1.00 21.69 ? 109 THR X N   1 
ATOM   849  C  CA  . THR A 1 109 ? 4.915   -1.496  11.339  1.00 22.54 ? 109 THR X CA  1 
ATOM   850  C  C   . THR A 1 109 ? 5.855   -2.161  10.337  1.00 22.45 ? 109 THR X C   1 
ATOM   851  O  O   . THR A 1 109 ? 7.010   -2.440  10.658  1.00 22.52 ? 109 THR X O   1 
ATOM   852  C  CB  . THR A 1 109 ? 4.169   -2.595  12.139  1.00 22.79 ? 109 THR X CB  1 
ATOM   853  O  OG1 . THR A 1 109 ? 3.458   -3.454  11.239  1.00 24.29 ? 109 THR X OG1 1 
ATOM   854  C  CG2 . THR A 1 109 ? 3.196   -1.977  13.144  1.00 23.29 ? 109 THR X CG2 1 
ATOM   855  N  N   . GLY A 1 110 ? 5.351   -2.420  9.131   1.00 22.47 ? 110 GLY X N   1 
ATOM   856  C  CA  . GLY A 1 110 ? 6.162   -2.983  8.051   1.00 22.30 ? 110 GLY X CA  1 
ATOM   857  C  C   . GLY A 1 110 ? 7.207   -1.988  7.576   1.00 22.47 ? 110 GLY X C   1 
ATOM   858  O  O   . GLY A 1 110 ? 8.322   -2.366  7.208   1.00 22.99 ? 110 GLY X O   1 
ATOM   859  N  N   . VAL A 1 111 ? 6.838   -0.709  7.592   1.00 21.89 ? 111 VAL X N   1 
ATOM   860  C  CA  . VAL A 1 111 ? 7.718   0.376   7.157   1.00 21.41 ? 111 VAL X CA  1 
ATOM   861  C  C   . VAL A 1 111 ? 8.787   0.704   8.223   1.00 20.84 ? 111 VAL X C   1 
ATOM   862  O  O   . VAL A 1 111 ? 9.814   1.304   7.909   1.00 20.54 ? 111 VAL X O   1 
ATOM   863  C  CB  . VAL A 1 111 ? 6.885   1.632   6.742   1.00 21.49 ? 111 VAL X CB  1 
ATOM   864  C  CG1 . VAL A 1 111 ? 7.768   2.859   6.532   1.00 22.13 ? 111 VAL X CG1 1 
ATOM   865  C  CG2 . VAL A 1 111 ? 6.087   1.339   5.470   1.00 22.03 ? 111 VAL X CG2 1 
ATOM   866  N  N   . ALA A 1 112 ? 8.554   0.274   9.465   1.00 20.39 ? 112 ALA X N   1 
ATOM   867  C  CA  . ALA A 1 112 ? 9.494   0.511   10.578  1.00 19.70 ? 112 ALA X CA  1 
ATOM   868  C  C   . ALA A 1 112 ? 10.904  -0.042  10.334  1.00 19.16 ? 112 ALA X C   1 
ATOM   869  O  O   . ALA A 1 112 ? 11.888  0.515   10.824  1.00 18.89 ? 112 ALA X O   1 
ATOM   870  C  CB  . ALA A 1 112 ? 8.930   -0.040  11.885  1.00 19.67 ? 112 ALA X CB  1 
ATOM   871  N  N   . GLY A 1 113 ? 10.998  -1.132  9.575   1.00 18.48 ? 113 GLY X N   1 
ATOM   872  C  CA  . GLY A 1 113 ? 12.292  -1.711  9.227   1.00 17.79 ? 113 GLY X CA  1 
ATOM   873  C  C   . GLY A 1 113 ? 13.075  -0.924  8.181   1.00 17.40 ? 113 GLY X C   1 
ATOM   874  O  O   . GLY A 1 113 ? 14.257  -1.187  7.965   1.00 17.68 ? 113 GLY X O   1 
ATOM   875  N  N   . PHE A 1 114 ? 12.432  0.066   7.561   1.00 16.68 ? 114 PHE X N   1 
ATOM   876  C  CA  . PHE A 1 114 ? 13.027  0.798   6.433   1.00 16.10 ? 114 PHE X CA  1 
ATOM   877  C  C   . PHE A 1 114 ? 13.741  2.110   6.791   1.00 15.86 ? 114 PHE X C   1 
ATOM   878  O  O   . PHE A 1 114 ? 14.020  2.936   5.909   1.00 15.36 ? 114 PHE X O   1 
ATOM   879  C  CB  . PHE A 1 114 ? 11.974  1.025   5.344   1.00 16.33 ? 114 PHE X CB  1 
ATOM   880  C  CG  . PHE A 1 114 ? 11.666  -0.208  4.544   1.00 16.19 ? 114 PHE X CG  1 
ATOM   881  C  CD1 . PHE A 1 114 ? 10.716  -1.121  4.990   1.00 16.91 ? 114 PHE X CD1 1 
ATOM   882  C  CD2 . PHE A 1 114 ? 12.341  -0.466  3.357   1.00 16.23 ? 114 PHE X CD2 1 
ATOM   883  C  CE1 . PHE A 1 114 ? 10.440  -2.272  4.262   1.00 17.05 ? 114 PHE X CE1 1 
ATOM   884  C  CE2 . PHE A 1 114 ? 12.074  -1.618  2.620   1.00 15.45 ? 114 PHE X CE2 1 
ATOM   885  C  CZ  . PHE A 1 114 ? 11.120  -2.519  3.069   1.00 16.44 ? 114 PHE X CZ  1 
ATOM   886  N  N   . THR A 1 115 ? 14.056  2.280   8.074   1.00 15.44 ? 115 THR X N   1 
ATOM   887  C  CA  . THR A 1 115 ? 14.718  3.486   8.600   1.00 15.19 ? 115 THR X CA  1 
ATOM   888  C  C   . THR A 1 115 ? 15.892  3.974   7.744   1.00 14.79 ? 115 THR X C   1 
ATOM   889  O  O   . THR A 1 115 ? 15.986  5.165   7.439   1.00 13.91 ? 115 THR X O   1 
ATOM   890  C  CB  . THR A 1 115 ? 15.191  3.268   10.068  1.00 15.96 ? 115 THR X CB  1 
ATOM   891  O  OG1 . THR A 1 115 ? 14.098  2.772   10.848  1.00 16.54 ? 115 THR X OG1 1 
ATOM   892  C  CG2 . THR A 1 115 ? 15.707  4.574   10.689  1.00 16.49 ? 115 THR X CG2 1 
ATOM   893  N  N   . ASN A 1 116 ? 16.772  3.053   7.350   1.00 13.92 ? 116 ASN X N   1 
ATOM   894  C  CA  . ASN A 1 116 ? 17.933  3.406   6.529   1.00 13.95 ? 116 ASN X CA  1 
ATOM   895  C  C   . ASN A 1 116 ? 17.572  3.877   5.123   1.00 13.48 ? 116 ASN X C   1 
ATOM   896  O  O   . ASN A 1 116 ? 18.229  4.761   4.581   1.00 13.16 ? 116 ASN X O   1 
ATOM   897  C  CB  . ASN A 1 116 ? 18.935  2.249   6.464   1.00 14.10 ? 116 ASN X CB  1 
ATOM   898  C  CG  . ASN A 1 116 ? 19.553  1.938   7.815   1.00 14.81 ? 116 ASN X CG  1 
ATOM   899  O  OD1 . ASN A 1 116 ? 19.715  2.827   8.660   1.00 16.77 ? 116 ASN X OD1 1 
ATOM   900  N  ND2 . ASN A 1 116 ? 19.916  0.677   8.023   1.00 13.26 ? 116 ASN X ND2 1 
ATOM   901  N  N   . SER A 1 117 ? 16.538  3.273   4.539   1.00 13.00 ? 117 SER X N   1 
ATOM   902  C  CA  . SER A 1 117 ? 16.035  3.675   3.216   1.00 12.58 ? 117 SER X CA  1 
ATOM   903  C  C   . SER A 1 117 ? 15.408  5.069   3.267   1.00 12.63 ? 117 SER X C   1 
ATOM   904  O  O   . SER A 1 117 ? 15.638  5.893   2.379   1.00 12.34 ? 117 SER X O   1 
ATOM   905  C  CB  . SER A 1 117 ? 14.979  2.690   2.699   1.00 12.46 ? 117 SER X CB  1 
ATOM   906  O  OG  . SER A 1 117 ? 15.462  1.362   2.631   1.00 13.69 ? 117 SER X OG  1 
ATOM   907  N  N   . LEU A 1 118 ? 14.606  5.308   4.301   1.00 12.78 ? 118 LEU X N   1 
ATOM   908  C  CA  . LEU A 1 118 ? 13.935  6.599   4.498   1.00 13.48 ? 118 LEU X CA  1 
ATOM   909  C  C   . LEU A 1 118 ? 14.928  7.743   4.651   1.00 13.01 ? 118 LEU X C   1 
ATOM   910  O  O   . LEU A 1 118 ? 14.701  8.832   4.124   1.00 13.41 ? 118 LEU X O   1 
ATOM   911  C  CB  . LEU A 1 118 ? 12.976  6.540   5.694   1.00 13.32 ? 118 LEU X CB  1 
ATOM   912  C  CG  . LEU A 1 118 ? 11.522  6.132   5.388   1.00 13.95 ? 118 LEU X CG  1 
ATOM   913  C  CD1 . LEU A 1 118 ? 11.400  4.750   4.771   1.00 17.04 ? 118 LEU X CD1 1 
ATOM   914  C  CD2 . LEU A 1 118 ? 10.677  6.226   6.660   1.00 14.90 ? 118 LEU X CD2 1 
ATOM   915  N  N   . ARG A 1 119 ? 16.024  7.490   5.369   1.00 12.66 ? 119 ARG X N   1 
ATOM   916  C  CA  . ARG A 1 119 ? 17.094  8.476   5.519   1.00 12.74 ? 119 ARG X CA  1 
ATOM   917  C  C   . ARG A 1 119 ? 17.684  8.854   4.155   1.00 12.15 ? 119 ARG X C   1 
ATOM   918  O  O   . ARG A 1 119 ? 17.839  10.040  3.841   1.00 11.37 ? 119 ARG X O   1 
ATOM   919  C  CB  . ARG A 1 119 ? 18.175  7.954   6.487   1.00 12.77 ? 119 ARG X CB  1 
ATOM   920  C  CG  . ARG A 1 119 ? 19.268  8.964   6.817   1.00 13.89 ? 119 ARG X CG  1 
ATOM   921  C  CD  . ARG A 1 119 ? 20.308  8.382   7.782   1.00 14.30 ? 119 ARG X CD  1 
ATOM   922  N  NE  . ARG A 1 119 ? 19.715  7.895   9.031   0.50 14.59 ? 119 ARG X NE  1 
ATOM   923  C  CZ  . ARG A 1 119 ? 19.599  6.610   9.361   0.50 15.02 ? 119 ARG X CZ  1 
ATOM   924  N  NH1 . ARG A 1 119 ? 20.031  5.661   8.536   0.50 14.31 ? 119 ARG X NH1 1 
ATOM   925  N  NH2 . ARG A 1 119 ? 19.046  6.272   10.519  0.50 14.60 ? 119 ARG X NH2 1 
ATOM   926  N  N   . MET A 1 120 ? 17.988  7.845   3.339   1.00 11.47 ? 120 MET X N   1 
ATOM   927  C  CA  . MET A 1 120 ? 18.497  8.068   1.983   1.00 11.43 ? 120 MET X CA  1 
ATOM   928  C  C   . MET A 1 120 ? 17.498  8.824   1.101   1.00 10.97 ? 120 MET X C   1 
ATOM   929  O  O   . MET A 1 120 ? 17.889  9.662   0.283   1.00 10.67 ? 120 MET X O   1 
ATOM   930  C  CB  . MET A 1 120 ? 18.882  6.741   1.324   1.00 11.09 ? 120 MET X CB  1 
ATOM   931  C  CG  . MET A 1 120 ? 19.997  6.011   2.052   1.00 12.57 ? 120 MET X CG  1 
ATOM   932  S  SD  . MET A 1 120 ? 20.448  4.497   1.199   1.00 12.61 ? 120 MET X SD  1 
ATOM   933  C  CE  . MET A 1 120 ? 21.533  3.730   2.411   1.00 13.30 ? 120 MET X CE  1 
ATOM   934  N  N   . LEU A 1 121 ? 16.215  8.521   1.272   1.00 10.75 ? 121 LEU X N   1 
ATOM   935  C  CA  . LEU A 1 121 ? 15.148  9.260   0.584   1.00 11.06 ? 121 LEU X CA  1 
ATOM   936  C  C   . LEU A 1 121 ? 15.096  10.737  1.001   1.00 11.30 ? 121 LEU X C   1 
ATOM   937  O  O   . LEU A 1 121 ? 14.982  11.620  0.142   1.00 11.32 ? 121 LEU X O   1 
ATOM   938  C  CB  . LEU A 1 121 ? 13.790  8.584   0.796   1.00 10.94 ? 121 LEU X CB  1 
ATOM   939  C  CG  . LEU A 1 121 ? 13.557  7.234   0.106   1.00 10.37 ? 121 LEU X CG  1 
ATOM   940  C  CD1 . LEU A 1 121 ? 12.196  6.670   0.508   1.00 11.84 ? 121 LEU X CD1 1 
ATOM   941  C  CD2 . LEU A 1 121 ? 13.674  7.318   -1.428  1.00 10.91 ? 121 LEU X CD2 1 
ATOM   942  N  N   . GLN A 1 122 ? 15.187  11.003  2.306   1.00 11.85 ? 122 GLN X N   1 
ATOM   943  C  CA  . GLN A 1 122 ? 15.200  12.386  2.810   1.00 12.64 ? 122 GLN X CA  1 
ATOM   944  C  C   . GLN A 1 122 ? 16.425  13.147  2.273   1.00 12.65 ? 122 GLN X C   1 
ATOM   945  O  O   . GLN A 1 122 ? 16.359  14.351  1.992   1.00 12.40 ? 122 GLN X O   1 
ATOM   946  C  CB  . GLN A 1 122 ? 15.163  12.421  4.341   1.00 12.74 ? 122 GLN X CB  1 
ATOM   947  C  CG  . GLN A 1 122 ? 14.836  13.805  4.919   1.00 14.58 ? 122 GLN X CG  1 
ATOM   948  C  CD  . GLN A 1 122 ? 14.379  13.776  6.365   0.50 13.83 ? 122 GLN X CD  1 
ATOM   949  O  OE1 . GLN A 1 122 ? 14.217  12.716  6.963   0.50 16.28 ? 122 GLN X OE1 1 
ATOM   950  N  NE2 . GLN A 1 122 ? 14.169  14.956  6.934   0.50 15.24 ? 122 GLN X NE2 1 
ATOM   951  N  N   . GLN A 1 123 ? 17.528  12.414  2.124   1.00 12.33 ? 123 GLN X N   1 
ATOM   952  C  CA  . GLN A 1 123 ? 18.777  12.947  1.573   1.00 12.34 ? 123 GLN X CA  1 
ATOM   953  C  C   . GLN A 1 123 ? 18.736  13.132  0.060   1.00 11.54 ? 123 GLN X C   1 
ATOM   954  O  O   . GLN A 1 123 ? 19.662  13.721  -0.517  1.00 11.54 ? 123 GLN X O   1 
ATOM   955  C  CB  . GLN A 1 123 ? 19.937  12.012  1.927   1.00 12.20 ? 123 GLN X CB  1 
ATOM   956  C  CG  . GLN A 1 123 ? 20.371  12.062  3.378   1.00 13.13 ? 123 GLN X CG  1 
ATOM   957  C  CD  . GLN A 1 123 ? 21.440  11.028  3.698   1.00 13.93 ? 123 GLN X CD  1 
ATOM   958  O  OE1 . GLN A 1 123 ? 22.437  11.331  4.357   1.00 17.72 ? 123 GLN X OE1 1 
ATOM   959  N  NE2 . GLN A 1 123 ? 21.244  9.807   3.224   1.00 12.73 ? 123 GLN X NE2 1 
ATOM   960  N  N   . LYS A 1 124 ? 17.686  12.613  -0.584  1.00 10.77 ? 124 LYS X N   1 
ATOM   961  C  CA  . LYS A 1 124 ? 17.539  12.635  -2.048  1.00 10.88 ? 124 LYS X CA  1 
ATOM   962  C  C   . LYS A 1 124 ? 18.708  11.938  -2.764  1.00 10.87 ? 124 LYS X C   1 
ATOM   963  O  O   . LYS A 1 124 ? 19.118  12.339  -3.859  1.00 10.62 ? 124 LYS X O   1 
ATOM   964  C  CB  . LYS A 1 124 ? 17.311  14.067  -2.586  1.00 10.94 ? 124 LYS X CB  1 
ATOM   965  C  CG  . LYS A 1 124 ? 16.145  14.792  -1.911  1.00 11.32 ? 124 LYS X CG  1 
ATOM   966  C  CD  . LYS A 1 124 ? 15.658  15.986  -2.716  1.00 11.05 ? 124 LYS X CD  1 
ATOM   967  C  CE  . LYS A 1 124 ? 14.546  16.735  -1.981  1.00 12.47 ? 124 LYS X CE  1 
ATOM   968  N  NZ  . LYS A 1 124 ? 13.311  15.906  -1.872  1.00 12.06 ? 124 LYS X NZ  1 
ATOM   969  N  N   . ARG A 1 125 ? 19.230  10.892  -2.120  1.00 10.60 ? 125 ARG X N   1 
ATOM   970  C  CA  . ARG A 1 125 ? 20.223  10.002  -2.713  1.00 10.77 ? 125 ARG X CA  1 
ATOM   971  C  C   . ARG A 1 125 ? 19.461  8.857   -3.376  1.00 10.42 ? 125 ARG X C   1 
ATOM   972  O  O   . ARG A 1 125 ? 19.392  7.746   -2.852  1.00 10.46 ? 125 ARG X O   1 
ATOM   973  C  CB  . ARG A 1 125 ? 21.204  9.510   -1.640  1.00 10.57 ? 125 ARG X CB  1 
ATOM   974  C  CG  . ARG A 1 125 ? 21.998  10.642  -1.005  1.00 11.64 ? 125 ARG X CG  1 
ATOM   975  C  CD  . ARG A 1 125 ? 22.961  10.155  0.067   1.00 11.83 ? 125 ARG X CD  1 
ATOM   976  N  NE  . ARG A 1 125 ? 23.690  11.283  0.656   1.00 14.86 ? 125 ARG X NE  1 
ATOM   977  C  CZ  . ARG A 1 125 ? 24.757  11.169  1.442   0.50 14.29 ? 125 ARG X CZ  1 
ATOM   978  N  NH1 . ARG A 1 125 ? 25.238  9.973   1.742   0.50 14.51 ? 125 ARG X NH1 1 
ATOM   979  N  NH2 . ARG A 1 125 ? 25.346  12.256  1.922   0.50 13.39 ? 125 ARG X NH2 1 
ATOM   980  N  N   . TRP A 1 126 ? 18.870  9.160   -4.531  1.00 10.48 ? 126 TRP X N   1 
ATOM   981  C  CA  . TRP A 1 126 ? 17.825  8.322   -5.124  1.00 10.56 ? 126 TRP X CA  1 
ATOM   982  C  C   . TRP A 1 126 ? 18.287  6.923   -5.529  1.00 10.74 ? 126 TRP X C   1 
ATOM   983  O  O   . TRP A 1 126 ? 17.582  5.943   -5.287  1.00 9.87  ? 126 TRP X O   1 
ATOM   984  C  CB  . TRP A 1 126 ? 17.176  9.017   -6.329  1.00 10.51 ? 126 TRP X CB  1 
ATOM   985  C  CG  . TRP A 1 126 ? 16.579  10.382  -6.051  1.00 10.16 ? 126 TRP X CG  1 
ATOM   986  C  CD1 . TRP A 1 126 ? 16.817  11.533  -6.755  1.00 9.72  ? 126 TRP X CD1 1 
ATOM   987  C  CD2 . TRP A 1 126 ? 15.654  10.735  -5.006  1.00 9.62  ? 126 TRP X CD2 1 
ATOM   988  N  NE1 . TRP A 1 126 ? 16.102  12.580  -6.216  1.00 10.41 ? 126 TRP X NE1 1 
ATOM   989  C  CE2 . TRP A 1 126 ? 15.377  12.118  -5.144  1.00 10.24 ? 126 TRP X CE2 1 
ATOM   990  C  CE3 . TRP A 1 126 ? 15.022  10.017  -3.978  1.00 10.44 ? 126 TRP X CE3 1 
ATOM   991  C  CZ2 . TRP A 1 126 ? 14.494  12.799  -4.295  1.00 10.53 ? 126 TRP X CZ2 1 
ATOM   992  C  CZ3 . TRP A 1 126 ? 14.149  10.699  -3.118  1.00 10.37 ? 126 TRP X CZ3 1 
ATOM   993  C  CH2 . TRP A 1 126 ? 13.896  12.078  -3.286  1.00 10.83 ? 126 TRP X CH2 1 
ATOM   994  N  N   . ASP A 1 127 ? 19.463  6.839   -6.141  1.00 10.85 ? 127 ASP X N   1 
ATOM   995  C  CA  . ASP A 1 127 ? 19.993  5.550   -6.604  1.00 11.89 ? 127 ASP X CA  1 
ATOM   996  C  C   . ASP A 1 127 ? 20.384  4.672   -5.421  1.00 11.97 ? 127 ASP X C   1 
ATOM   997  O  O   . ASP A 1 127 ? 20.091  3.475   -5.407  1.00 12.19 ? 127 ASP X O   1 
ATOM   998  C  CB  . ASP A 1 127 ? 21.176  5.749   -7.549  1.00 11.54 ? 127 ASP X CB  1 
ATOM   999  C  CG  . ASP A 1 127 ? 20.745  6.013   -8.992  1.00 13.21 ? 127 ASP X CG  1 
ATOM   1000 O  OD1 . ASP A 1 127 ? 19.653  6.573   -9.228  1.00 13.14 ? 127 ASP X OD1 1 
ATOM   1001 O  OD2 . ASP A 1 127 ? 21.520  5.661   -9.899  1.00 13.82 ? 127 ASP X OD2 1 
ATOM   1002 N  N   . GLU A 1 128 ? 21.028  5.283   -4.427  1.00 12.38 ? 128 GLU X N   1 
ATOM   1003 C  CA  . GLU A 1 128 ? 21.383  4.599   -3.178  1.00 12.49 ? 128 GLU X CA  1 
ATOM   1004 C  C   . GLU A 1 128 ? 20.146  4.115   -2.413  1.00 11.98 ? 128 GLU X C   1 
ATOM   1005 O  O   . GLU A 1 128 ? 20.109  2.977   -1.940  1.00 11.11 ? 128 GLU X O   1 
ATOM   1006 C  CB  . GLU A 1 128 ? 22.230  5.513   -2.282  1.00 13.19 ? 128 GLU X CB  1 
ATOM   1007 C  CG  . GLU A 1 128 ? 23.613  5.812   -2.853  1.00 15.77 ? 128 GLU X CG  1 
ATOM   1008 C  CD  . GLU A 1 128 ? 24.328  6.916   -2.105  1.00 20.26 ? 128 GLU X CD  1 
ATOM   1009 O  OE1 . GLU A 1 128 ? 24.840  6.648   -0.998  1.00 23.56 ? 128 GLU X OE1 1 
ATOM   1010 O  OE2 . GLU A 1 128 ? 24.398  8.046   -2.631  1.00 22.30 ? 128 GLU X OE2 1 
ATOM   1011 N  N   . ALA A 1 129 ? 19.155  4.997   -2.272  1.00 11.47 ? 129 ALA X N   1 
ATOM   1012 C  CA  . ALA A 1 129 ? 17.856  4.638   -1.698  1.00 11.24 ? 129 ALA X CA  1 
ATOM   1013 C  C   . ALA A 1 129 ? 17.241  3.414   -2.378  1.00 11.07 ? 129 ALA X C   1 
ATOM   1014 O  O   . ALA A 1 129 ? 16.788  2.482   -1.701  1.00 10.54 ? 129 ALA X O   1 
ATOM   1015 C  CB  . ALA A 1 129 ? 16.900  5.826   -1.775  1.00 11.33 ? 129 ALA X CB  1 
ATOM   1016 N  N   . ALA A 1 130 ? 17.228  3.425   -3.712  1.00 10.98 ? 130 ALA X N   1 
ATOM   1017 C  CA  . ALA A 1 130 ? 16.659  2.337   -4.514  1.00 11.53 ? 130 ALA X CA  1 
ATOM   1018 C  C   . ALA A 1 130 ? 17.368  1.005   -4.229  1.00 11.77 ? 130 ALA X C   1 
ATOM   1019 O  O   . ALA A 1 130 ? 16.719  -0.023  -4.012  1.00 11.52 ? 130 ALA X O   1 
ATOM   1020 C  CB  . ALA A 1 130 ? 16.719  2.681   -6.001  1.00 11.48 ? 130 ALA X CB  1 
ATOM   1021 N  N   . VAL A 1 131 ? 18.700  1.040   -4.200  1.00 11.48 ? 131 VAL X N   1 
ATOM   1022 C  CA  . VAL A 1 131 ? 19.495  -0.131  -3.839  1.00 11.12 ? 131 VAL X CA  1 
ATOM   1023 C  C   . VAL A 1 131 ? 19.144  -0.631  -2.419  1.00 11.09 ? 131 VAL X C   1 
ATOM   1024 O  O   . VAL A 1 131 ? 18.887  -1.819  -2.220  1.00 10.76 ? 131 VAL X O   1 
ATOM   1025 C  CB  . VAL A 1 131 ? 21.022  0.163   -3.998  1.00 11.14 ? 131 VAL X CB  1 
ATOM   1026 C  CG1 . VAL A 1 131 ? 21.870  -0.949  -3.377  1.00 10.05 ? 131 VAL X CG1 1 
ATOM   1027 C  CG2 . VAL A 1 131 ? 21.381  0.357   -5.471  1.00 10.87 ? 131 VAL X CG2 1 
ATOM   1028 N  N   . ASN A 1 132 ? 19.097  0.286   -1.450  1.00 10.85 ? 132 ASN X N   1 
ATOM   1029 C  CA  . ASN A 1 132 ? 18.756  -0.066  -0.067  1.00 10.76 ? 132 ASN X CA  1 
ATOM   1030 C  C   . ASN A 1 132 ? 17.344  -0.652  0.082   1.00 10.45 ? 132 ASN X C   1 
ATOM   1031 O  O   . ASN A 1 132 ? 17.142  -1.589  0.857   1.00 10.07 ? 132 ASN X O   1 
ATOM   1032 C  CB  . ASN A 1 132 ? 18.926  1.140   0.864   1.00 10.58 ? 132 ASN X CB  1 
ATOM   1033 C  CG  . ASN A 1 132 ? 18.948  0.748   2.328   1.00 11.25 ? 132 ASN X CG  1 
ATOM   1034 O  OD1 . ASN A 1 132 ? 17.981  0.958   3.060   1.00 13.02 ? 132 ASN X OD1 1 
ATOM   1035 N  ND2 . ASN A 1 132 ? 20.053  0.163   2.760   1.00 11.45 ? 132 ASN X ND2 1 
ATOM   1036 N  N   . LEU A 1 133 ? 16.385  -0.103  -0.665  1.00 10.19 ? 133 LEU X N   1 
ATOM   1037 C  CA  . LEU A 1 133 ? 14.986  -0.563  -0.611  1.00 10.40 ? 133 LEU X CA  1 
ATOM   1038 C  C   . LEU A 1 133 ? 14.820  -2.028  -1.020  1.00 10.20 ? 133 LEU X C   1 
ATOM   1039 O  O   . LEU A 1 133 ? 13.947  -2.728  -0.493  1.00 10.43 ? 133 LEU X O   1 
ATOM   1040 C  CB  . LEU A 1 133 ? 14.078  0.332   -1.474  1.00 10.19 ? 133 LEU X CB  1 
ATOM   1041 C  CG  . LEU A 1 133 ? 13.691  1.711   -0.902  1.00 10.47 ? 133 LEU X CG  1 
ATOM   1042 C  CD1 . LEU A 1 133 ? 13.163  2.640   -1.993  1.00 11.07 ? 133 LEU X CD1 1 
ATOM   1043 C  CD2 . LEU A 1 133 ? 12.670  1.589   0.237   1.00 10.06 ? 133 LEU X CD2 1 
ATOM   1044 N  N   . ALA A 1 134 ? 15.657  -2.475  -1.951  1.00 10.22 ? 134 ALA X N   1 
ATOM   1045 C  CA  . ALA A 1 134 ? 15.579  -3.839  -2.510  1.00 10.38 ? 134 ALA X CA  1 
ATOM   1046 C  C   . ALA A 1 134 ? 16.188  -4.893  -1.585  1.00 10.70 ? 134 ALA X C   1 
ATOM   1047 O  O   . ALA A 1 134 ? 16.017  -6.098  -1.796  1.00 10.37 ? 134 ALA X O   1 
ATOM   1048 C  CB  . ALA A 1 134 ? 16.230  -3.885  -3.886  1.00 10.36 ? 134 ALA X CB  1 
ATOM   1049 N  N   . LYS A 1 135 ? 16.898  -4.433  -0.559  1.00 10.52 ? 135 LYS X N   1 
ATOM   1050 C  CA  . LYS A 1 135 ? 17.511  -5.321  0.420   1.00 10.52 ? 135 LYS X CA  1 
ATOM   1051 C  C   . LYS A 1 135 ? 16.490  -5.589  1.525   1.00 10.13 ? 135 LYS X C   1 
ATOM   1052 O  O   . LYS A 1 135 ? 16.659  -5.160  2.668   1.00 11.04 ? 135 LYS X O   1 
ATOM   1053 C  CB  . LYS A 1 135 ? 18.789  -4.692  0.979   1.00 10.82 ? 135 LYS X CB  1 
ATOM   1054 C  CG  . LYS A 1 135 ? 19.904  -4.528  -0.056  1.00 11.39 ? 135 LYS X CG  1 
ATOM   1055 C  CD  . LYS A 1 135 ? 21.100  -3.805  0.548   1.00 14.93 ? 135 LYS X CD  1 
ATOM   1056 N  N   . SER A 1 136 ? 15.409  -6.274  1.164   1.00 9.62  ? 136 SER X N   1 
ATOM   1057 C  CA  . SER A 1 136 ? 14.258  -6.399  2.047   1.00 9.15  ? 136 SER X CA  1 
ATOM   1058 C  C   . SER A 1 136 ? 13.430  -7.651  1.768   1.00 8.96  ? 136 SER X C   1 
ATOM   1059 O  O   . SER A 1 136 ? 13.371  -8.140  0.632   1.00 8.37  ? 136 SER X O   1 
ATOM   1060 C  CB  . SER A 1 136 ? 13.364  -5.165  1.897   1.00 8.99  ? 136 SER X CB  1 
ATOM   1061 O  OG  . SER A 1 136 ? 12.896  -5.047  0.564   1.00 9.53  ? 136 SER X OG  1 
ATOM   1062 N  N   . ARG A 1 137 ? 12.778  -8.153  2.813   1.00 8.81  ? 137 ARG X N   1 
ATOM   1063 C  CA  . ARG A 1 137 ? 11.790  -9.200  2.647   1.00 9.09  ? 137 ARG X CA  1 
ATOM   1064 C  C   . ARG A 1 137 ? 10.746  -8.742  1.621   1.00 9.02  ? 137 ARG X C   1 
ATOM   1065 O  O   . ARG A 1 137 ? 10.391  -9.495  0.732   1.00 8.35  ? 137 ARG X O   1 
ATOM   1066 C  CB  . ARG A 1 137 ? 11.115  -9.547  3.977   1.00 9.44  ? 137 ARG X CB  1 
ATOM   1067 C  CG  . ARG A 1 137 ? 10.120  -10.690 3.829   1.00 9.94  ? 137 ARG X CG  1 
ATOM   1068 C  CD  . ARG A 1 137 ? 9.288   -10.938 5.075   1.00 11.22 ? 137 ARG X CD  1 
ATOM   1069 N  NE  . ARG A 1 137 ? 8.391   -12.069 4.837   1.00 12.63 ? 137 ARG X NE  1 
ATOM   1070 C  CZ  . ARG A 1 137 ? 7.173   -11.967 4.308   1.00 14.41 ? 137 ARG X CZ  1 
ATOM   1071 N  NH1 . ARG A 1 137 ? 6.678   -10.779 3.989   1.00 14.24 ? 137 ARG X NH1 1 
ATOM   1072 N  NH2 . ARG A 1 137 ? 6.440   -13.060 4.108   1.00 14.41 ? 137 ARG X NH2 1 
ATOM   1073 N  N   . TRP A 1 138 ? 10.276  -7.503  1.759   1.00 9.03  ? 138 TRP X N   1 
ATOM   1074 C  CA  . TRP A 1 138 ? 9.332   -6.892  0.806   1.00 9.42  ? 138 TRP X CA  1 
ATOM   1075 C  C   . TRP A 1 138 ? 9.690   -7.165  -0.665  1.00 9.41  ? 138 TRP X C   1 
ATOM   1076 O  O   . TRP A 1 138 ? 8.873   -7.703  -1.426  1.00 8.98  ? 138 TRP X O   1 
ATOM   1077 C  CB  . TRP A 1 138 ? 9.265   -5.387  1.065   1.00 9.49  ? 138 TRP X CB  1 
ATOM   1078 C  CG  . TRP A 1 138 ? 8.485   -4.583  0.051   1.00 9.70  ? 138 TRP X CG  1 
ATOM   1079 C  CD1 . TRP A 1 138 ? 7.173   -4.750  -0.316  1.00 9.64  ? 138 TRP X CD1 1 
ATOM   1080 C  CD2 . TRP A 1 138 ? 8.967   -3.453  -0.681  1.00 10.15 ? 138 TRP X CD2 1 
ATOM   1081 N  NE1 . TRP A 1 138 ? 6.817   -3.797  -1.252  1.00 10.23 ? 138 TRP X NE1 1 
ATOM   1082 C  CE2 . TRP A 1 138 ? 7.899   -2.988  -1.491  1.00 9.80  ? 138 TRP X CE2 1 
ATOM   1083 C  CE3 . TRP A 1 138 ? 10.205  -2.795  -0.743  1.00 10.87 ? 138 TRP X CE3 1 
ATOM   1084 C  CZ2 . TRP A 1 138 ? 8.029   -1.882  -2.341  1.00 10.25 ? 138 TRP X CZ2 1 
ATOM   1085 C  CZ3 . TRP A 1 138 ? 10.340  -1.709  -1.591  1.00 10.39 ? 138 TRP X CZ3 1 
ATOM   1086 C  CH2 . TRP A 1 138 ? 9.253   -1.257  -2.380  1.00 10.62 ? 138 TRP X CH2 1 
ATOM   1087 N  N   . TYR A 1 139 ? 10.909  -6.799  -1.047  1.00 9.50  ? 139 TYR X N   1 
ATOM   1088 C  CA  . TYR A 1 139 ? 11.380  -6.970  -2.422  1.00 10.29 ? 139 TYR X CA  1 
ATOM   1089 C  C   . TYR A 1 139 ? 11.390  -8.448  -2.814  1.00 10.14 ? 139 TYR X C   1 
ATOM   1090 O  O   . TYR A 1 139 ? 10.919  -8.821  -3.887  1.00 9.97  ? 139 TYR X O   1 
ATOM   1091 C  CB  . TYR A 1 139 ? 12.781  -6.353  -2.605  1.00 11.03 ? 139 TYR X CB  1 
ATOM   1092 C  CG  . TYR A 1 139 ? 13.316  -6.530  -4.006  1.00 12.97 ? 139 TYR X CG  1 
ATOM   1093 C  CD1 . TYR A 1 139 ? 13.124  -5.546  -4.973  1.00 13.18 ? 139 TYR X CD1 1 
ATOM   1094 C  CD2 . TYR A 1 139 ? 13.983  -7.705  -4.376  1.00 14.64 ? 139 TYR X CD2 1 
ATOM   1095 C  CE1 . TYR A 1 139 ? 13.599  -5.714  -6.272  1.00 14.89 ? 139 TYR X CE1 1 
ATOM   1096 C  CE2 . TYR A 1 139 ? 14.456  -7.884  -5.671  1.00 15.58 ? 139 TYR X CE2 1 
ATOM   1097 C  CZ  . TYR A 1 139 ? 14.260  -6.888  -6.614  1.00 15.34 ? 139 TYR X CZ  1 
ATOM   1098 O  OH  . TYR A 1 139 ? 14.733  -7.068  -7.896  1.00 16.81 ? 139 TYR X OH  1 
ATOM   1099 N  N   . ASN A 1 140 ? 11.911  -9.291  -1.930  1.00 10.04 ? 140 ASN X N   1 
ATOM   1100 C  CA  . ASN A 1 140 ? 12.017  -10.715 -2.225  1.00 9.76  ? 140 ASN X CA  1 
ATOM   1101 C  C   . ASN A 1 140 ? 10.667  -11.414 -2.403  1.00 9.54  ? 140 ASN X C   1 
ATOM   1102 O  O   . ASN A 1 140 ? 10.529  -12.293 -3.259  1.00 9.97  ? 140 ASN X O   1 
ATOM   1103 C  CB  . ASN A 1 140 ? 12.881  -11.410 -1.169  1.00 9.89  ? 140 ASN X CB  1 
ATOM   1104 C  CG  . ASN A 1 140 ? 14.368  -11.125 -1.359  1.00 10.60 ? 140 ASN X CG  1 
ATOM   1105 O  OD1 . ASN A 1 140 ? 14.959  -10.277 -0.673  1.00 12.14 ? 140 ASN X OD1 1 
ATOM   1106 N  ND2 . ASN A 1 140 ? 14.972  -11.821 -2.305  1.00 10.12 ? 140 ASN X ND2 1 
ATOM   1107 N  N   . GLN A 1 141 ? 9.672   -11.003 -1.621  1.00 9.12  ? 141 GLN X N   1 
ATOM   1108 C  CA  . GLN A 1 141 ? 8.360   -11.654 -1.652  1.00 9.23  ? 141 GLN X CA  1 
ATOM   1109 C  C   . GLN A 1 141 ? 7.451   -11.086 -2.740  1.00 9.11  ? 141 GLN X C   1 
ATOM   1110 O  O   . GLN A 1 141 ? 6.626   -11.811 -3.300  1.00 9.35  ? 141 GLN X O   1 
ATOM   1111 C  CB  . GLN A 1 141 ? 7.660   -11.589 -0.284  1.00 9.38  ? 141 GLN X CB  1 
ATOM   1112 C  CG  . GLN A 1 141 ? 8.466   -12.179 0.892   1.00 10.51 ? 141 GLN X CG  1 
ATOM   1113 C  CD  . GLN A 1 141 ? 8.745   -13.672 0.752   1.00 11.65 ? 141 GLN X CD  1 
ATOM   1114 O  OE1 . GLN A 1 141 ? 9.848   -14.139 1.048   1.00 11.99 ? 141 GLN X OE1 1 
ATOM   1115 N  NE2 . GLN A 1 141 ? 7.741   -14.425 0.310   1.00 10.76 ? 141 GLN X NE2 1 
ATOM   1116 N  N   . THR A 1 142 ? 7.579   -9.788  -3.021  1.00 8.92  ? 142 THR X N   1 
ATOM   1117 C  CA  . THR A 1 142 ? 6.825   -9.174  -4.126  1.00 8.66  ? 142 THR X CA  1 
ATOM   1118 C  C   . THR A 1 142 ? 7.756   -8.362  -5.026  1.00 8.75  ? 142 THR X C   1 
ATOM   1119 O  O   . THR A 1 142 ? 7.675   -7.131  -5.042  1.00 8.19  ? 142 THR X O   1 
ATOM   1120 C  CB  . THR A 1 142 ? 5.628   -8.285  -3.631  1.00 8.61  ? 142 THR X CB  1 
ATOM   1121 O  OG1 . THR A 1 142 ? 6.084   -7.317  -2.676  1.00 9.51  ? 142 THR X OG1 1 
ATOM   1122 C  CG2 . THR A 1 142 ? 4.522   -9.139  -3.005  1.00 8.44  ? 142 THR X CG2 1 
ATOM   1123 N  N   . PRO A 1 143 ? 8.644   -9.049  -5.783  1.00 9.09  ? 143 PRO X N   1 
ATOM   1124 C  CA  . PRO A 1 143 ? 9.651   -8.301  -6.541  1.00 8.98  ? 143 PRO X CA  1 
ATOM   1125 C  C   . PRO A 1 143 ? 9.091   -7.419  -7.647  1.00 9.24  ? 143 PRO X C   1 
ATOM   1126 O  O   . PRO A 1 143 ? 9.588   -6.318  -7.828  1.00 9.25  ? 143 PRO X O   1 
ATOM   1127 C  CB  . PRO A 1 143 ? 10.569  -9.398  -7.117  1.00 9.23  ? 143 PRO X CB  1 
ATOM   1128 C  CG  . PRO A 1 143 ? 9.755   -10.635 -7.098  1.00 9.01  ? 143 PRO X CG  1 
ATOM   1129 C  CD  . PRO A 1 143 ? 8.797   -10.508 -5.955  1.00 9.03  ? 143 PRO X CD  1 
ATOM   1130 N  N   . ASN A 1 144 ? 8.076   -7.879  -8.377  1.00 9.32  ? 144 ASN X N   1 
ATOM   1131 C  CA  . ASN A 1 144 ? 7.585   -7.083  -9.496  1.00 9.83  ? 144 ASN X CA  1 
ATOM   1132 C  C   . ASN A 1 144 ? 6.962   -5.769  -9.036  1.00 9.23  ? 144 ASN X C   1 
ATOM   1133 O  O   . ASN A 1 144 ? 7.268   -4.711  -9.584  1.00 8.63  ? 144 ASN X O   1 
ATOM   1134 C  CB  . ASN A 1 144 ? 6.656   -7.886  -10.400 1.00 10.23 ? 144 ASN X CB  1 
ATOM   1135 C  CG  . ASN A 1 144 ? 7.412   -8.917  -11.224 1.00 12.73 ? 144 ASN X CG  1 
ATOM   1136 O  OD1 . ASN A 1 144 ? 8.646   -8.949  -11.218 1.00 17.04 ? 144 ASN X OD1 1 
ATOM   1137 N  ND2 . ASN A 1 144 ? 6.683   -9.753  -11.938 1.00 15.90 ? 144 ASN X ND2 1 
ATOM   1138 N  N   . ARG A 1 145 ? 6.125   -5.849  -8.007  1.00 8.81  ? 145 ARG X N   1 
ATOM   1139 C  CA  . ARG A 1 145 ? 5.574   -4.646  -7.394  1.00 9.26  ? 145 ARG X CA  1 
ATOM   1140 C  C   . ARG A 1 145 ? 6.663   -3.773  -6.759  1.00 9.13  ? 145 ARG X C   1 
ATOM   1141 O  O   . ARG A 1 145 ? 6.679   -2.555  -6.973  1.00 9.47  ? 145 ARG X O   1 
ATOM   1142 C  CB  . ARG A 1 145 ? 4.498   -4.994  -6.368  1.00 9.45  ? 145 ARG X CB  1 
ATOM   1143 C  CG  . ARG A 1 145 ? 3.976   -3.760  -5.629  1.00 11.10 ? 145 ARG X CG  1 
ATOM   1144 C  CD  . ARG A 1 145 ? 2.923   -4.144  -4.660  1.00 12.13 ? 145 ARG X CD  1 
ATOM   1145 N  NE  . ARG A 1 145 ? 2.255   -2.981  -4.084  1.00 10.82 ? 145 ARG X NE  1 
ATOM   1146 C  CZ  . ARG A 1 145 ? 1.128   -3.075  -3.388  1.00 10.77 ? 145 ARG X CZ  1 
ATOM   1147 N  NH1 . ARG A 1 145 ? 0.568   -4.267  -3.219  1.00 9.19  ? 145 ARG X NH1 1 
ATOM   1148 N  NH2 . ARG A 1 145 ? 0.552   -1.990  -2.881  1.00 9.57  ? 145 ARG X NH2 1 
ATOM   1149 N  N   . ALA A 1 146 ? 7.574   -4.385  -5.997  1.00 9.21  ? 146 ALA X N   1 
ATOM   1150 C  CA  . ALA A 1 146 ? 8.663   -3.632  -5.362  1.00 9.54  ? 146 ALA X CA  1 
ATOM   1151 C  C   . ALA A 1 146 ? 9.484   -2.876  -6.391  1.00 9.47  ? 146 ALA X C   1 
ATOM   1152 O  O   . ALA A 1 146 ? 9.825   -1.717  -6.172  1.00 8.68  ? 146 ALA X O   1 
ATOM   1153 C  CB  . ALA A 1 146 ? 9.564   -4.531  -4.521  1.00 9.44  ? 146 ALA X CB  1 
ATOM   1154 N  N   . LYS A 1 147 ? 9.793   -3.532  -7.514  1.00 9.66  ? 147 LYS X N   1 
ATOM   1155 C  CA  . LYS A 1 147 ? 10.536  -2.881  -8.609  1.00 9.91  ? 147 LYS X CA  1 
ATOM   1156 C  C   . LYS A 1 147 ? 9.828   -1.635  -9.152  1.00 9.73  ? 147 LYS X C   1 
ATOM   1157 O  O   . LYS A 1 147 ? 10.479  -0.635  -9.446  1.00 9.49  ? 147 LYS X O   1 
ATOM   1158 C  CB  . LYS A 1 147 ? 10.793  -3.857  -9.755  1.00 9.94  ? 147 LYS X CB  1 
ATOM   1159 C  CG  . LYS A 1 147 ? 11.929  -4.835  -9.494  1.00 10.51 ? 147 LYS X CG  1 
ATOM   1160 C  CD  . LYS A 1 147 ? 12.086  -5.780  -10.675 1.00 13.43 ? 147 LYS X CD  1 
ATOM   1161 C  CE  . LYS A 1 147 ? 12.774  -7.069  -10.256 1.00 16.35 ? 147 LYS X CE  1 
ATOM   1162 N  N   . ARG A 1 148 ? 8.502   -1.710  -9.283  1.00 9.75  ? 148 ARG X N   1 
ATOM   1163 C  CA  . ARG A 1 148 ? 7.699   -0.563  -9.728  1.00 9.53  ? 148 ARG X CA  1 
ATOM   1164 C  C   . ARG A 1 148 ? 7.764   0.594   -8.726  1.00 9.56  ? 148 ARG X C   1 
ATOM   1165 O  O   . ARG A 1 148 ? 7.995   1.747   -9.105  1.00 9.26  ? 148 ARG X O   1 
ATOM   1166 C  CB  . ARG A 1 148 ? 6.244   -0.974  -9.970  1.00 9.28  ? 148 ARG X CB  1 
ATOM   1167 C  CG  . ARG A 1 148 ? 6.023   -1.767  -11.245 1.00 9.57  ? 148 ARG X CG  1 
ATOM   1168 C  CD  . ARG A 1 148 ? 4.541   -1.835  -11.608 1.00 9.84  ? 148 ARG X CD  1 
ATOM   1169 N  NE  . ARG A 1 148 ? 3.758   -2.605  -10.643 1.00 9.90  ? 148 ARG X NE  1 
ATOM   1170 C  CZ  . ARG A 1 148 ? 3.637   -3.934  -10.650 1.00 10.33 ? 148 ARG X CZ  1 
ATOM   1171 N  NH1 . ARG A 1 148 ? 4.254   -4.669  -11.573 1.00 10.38 ? 148 ARG X NH1 1 
ATOM   1172 N  NH2 . ARG A 1 148 ? 2.891   -4.529  -9.729  1.00 9.71  ? 148 ARG X NH2 1 
ATOM   1173 N  N   . VAL A 1 149 ? 7.589   0.267   -7.450  1.00 9.56  ? 149 VAL X N   1 
ATOM   1174 C  CA  . VAL A 1 149 ? 7.596   1.265   -6.373  1.00 9.49  ? 149 VAL X CA  1 
ATOM   1175 C  C   . VAL A 1 149 ? 8.996   1.883   -6.255  1.00 9.60  ? 149 VAL X C   1 
ATOM   1176 O  O   . VAL A 1 149 ? 9.139   3.104   -6.159  1.00 9.27  ? 149 VAL X O   1 
ATOM   1177 C  CB  . VAL A 1 149 ? 7.114   0.651   -5.032  1.00 9.34  ? 149 VAL X CB  1 
ATOM   1178 C  CG1 . VAL A 1 149 ? 7.265   1.658   -3.871  1.00 9.65  ? 149 VAL X CG1 1 
ATOM   1179 C  CG2 . VAL A 1 149 ? 5.649   0.179   -5.150  1.00 9.37  ? 149 VAL X CG2 1 
ATOM   1180 N  N   . ILE A 1 150 ? 10.026  1.035   -6.306  1.00 9.58  ? 150 ILE X N   1 
ATOM   1181 C  CA  . ILE A 1 150 ? 11.419  1.498   -6.244  1.00 9.94  ? 150 ILE X CA  1 
ATOM   1182 C  C   . ILE A 1 150 ? 11.796  2.416   -7.417  1.00 10.45 ? 150 ILE X C   1 
ATOM   1183 O  O   . ILE A 1 150 ? 12.434  3.462   -7.208  1.00 10.32 ? 150 ILE X O   1 
ATOM   1184 C  CB  . ILE A 1 150 ? 12.419  0.313   -6.123  1.00 9.65  ? 150 ILE X CB  1 
ATOM   1185 C  CG1 . ILE A 1 150 ? 12.296  -0.314  -4.726  1.00 9.28  ? 150 ILE X CG1 1 
ATOM   1186 C  CG2 . ILE A 1 150 ? 13.850  0.781   -6.389  1.00 9.70  ? 150 ILE X CG2 1 
ATOM   1187 C  CD1 . ILE A 1 150 ? 13.042  -1.621  -4.549  1.00 10.27 ? 150 ILE X CD1 1 
ATOM   1188 N  N   . THR A 1 151 ? 11.401  2.034   -8.635  1.00 10.26 ? 151 THR X N   1 
ATOM   1189 C  CA  . THR A 1 151 ? 11.628  2.870   -9.819  1.00 10.78 ? 151 THR X CA  1 
ATOM   1190 C  C   . THR A 1 151 ? 10.998  4.253   -9.652  1.00 10.72 ? 151 THR X C   1 
ATOM   1191 O  O   . THR A 1 151 ? 11.578  5.259   -10.063 1.00 10.21 ? 151 THR X O   1 
ATOM   1192 C  CB  . THR A 1 151 ? 11.099  2.197   -11.105 1.00 10.97 ? 151 THR X CB  1 
ATOM   1193 O  OG1 . THR A 1 151 ? 11.932  1.077   -11.417 1.00 11.85 ? 151 THR X OG1 1 
ATOM   1194 C  CG2 . THR A 1 151 ? 11.105  3.160   -12.285 1.00 10.79 ? 151 THR X CG2 1 
ATOM   1195 N  N   . THR A 1 152 ? 9.811   4.281   -9.051  1.00 10.32 ? 152 THR X N   1 
ATOM   1196 C  CA  . THR A 1 152 ? 9.103   5.525   -8.771  1.00 10.50 ? 152 THR X CA  1 
ATOM   1197 C  C   . THR A 1 152 ? 9.900   6.408   -7.794  1.00 10.33 ? 152 THR X C   1 
ATOM   1198 O  O   . THR A 1 152 ? 10.058  7.609   -8.034  1.00 10.02 ? 152 THR X O   1 
ATOM   1199 C  CB  . THR A 1 152 ? 7.651   5.256   -8.285  1.00 10.40 ? 152 THR X CB  1 
ATOM   1200 O  OG1 . THR A 1 152 ? 7.024   4.313   -9.165  1.00 10.78 ? 152 THR X OG1 1 
ATOM   1201 C  CG2 . THR A 1 152 ? 6.817   6.556   -8.268  1.00 10.84 ? 152 THR X CG2 1 
ATOM   1202 N  N   . PHE A 1 153 ? 10.417  5.808   -6.717  1.00 10.33 ? 153 PHE X N   1 
ATOM   1203 C  CA  . PHE A 1 153 ? 11.333  6.505   -5.795  1.00 10.61 ? 153 PHE X CA  1 
ATOM   1204 C  C   . PHE A 1 153 ? 12.636  6.949   -6.468  1.00 11.22 ? 153 PHE X C   1 
ATOM   1205 O  O   . PHE A 1 153 ? 13.152  8.039   -6.174  1.00 11.48 ? 153 PHE X O   1 
ATOM   1206 C  CB  . PHE A 1 153 ? 11.694  5.626   -4.593  1.00 10.40 ? 153 PHE X CB  1 
ATOM   1207 C  CG  . PHE A 1 153 ? 10.671  5.627   -3.484  1.00 10.79 ? 153 PHE X CG  1 
ATOM   1208 C  CD1 . PHE A 1 153 ? 10.272  6.821   -2.872  1.00 10.05 ? 153 PHE X CD1 1 
ATOM   1209 C  CD2 . PHE A 1 153 ? 10.144  4.420   -3.016  1.00 10.63 ? 153 PHE X CD2 1 
ATOM   1210 C  CE1 . PHE A 1 153 ? 9.341   6.818   -1.830  1.00 9.40  ? 153 PHE X CE1 1 
ATOM   1211 C  CE2 . PHE A 1 153 ? 9.212   4.401   -1.970  1.00 10.44 ? 153 PHE X CE2 1 
ATOM   1212 C  CZ  . PHE A 1 153 ? 8.813   5.614   -1.375  1.00 10.59 ? 153 PHE X CZ  1 
ATOM   1213 N  N   . ARG A 1 154 ? 13.183  6.104   -7.344  1.00 11.11 ? 154 ARG X N   1 
ATOM   1214 C  CA  . ARG A 1 154 ? 14.472  6.408   -7.977  1.00 11.86 ? 154 ARG X CA  1 
ATOM   1215 C  C   . ARG A 1 154 ? 14.373  7.602   -8.933  1.00 11.51 ? 154 ARG X C   1 
ATOM   1216 O  O   . ARG A 1 154 ? 15.257  8.463   -8.954  1.00 11.52 ? 154 ARG X O   1 
ATOM   1217 C  CB  . ARG A 1 154 ? 15.033  5.176   -8.711  1.00 11.94 ? 154 ARG X CB  1 
ATOM   1218 C  CG  . ARG A 1 154 ? 16.439  5.384   -9.309  1.00 12.73 ? 154 ARG X CG  1 
ATOM   1219 C  CD  . ARG A 1 154 ? 16.981  4.135   -10.025 1.00 13.47 ? 154 ARG X CD  1 
ATOM   1220 N  NE  . ARG A 1 154 ? 16.112  3.651   -11.106 1.00 17.75 ? 154 ARG X NE  1 
ATOM   1221 C  CZ  . ARG A 1 154 ? 16.109  4.115   -12.359 1.00 19.86 ? 154 ARG X CZ  1 
ATOM   1222 N  NH1 . ARG A 1 154 ? 16.924  5.095   -12.726 1.00 21.42 ? 154 ARG X NH1 1 
ATOM   1223 N  NH2 . ARG A 1 154 ? 15.278  3.599   -13.257 1.00 21.12 ? 154 ARG X NH2 1 
ATOM   1224 N  N   . THR A 1 155 ? 13.286  7.656   -9.704  1.00 11.36 ? 155 THR X N   1 
ATOM   1225 C  CA  . THR A 1 155 ? 13.161  8.615   -10.814 1.00 11.74 ? 155 THR X CA  1 
ATOM   1226 C  C   . THR A 1 155 ? 12.236  9.802   -10.559 1.00 11.63 ? 155 THR X C   1 
ATOM   1227 O  O   . THR A 1 155 ? 12.381  10.846  -11.197 1.00 11.77 ? 155 THR X O   1 
ATOM   1228 C  CB  . THR A 1 155 ? 12.662  7.928   -12.103 1.00 11.68 ? 155 THR X CB  1 
ATOM   1229 O  OG1 . THR A 1 155 ? 11.326  7.450   -11.895 1.00 12.24 ? 155 THR X OG1 1 
ATOM   1230 C  CG2 . THR A 1 155 ? 13.582  6.767   -12.504 1.00 11.37 ? 155 THR X CG2 1 
ATOM   1231 N  N   . GLY A 1 156 ? 11.268  9.637   -9.661  1.00 11.73 ? 156 GLY X N   1 
ATOM   1232 C  CA  . GLY A 1 156 ? 10.241  10.655  -9.454  1.00 11.88 ? 156 GLY X CA  1 
ATOM   1233 C  C   . GLY A 1 156 ? 9.324   10.775  -10.666 1.00 11.80 ? 156 GLY X C   1 
ATOM   1234 O  O   . GLY A 1 156 ? 8.722   11.834  -10.897 1.00 12.28 ? 156 GLY X O   1 
ATOM   1235 N  N   . THR A 1 157 ? 9.245   9.690   -11.443 1.00 11.53 ? 157 THR X N   1 
ATOM   1236 C  CA  . THR A 1 157 ? 8.351   9.578   -12.599 1.00 11.43 ? 157 THR X CA  1 
ATOM   1237 C  C   . THR A 1 157 ? 7.419   8.377   -12.462 1.00 11.58 ? 157 THR X C   1 
ATOM   1238 O  O   . THR A 1 157 ? 7.644   7.482   -11.643 1.00 11.51 ? 157 THR X O   1 
ATOM   1239 C  CB  . THR A 1 157 ? 9.107   9.378   -13.946 1.00 11.07 ? 157 THR X CB  1 
ATOM   1240 O  OG1 . THR A 1 157 ? 9.661   8.051   -14.001 1.00 11.76 ? 157 THR X OG1 1 
ATOM   1241 C  CG2 . THR A 1 157 ? 10.198  10.428  -14.155 1.00 11.65 ? 157 THR X CG2 1 
ATOM   1242 N  N   . TRP A 1 158 ? 6.398   8.355   -13.312 1.00 11.84 ? 158 TRP X N   1 
ATOM   1243 C  CA  . TRP A 1 158 ? 5.441   7.253   -13.381 1.00 12.48 ? 158 TRP X CA  1 
ATOM   1244 C  C   . TRP A 1 158 ? 5.808   6.239   -14.465 1.00 13.10 ? 158 TRP X C   1 
ATOM   1245 O  O   . TRP A 1 158 ? 4.945   5.479   -14.917 1.00 12.99 ? 158 TRP X O   1 
ATOM   1246 C  CB  . TRP A 1 158 ? 4.050   7.805   -13.690 1.00 12.85 ? 158 TRP X CB  1 
ATOM   1247 C  CG  . TRP A 1 158 ? 3.461   8.626   -12.598 1.00 13.08 ? 158 TRP X CG  1 
ATOM   1248 C  CD1 . TRP A 1 158 ? 3.199   9.966   -12.630 1.00 13.36 ? 158 TRP X CD1 1 
ATOM   1249 C  CD2 . TRP A 1 158 ? 3.045   8.163   -11.306 1.00 13.38 ? 158 TRP X CD2 1 
ATOM   1250 N  NE1 . TRP A 1 158 ? 2.637   10.364  -11.441 1.00 13.09 ? 158 TRP X NE1 1 
ATOM   1251 C  CE2 . TRP A 1 158 ? 2.526   9.279   -10.613 1.00 13.37 ? 158 TRP X CE2 1 
ATOM   1252 C  CE3 . TRP A 1 158 ? 3.042   6.908   -10.674 1.00 13.40 ? 158 TRP X CE3 1 
ATOM   1253 C  CZ2 . TRP A 1 158 ? 2.028   9.188   -9.310  1.00 13.81 ? 158 TRP X CZ2 1 
ATOM   1254 C  CZ3 . TRP A 1 158 ? 2.540   6.815   -9.378  1.00 13.47 ? 158 TRP X CZ3 1 
ATOM   1255 C  CH2 . TRP A 1 158 ? 2.039   7.951   -8.712  1.00 13.53 ? 158 TRP X CH2 1 
ATOM   1256 N  N   . ASP A 1 159 ? 7.076   6.234   -14.883 1.00 13.53 ? 159 ASP X N   1 
ATOM   1257 C  CA  . ASP A 1 159 ? 7.554   5.320   -15.932 1.00 14.55 ? 159 ASP X CA  1 
ATOM   1258 C  C   . ASP A 1 159 ? 7.209   3.841   -15.708 1.00 14.47 ? 159 ASP X C   1 
ATOM   1259 O  O   . ASP A 1 159 ? 6.843   3.139   -16.662 1.00 14.38 ? 159 ASP X O   1 
ATOM   1260 C  CB  . ASP A 1 159 ? 9.063   5.476   -16.146 1.00 14.90 ? 159 ASP X CB  1 
ATOM   1261 C  CG  . ASP A 1 159 ? 9.428   6.775   -16.857 1.00 16.74 ? 159 ASP X CG  1 
ATOM   1262 O  OD1 . ASP A 1 159 ? 8.526   7.560   -17.211 1.00 17.86 ? 159 ASP X OD1 1 
ATOM   1263 O  OD2 . ASP A 1 159 ? 10.634  7.003   -17.062 1.00 20.21 ? 159 ASP X OD2 1 
ATOM   1264 N  N   . ALA A 1 160 ? 7.325   3.369   -14.465 1.00 14.27 ? 160 ALA X N   1 
ATOM   1265 C  CA  . ALA A 1 160 ? 7.062   1.959   -14.153 1.00 14.21 ? 160 ALA X CA  1 
ATOM   1266 C  C   . ALA A 1 160 ? 5.587   1.556   -14.259 1.00 14.34 ? 160 ALA X C   1 
ATOM   1267 O  O   . ALA A 1 160 ? 5.271   0.360   -14.260 1.00 14.40 ? 160 ALA X O   1 
ATOM   1268 C  CB  . ALA A 1 160 ? 7.636   1.582   -12.769 1.00 13.96 ? 160 ALA X CB  1 
ATOM   1269 N  N   . TYR A 1 161 ? 4.695   2.545   -14.358 1.00 14.25 ? 161 TYR X N   1 
ATOM   1270 C  CA  . TYR A 1 161 ? 3.251   2.296   -14.428 1.00 14.74 ? 161 TYR X CA  1 
ATOM   1271 C  C   . TYR A 1 161 ? 2.633   2.686   -15.782 1.00 15.84 ? 161 TYR X C   1 
ATOM   1272 O  O   . TYR A 1 161 ? 1.415   2.582   -15.949 1.00 15.96 ? 161 TYR X O   1 
ATOM   1273 C  CB  . TYR A 1 161 ? 2.542   3.024   -13.269 1.00 13.83 ? 161 TYR X CB  1 
ATOM   1274 C  CG  . TYR A 1 161 ? 2.857   2.434   -11.915 1.00 12.80 ? 161 TYR X CG  1 
ATOM   1275 C  CD1 . TYR A 1 161 ? 3.992   2.834   -11.197 1.00 12.03 ? 161 TYR X CD1 1 
ATOM   1276 C  CD2 . TYR A 1 161 ? 2.040   1.447   -11.360 1.00 12.48 ? 161 TYR X CD2 1 
ATOM   1277 C  CE1 . TYR A 1 161 ? 4.292   2.272   -9.956  1.00 10.66 ? 161 TYR X CE1 1 
ATOM   1278 C  CE2 . TYR A 1 161 ? 2.330   0.881   -10.128 1.00 11.41 ? 161 TYR X CE2 1 
ATOM   1279 C  CZ  . TYR A 1 161 ? 3.455   1.291   -9.431  1.00 12.56 ? 161 TYR X CZ  1 
ATOM   1280 O  OH  . TYR A 1 161 ? 3.744   0.715   -8.210  1.00 10.92 ? 161 TYR X OH  1 
ATOM   1281 N  N   . LYS A 1 162 ? 3.497   3.060   -16.738 0.50 16.69 ? 162 LYS X N   1 
ATOM   1282 C  CA  A LYS A 1 162 ? 3.106   3.680   -18.019 0.50 17.34 ? 162 LYS X CA  1 
ATOM   1283 C  CA  B LYS A 1 162 ? 3.105   3.675   -18.020 0.50 17.37 ? 162 LYS X CA  1 
ATOM   1284 C  C   . LYS A 1 162 ? 2.436   5.032   -17.803 0.50 17.41 ? 162 LYS X C   1 
ATOM   1285 O  O   . LYS A 1 162 ? 3.113   6.049   -17.648 0.50 17.82 ? 162 LYS X O   1 
ATOM   1286 C  CB  A LYS A 1 162 ? 2.204   2.781   -18.873 0.50 17.35 ? 162 LYS X CB  1 
ATOM   1287 C  CB  B LYS A 1 162 ? 2.201   2.764   -18.863 0.50 17.39 ? 162 LYS X CB  1 
ATOM   1288 C  CG  A LYS A 1 162 ? 2.932   1.702   -19.658 0.50 17.91 ? 162 LYS X CG  1 
ATOM   1289 C  CG  B LYS A 1 162 ? 2.829   1.445   -19.274 0.50 18.09 ? 162 LYS X CG  1 
ATOM   1290 C  CD  A LYS A 1 162 ? 2.877   0.350   -18.956 0.50 18.56 ? 162 LYS X CD  1 
ATOM   1291 C  CD  B LYS A 1 162 ? 2.039   0.793   -20.404 0.50 18.60 ? 162 LYS X CD  1 
ATOM   1292 C  CE  A LYS A 1 162 ? 1.472   -0.242  -19.014 0.50 18.62 ? 162 LYS X CE  1 
ATOM   1293 C  CE  B LYS A 1 162 ? 2.396   -0.681  -20.570 0.50 18.64 ? 162 LYS X CE  1 
ATOM   1294 N  NZ  A LYS A 1 162 ? 1.482   -1.704  -18.769 0.50 19.07 ? 162 LYS X NZ  1 
ATOM   1295 N  NZ  B LYS A 1 162 ? 3.817   -0.919  -20.950 0.50 19.10 ? 162 LYS X NZ  1 
HETATM 1296 P  P   . PO4 B 2 .   ? -6.091  -16.804 -3.340  0.62 13.57 ? 301 PO4 X P   1 
HETATM 1297 O  O1  . PO4 B 2 .   ? -5.076  -17.370 -2.382  0.62 9.96  ? 301 PO4 X O1  1 
HETATM 1298 O  O2  . PO4 B 2 .   ? -5.727  -15.410 -3.830  0.62 10.34 ? 301 PO4 X O2  1 
HETATM 1299 O  O3  . PO4 B 2 .   ? -6.100  -17.753 -4.518  0.62 10.87 ? 301 PO4 X O3  1 
HETATM 1300 O  O4  . PO4 B 2 .   ? -7.459  -16.745 -2.684  0.62 11.50 ? 301 PO4 X O4  1 
HETATM 1301 P  P   . PO4 C 2 .   ? 3.154   -8.574  -12.367 0.50 22.71 ? 302 PO4 X P   1 
HETATM 1302 O  O1  . PO4 C 2 .   ? 2.046   -8.784  -13.374 0.50 22.98 ? 302 PO4 X O1  1 
HETATM 1303 O  O2  . PO4 C 2 .   ? 2.556   -8.139  -11.052 0.50 22.54 ? 302 PO4 X O2  1 
HETATM 1304 O  O3  . PO4 C 2 .   ? 3.912   -9.869  -12.197 0.50 22.00 ? 302 PO4 X O3  1 
HETATM 1305 O  O4  . PO4 C 2 .   ? 4.097   -7.503  -12.850 0.50 21.71 ? 302 PO4 X O4  1 
HETATM 1306 P  P   . PO4 D 2 .   ? -4.350  15.358  13.861  0.50 26.48 ? 303 PO4 X P   1 
HETATM 1307 O  O1  . PO4 D 2 .   ? -4.187  16.049  12.531  0.50 26.36 ? 303 PO4 X O1  1 
HETATM 1308 O  O2  . PO4 D 2 .   ? -4.096  16.338  14.982  0.50 26.32 ? 303 PO4 X O2  1 
HETATM 1309 O  O3  . PO4 D 2 .   ? -5.754  14.812  13.956  0.50 25.81 ? 303 PO4 X O3  1 
HETATM 1310 O  O4  . PO4 D 2 .   ? -3.347  14.234  13.961  0.50 26.80 ? 303 PO4 X O4  1 
HETATM 1311 C  C1  . BME E 3 .   ? -6.442  13.986  4.521   1.00 16.11 ? 304 BME X C1  1 
HETATM 1312 C  C2  . BME E 3 .   ? -5.257  13.297  3.858   1.00 14.58 ? 304 BME X C2  1 
HETATM 1313 O  O1  . BME E 3 .   ? -7.637  13.451  3.998   1.00 18.63 ? 304 BME X O1  1 
HETATM 1314 S  S2  . BME E 3 .   ? -3.680  13.693  4.649   0.50 10.11 ? 304 BME X S2  1 
HETATM 1315 CL CL1 A YAN F 4 .   ? 5.763   6.738   4.786   0.50 14.64 ? 305 YAN X CL1 1 
HETATM 1316 CL CL1 C YAN F 4 .   ? 7.101   8.123   4.613   0.50 19.71 ? 305 YAN X CL1 1 
HETATM 1317 C  CAG A YAN F 4 .   ? 7.070   6.233   3.771   0.50 14.62 ? 305 YAN X CAG 1 
HETATM 1318 C  CAG C YAN F 4 .   ? 7.438   6.637   3.794   0.50 19.68 ? 305 YAN X CAG 1 
HETATM 1319 C  CAE A YAN F 4 .   ? 7.146   4.896   3.376   0.50 14.11 ? 305 YAN X CAE 1 
HETATM 1320 C  CAE C YAN F 4 .   ? 6.717   5.492   4.133   0.50 19.87 ? 305 YAN X CAE 1 
HETATM 1321 C  CAC A YAN F 4 .   ? 8.189   4.469   2.554   0.50 14.28 ? 305 YAN X CAC 1 
HETATM 1322 C  CAC C YAN F 4 .   ? 6.979   4.291   3.482   0.50 19.36 ? 305 YAN X CAC 1 
HETATM 1323 C  CAD A YAN F 4 .   ? 9.162   5.372   2.132   0.50 14.42 ? 305 YAN X CAD 1 
HETATM 1324 C  CAD C YAN F 4 .   ? 7.963   4.227   2.497   0.50 19.51 ? 305 YAN X CAD 1 
HETATM 1325 C  CAF A YAN F 4 .   ? 9.090   6.705   2.529   0.50 14.29 ? 305 YAN X CAF 1 
HETATM 1326 C  CAF C YAN F 4 .   ? 8.686   5.365   2.155   0.50 19.65 ? 305 YAN X CAF 1 
HETATM 1327 C  CAH A YAN F 4 .   ? 8.048   7.139   3.352   0.50 14.53 ? 305 YAN X CAH 1 
HETATM 1328 C  CAH C YAN F 4 .   ? 8.424   6.568   2.805   0.50 19.85 ? 305 YAN X CAH 1 
HETATM 1329 CL CL2 A YAN F 4 .   ? 7.981   8.804   3.832   0.50 15.40 ? 305 YAN X CL2 1 
HETATM 1330 CL CL2 C YAN F 4 .   ? 9.329   7.971   2.362   0.50 20.64 ? 305 YAN X CL2 1 
HETATM 1331 O  O   . HOH G 5 .   ? 4.635   -1.101  -1.902  1.00 11.29 ? 306 HOH X O   1 
HETATM 1332 O  O   . HOH G 5 .   ? -9.132  -0.971  -0.317  1.00 11.29 ? 307 HOH X O   1 
HETATM 1333 O  O   . HOH G 5 .   ? 13.087  18.376  0.558   1.00 10.02 ? 308 HOH X O   1 
HETATM 1334 O  O   . HOH G 5 .   ? 7.489   4.907   -12.011 1.00 14.00 ? 309 HOH X O   1 
HETATM 1335 O  O   . HOH G 5 .   ? 4.958   -8.374  -7.024  1.00 13.35 ? 310 HOH X O   1 
HETATM 1336 O  O   . HOH G 5 .   ? -18.003 3.870   5.365   1.00 12.12 ? 311 HOH X O   1 
HETATM 1337 O  O   . HOH G 5 .   ? 10.882  -5.966  4.323   1.00 11.77 ? 312 HOH X O   1 
HETATM 1338 O  O   . HOH G 5 .   ? 13.374  13.798  -0.055  1.00 10.01 ? 313 HOH X O   1 
HETATM 1339 O  O   . HOH G 5 .   ? 12.099  15.252  -4.365  1.00 11.34 ? 314 HOH X O   1 
HETATM 1340 O  O   . HOH G 5 .   ? -3.781  -7.132  -0.880  1.00 10.07 ? 315 HOH X O   1 
HETATM 1341 O  O   . HOH G 5 .   ? -15.677 1.127   6.646   1.00 9.15  ? 316 HOH X O   1 
HETATM 1342 O  O   . HOH G 5 .   ? 6.805   18.511  -2.431  1.00 8.42  ? 317 HOH X O   1 
HETATM 1343 O  O   . HOH G 5 .   ? 8.169   -4.758  -12.132 1.00 12.00 ? 318 HOH X O   1 
HETATM 1344 O  O   . HOH G 5 .   ? 2.102   -16.481 1.098   1.00 11.31 ? 319 HOH X O   1 
HETATM 1345 O  O   . HOH G 5 .   ? -4.281  -7.568  1.921   1.00 11.24 ? 320 HOH X O   1 
HETATM 1346 O  O   . HOH G 5 .   ? -8.846  -20.548 6.694   1.00 11.43 ? 321 HOH X O   1 
HETATM 1347 O  O   . HOH G 5 .   ? 5.982   -8.343  0.221   1.00 16.52 ? 322 HOH X O   1 
HETATM 1348 O  O   . HOH G 5 .   ? 15.037  1.442   -9.722  1.00 20.83 ? 323 HOH X O   1 
HETATM 1349 O  O   . HOH G 5 .   ? 19.828  -3.930  -3.792  1.00 18.70 ? 324 HOH X O   1 
HETATM 1350 O  O   . HOH G 5 .   ? -4.371  -7.515  -3.762  1.00 10.33 ? 325 HOH X O   1 
HETATM 1351 O  O   . HOH G 5 .   ? -11.931 1.276   4.875   1.00 14.78 ? 326 HOH X O   1 
HETATM 1352 O  O   . HOH G 5 .   ? -7.655  8.837   -11.558 1.00 11.88 ? 327 HOH X O   1 
HETATM 1353 O  O   . HOH G 5 .   ? 5.886   -4.043  -13.825 1.00 15.69 ? 328 HOH X O   1 
HETATM 1354 O  O   . HOH G 5 .   ? -11.387 -2.008  -1.531  1.00 11.36 ? 329 HOH X O   1 
HETATM 1355 O  O   . HOH G 5 .   ? 13.162  15.111  -8.281  1.00 16.56 ? 330 HOH X O   1 
HETATM 1356 O  O   . HOH G 5 .   ? 13.335  -0.966  -9.622  1.00 14.36 ? 331 HOH X O   1 
HETATM 1357 O  O   . HOH G 5 .   ? 14.975  16.849  1.841   1.00 13.71 ? 332 HOH X O   1 
HETATM 1358 O  O   . HOH G 5 .   ? -6.698  -13.849 7.182   1.00 14.94 ? 333 HOH X O   1 
HETATM 1359 O  O   . HOH G 5 .   ? 20.067  10.800  -6.975  1.00 11.51 ? 334 HOH X O   1 
HETATM 1360 O  O   . HOH G 5 .   ? 14.097  11.145  -13.443 1.00 19.21 ? 335 HOH X O   1 
HETATM 1361 O  O   . HOH G 5 .   ? 7.372   13.596  -12.437 1.00 12.38 ? 336 HOH X O   1 
HETATM 1362 O  O   . HOH G 5 .   ? 16.909  -1.378  -6.429  1.00 15.63 ? 337 HOH X O   1 
HETATM 1363 O  O   . HOH G 5 .   ? 16.817  10.218  -10.267 1.00 12.06 ? 338 HOH X O   1 
HETATM 1364 O  O   . HOH G 5 .   ? -11.463 10.728  -2.818  1.00 16.31 ? 339 HOH X O   1 
HETATM 1365 O  O   . HOH G 5 .   ? -3.844  -4.878  1.938   1.00 15.12 ? 340 HOH X O   1 
HETATM 1366 O  O   . HOH G 5 .   ? 16.407  0.189   6.974   1.00 20.68 ? 341 HOH X O   1 
HETATM 1367 O  O   . HOH G 5 .   ? 19.564  2.416   -8.046  1.00 15.81 ? 342 HOH X O   1 
HETATM 1368 O  O   . HOH G 5 .   ? -21.076 -1.007  -8.108  1.00 18.31 ? 343 HOH X O   1 
HETATM 1369 O  O   . HOH G 5 .   ? -5.060  2.158   -12.604 1.00 14.46 ? 344 HOH X O   1 
HETATM 1370 O  O   . HOH G 5 .   ? 1.247   -6.075  -7.484  1.00 15.60 ? 345 HOH X O   1 
HETATM 1371 O  O   . HOH G 5 .   ? -6.072  -16.483 6.155   1.00 24.46 ? 346 HOH X O   1 
HETATM 1372 O  O   . HOH G 5 .   ? -23.365 -1.036  -4.374  1.00 18.41 ? 347 HOH X O   1 
HETATM 1373 O  O   . HOH G 5 .   ? -17.914 4.230   -4.239  1.00 16.14 ? 348 HOH X O   1 
HETATM 1374 O  O   . HOH G 5 .   ? -0.488  4.906   7.655   1.00 21.96 ? 349 HOH X O   1 
HETATM 1375 O  O   . HOH G 5 .   ? -19.265 -14.280 9.971   1.00 15.09 ? 350 HOH X O   1 
HETATM 1376 O  O   . HOH G 5 .   ? -20.441 -8.432  -6.662  1.00 17.78 ? 351 HOH X O   1 
HETATM 1377 O  O   . HOH G 5 .   ? 22.481  2.018   -1.073  1.00 16.60 ? 352 HOH X O   1 
HETATM 1378 O  O   . HOH G 5 .   ? 14.487  0.070   11.718  1.00 23.09 ? 353 HOH X O   1 
HETATM 1379 O  O   . HOH G 5 .   ? 10.894  17.285  5.980   1.00 17.68 ? 354 HOH X O   1 
HETATM 1380 O  O   . HOH G 5 .   ? -7.662  3.160   -12.379 1.00 16.36 ? 355 HOH X O   1 
HETATM 1381 O  O   . HOH G 5 .   ? -3.277  -12.915 -3.638  1.00 15.40 ? 356 HOH X O   1 
HETATM 1382 O  O   . HOH G 5 .   ? 23.688  3.378   -5.539  1.00 21.76 ? 357 HOH X O   1 
HETATM 1383 O  O   . HOH G 5 .   ? -14.372 -19.847 9.366   1.00 27.41 ? 358 HOH X O   1 
HETATM 1384 O  O   . HOH G 5 .   ? 18.925  -3.382  -6.431  1.00 15.68 ? 359 HOH X O   1 
HETATM 1385 O  O   . HOH G 5 .   ? 5.181   12.965  -14.083 1.00 15.33 ? 360 HOH X O   1 
HETATM 1386 O  O   . HOH G 5 .   ? 19.351  3.113   11.272  1.00 27.09 ? 361 HOH X O   1 
HETATM 1387 O  O   . HOH G 5 .   ? -18.444 1.421   4.087   1.00 14.10 ? 362 HOH X O   1 
HETATM 1388 O  O   . HOH G 5 .   ? 11.595  13.443  -11.838 1.00 16.47 ? 363 HOH X O   1 
HETATM 1389 O  O   . HOH G 5 .   ? 0.699   7.037   12.528  1.00 16.33 ? 364 HOH X O   1 
HETATM 1390 O  O   . HOH G 5 .   ? -1.575  -4.869  0.172   1.00 15.43 ? 365 HOH X O   1 
HETATM 1391 O  O   . HOH G 5 .   ? -23.414 -0.335  0.460   1.00 17.82 ? 366 HOH X O   1 
HETATM 1392 O  O   . HOH G 5 .   ? 17.466  -8.812  -1.143  1.00 17.59 ? 367 HOH X O   1 
HETATM 1393 O  O   . HOH G 5 .   ? -20.371 -4.295  -8.938  1.00 17.58 ? 368 HOH X O   1 
HETATM 1394 O  O   . HOH G 5 .   ? 20.669  5.492   5.753   1.00 21.37 ? 369 HOH X O   1 
HETATM 1395 O  O   . HOH G 5 .   ? 4.237   -12.743 -1.667  1.00 22.21 ? 370 HOH X O   1 
HETATM 1396 O  O   . HOH G 5 .   ? -16.693 6.925   2.612   1.00 16.99 ? 371 HOH X O   1 
HETATM 1397 O  O   . HOH G 5 .   ? 6.066   10.572  -15.180 1.00 13.12 ? 372 HOH X O   1 
HETATM 1398 O  O   . HOH G 5 .   ? -0.815  -8.500  3.914   1.00 19.96 ? 373 HOH X O   1 
HETATM 1399 O  O   . HOH G 5 .   ? -3.814  -18.546 4.345   1.00 17.85 ? 374 HOH X O   1 
HETATM 1400 O  O   . HOH G 5 .   ? 22.384  0.063   0.828   1.00 16.36 ? 375 HOH X O   1 
HETATM 1401 O  O   . HOH G 5 .   ? -4.300  7.945   12.088  1.00 23.22 ? 376 HOH X O   1 
HETATM 1402 O  O   . HOH G 5 .   ? 10.965  -0.523  -13.212 1.00 17.99 ? 377 HOH X O   1 
HETATM 1403 O  O   . HOH G 5 .   ? -6.623  -19.132 6.381   1.00 20.71 ? 378 HOH X O   1 
HETATM 1404 O  O   . HOH G 5 .   ? -5.967  -0.357  -13.672 1.00 20.68 ? 379 HOH X O   1 
HETATM 1405 O  O   . HOH G 5 .   ? 15.035  7.560   8.829   1.00 31.00 ? 380 HOH X O   1 
HETATM 1406 O  O   . HOH G 5 .   ? 17.718  -9.439  1.743   1.00 15.44 ? 381 HOH X O   1 
HETATM 1407 O  O   . HOH G 5 .   ? 6.744   -1.686  -14.887 1.00 13.61 ? 382 HOH X O   1 
HETATM 1408 O  O   . HOH G 5 .   ? -7.639  11.772  7.172   1.00 21.89 ? 383 HOH X O   1 
HETATM 1409 O  O   . HOH G 5 .   ? -7.892  4.352   -9.691  1.00 19.75 ? 384 HOH X O   1 
HETATM 1410 O  O   . HOH G 5 .   ? 2.376   -8.231  -5.840  1.00 17.54 ? 385 HOH X O   1 
HETATM 1411 O  O   . HOH G 5 .   ? -8.325  1.434   6.418   1.00 21.63 ? 386 HOH X O   1 
HETATM 1412 O  O   . HOH G 5 .   ? -11.802 11.832  -0.274  1.00 18.63 ? 387 HOH X O   1 
HETATM 1413 O  O   . HOH G 5 .   ? 15.744  -4.586  -8.782  1.00 19.12 ? 388 HOH X O   1 
HETATM 1414 O  O   . HOH G 5 .   ? -17.055 4.625   -6.810  1.00 19.81 ? 389 HOH X O   1 
HETATM 1415 O  O   . HOH G 5 .   ? -23.577 -9.072  -0.992  1.00 23.29 ? 390 HOH X O   1 
HETATM 1416 O  O   . HOH G 5 .   ? -14.378 -10.019 -8.620  1.00 22.09 ? 391 HOH X O   1 
HETATM 1417 O  O   . HOH G 5 .   ? -4.842  -2.820  -13.599 1.00 29.29 ? 392 HOH X O   1 
HETATM 1418 O  O   . HOH G 5 .   ? -15.112 6.287   0.433   1.00 15.63 ? 393 HOH X O   1 
HETATM 1419 O  O   . HOH G 5 .   ? -2.061  7.019   13.208  1.00 24.09 ? 394 HOH X O   1 
HETATM 1420 O  O   . HOH G 5 .   ? 8.686   14.121  -9.212  1.00 15.17 ? 395 HOH X O   1 
HETATM 1421 O  O   . HOH G 5 .   ? 18.075  16.541  1.322   1.00 22.74 ? 396 HOH X O   1 
HETATM 1422 O  O   . HOH G 5 .   ? 17.549  0.327   -8.524  1.00 18.49 ? 397 HOH X O   1 
HETATM 1423 O  O   . HOH G 5 .   ? -4.793  6.493   9.788   1.00 29.18 ? 398 HOH X O   1 
HETATM 1424 O  O   . HOH G 5 .   ? -7.202  -5.865  -12.725 1.00 33.77 ? 399 HOH X O   1 
HETATM 1425 O  O   . HOH G 5 .   ? 24.305  1.855   -3.360  1.00 21.72 ? 400 HOH X O   1 
HETATM 1426 O  O   . HOH G 5 .   ? -12.186 -20.586 8.121   1.00 21.42 ? 401 HOH X O   1 
HETATM 1427 O  O   . HOH G 5 .   ? 7.755   -8.020  4.298   1.00 19.98 ? 402 HOH X O   1 
HETATM 1428 O  O   . HOH G 5 .   ? -7.807  -7.775  -10.307 1.00 19.15 ? 403 HOH X O   1 
HETATM 1429 O  O   . HOH G 5 .   ? 14.520  -2.469  -7.734  1.00 15.09 ? 404 HOH X O   1 
HETATM 1430 O  O   . HOH G 5 .   ? -11.005 -16.880 0.088   1.00 20.99 ? 405 HOH X O   1 
HETATM 1431 O  O   . HOH G 5 .   ? 9.091   -2.437  -13.249 1.00 20.48 ? 406 HOH X O   1 
HETATM 1432 O  O   . HOH G 5 .   ? -4.230  3.800   -14.692 1.00 17.70 ? 407 HOH X O   1 
HETATM 1433 O  O   . HOH G 5 .   ? -1.931  -9.003  -2.043  1.00 25.74 ? 408 HOH X O   1 
HETATM 1434 O  O   . HOH G 5 .   ? -24.742 -3.110  -2.014  1.00 25.58 ? 409 HOH X O   1 
HETATM 1435 O  O   . HOH G 5 .   ? 4.055   -10.463 0.243   1.00 19.81 ? 410 HOH X O   1 
HETATM 1436 O  O   . HOH G 5 .   ? 4.096   -15.287 2.620   1.00 26.40 ? 411 HOH X O   1 
HETATM 1437 O  O   . HOH G 5 .   ? -13.770 -4.269  9.180   1.00 23.04 ? 412 HOH X O   1 
HETATM 1438 O  O   . HOH G 5 .   ? -1.726  2.411   7.419   1.00 27.48 ? 413 HOH X O   1 
HETATM 1439 O  O   . HOH G 5 .   ? 1.357   -6.985  -3.699  1.00 21.87 ? 414 HOH X O   1 
HETATM 1440 O  O   . HOH G 5 .   ? -23.278 -7.670  -3.304  1.00 28.33 ? 415 HOH X O   1 
HETATM 1441 O  O   . HOH G 5 .   ? -12.067 5.214   -4.434  1.00 28.52 ? 416 HOH X O   1 
HETATM 1442 O  O   . HOH G 5 .   ? -8.112  -21.675 4.057   1.00 22.65 ? 417 HOH X O   1 
HETATM 1443 O  O   . HOH G 5 .   ? -21.502 1.623   0.527   1.00 20.00 ? 418 HOH X O   1 
HETATM 1444 O  O   . HOH G 5 .   ? -19.317 5.612   -8.216  1.00 24.80 ? 419 HOH X O   1 
HETATM 1445 O  O   . HOH G 5 .   ? -9.668  2.828   -8.146  1.00 24.01 ? 420 HOH X O   1 
HETATM 1446 O  O   . HOH G 5 .   ? -11.038 4.800   -6.867  1.00 21.78 ? 421 HOH X O   1 
HETATM 1447 O  O   . HOH G 5 .   ? -20.753 2.349   -2.010  1.00 17.82 ? 422 HOH X O   1 
HETATM 1448 O  O   . HOH G 5 .   ? -25.349 -5.881  -3.381  1.00 22.74 ? 423 HOH X O   1 
HETATM 1449 O  O   . HOH G 5 .   ? -6.064  -2.570  3.956   1.00 20.93 ? 424 HOH X O   1 
HETATM 1450 O  O   . HOH G 5 .   ? 19.321  9.419   -9.358  1.00 11.73 ? 425 HOH X O   1 
HETATM 1451 O  O   . HOH G 5 .   ? 13.942  -14.202 -3.452  1.00 16.22 ? 426 HOH X O   1 
HETATM 1452 O  O   . HOH G 5 .   ? -8.286  -8.454  12.827  1.00 37.79 ? 427 HOH X O   1 
HETATM 1453 O  O   . HOH G 5 .   ? 16.361  -15.118 -4.371  1.00 20.04 ? 428 HOH X O   1 
HETATM 1454 O  O   . HOH G 5 .   ? -22.196 -12.178 5.966   1.00 37.72 ? 429 HOH X O   1 
HETATM 1455 O  O   . HOH G 5 .   ? -0.278  1.101   9.269   1.00 19.78 ? 430 HOH X O   1 
HETATM 1456 O  O   . HOH G 5 .   ? -22.874 -4.452  9.436   1.00 25.28 ? 431 HOH X O   1 
HETATM 1457 O  O   . HOH G 5 .   ? -24.198 -0.671  3.206   1.00 26.67 ? 432 HOH X O   1 
HETATM 1458 O  O   . HOH G 5 .   ? -22.750 -9.677  10.000  1.00 20.34 ? 433 HOH X O   1 
HETATM 1459 O  O   . HOH G 5 .   ? 14.352  -9.867  -8.705  1.00 27.57 ? 434 HOH X O   1 
HETATM 1460 O  O   . HOH G 5 .   ? 9.172   -4.970  6.275   1.00 24.54 ? 435 HOH X O   1 
HETATM 1461 O  O   . HOH G 5 .   ? -15.148 7.249   -2.219  1.00 24.31 ? 436 HOH X O   1 
HETATM 1462 O  O   . HOH G 5 .   ? -2.402  -3.839  3.826   1.00 24.37 ? 437 HOH X O   1 
HETATM 1463 O  O   . HOH G 5 .   ? -4.098  10.287  -14.082 1.00 24.97 ? 438 HOH X O   1 
HETATM 1464 O  O   . HOH G 5 .   ? -20.860 -12.230 9.187   1.00 27.78 ? 439 HOH X O   1 
HETATM 1465 O  O   . HOH G 5 .   ? -15.307 5.495   -4.134  1.00 21.06 ? 440 HOH X O   1 
HETATM 1466 O  O   . HOH G 5 .   ? 23.995  4.957   -9.569  1.00 21.09 ? 441 HOH X O   1 
HETATM 1467 O  O   . HOH G 5 .   ? 11.598  -10.340 -10.298 1.00 28.58 ? 442 HOH X O   1 
HETATM 1468 O  O   . HOH G 5 .   ? 17.414  -11.822 -3.468  1.00 22.70 ? 443 HOH X O   1 
HETATM 1469 O  O   . HOH G 5 .   ? -1.211  -7.103  -3.752  1.00 28.39 ? 444 HOH X O   1 
HETATM 1470 O  O   . HOH G 5 .   ? -17.067 -14.558 -1.206  1.00 21.09 ? 445 HOH X O   1 
HETATM 1471 O  O   . HOH G 5 .   ? 22.302  13.979  -0.040  1.00 24.08 ? 446 HOH X O   1 
HETATM 1472 O  O   . HOH G 5 .   ? 4.314   -6.017  6.947   1.00 26.84 ? 447 HOH X O   1 
HETATM 1473 O  O   . HOH G 5 .   ? 1.738   7.362   15.010  1.00 27.28 ? 448 HOH X O   1 
HETATM 1474 O  O   . HOH G 5 .   ? -1.144  -16.462 6.165   1.00 25.79 ? 449 HOH X O   1 
HETATM 1475 O  O   . HOH G 5 .   ? -12.129 -15.255 -4.258  1.00 21.75 ? 450 HOH X O   1 
HETATM 1476 O  O   . HOH G 5 .   ? -0.062  -6.604  1.415   1.00 22.91 ? 451 HOH X O   1 
HETATM 1477 O  O   . HOH G 5 .   ? -25.146 0.401   7.264   1.00 38.17 ? 452 HOH X O   1 
HETATM 1478 O  O   . HOH G 5 .   ? -5.521  -11.692 -5.958  1.00 24.59 ? 453 HOH X O   1 
HETATM 1479 O  O   . HOH G 5 .   ? 2.524   -14.915 5.134   1.00 32.78 ? 454 HOH X O   1 
HETATM 1480 O  O   . HOH G 5 .   ? -6.077  -9.163  -6.225  1.00 23.69 ? 455 HOH X O   1 
HETATM 1481 O  O   . HOH G 5 .   ? 22.350  7.626   4.553   1.00 32.39 ? 456 HOH X O   1 
HETATM 1482 O  O   . HOH G 5 .   ? -5.572  2.243   5.519   1.00 25.06 ? 457 HOH X O   1 
HETATM 1483 O  O   . HOH G 5 .   ? -1.614  0.103   5.729   1.00 26.49 ? 458 HOH X O   1 
HETATM 1484 O  O   . HOH G 5 .   ? -4.000  -5.180  -11.390 1.00 25.55 ? 459 HOH X O   1 
HETATM 1485 O  O   . HOH G 5 .   ? 2.126   3.037   13.771  1.00 36.44 ? 460 HOH X O   1 
HETATM 1486 O  O   . HOH G 5 .   ? -10.302 12.184  1.748   1.00 23.32 ? 461 HOH X O   1 
HETATM 1487 O  O   . HOH G 5 .   ? 24.511  7.177   1.585   1.00 34.33 ? 462 HOH X O   1 
HETATM 1488 O  O   . HOH G 5 .   ? -9.582  -16.840 -4.103  1.00 29.70 ? 463 HOH X O   1 
HETATM 1489 O  O   . HOH G 5 .   ? -10.217 -19.563 -3.319  1.00 27.71 ? 464 HOH X O   1 
HETATM 1490 O  O   . HOH G 5 .   ? -18.355 0.372   1.365   1.00 29.01 ? 465 HOH X O   1 
HETATM 1491 O  O   . HOH G 5 .   ? 4.476   9.394   15.935  1.00 27.64 ? 466 HOH X O   1 
HETATM 1492 O  O   . HOH G 5 .   ? 20.223  3.472   -11.351 1.00 38.53 ? 467 HOH X O   1 
HETATM 1493 O  O   . HOH G 5 .   ? -12.243 -12.877 -5.502  1.00 31.79 ? 468 HOH X O   1 
HETATM 1494 O  O   A HOH G 5 .   ? -11.787 -4.746  7.363   0.50 13.75 ? 469 HOH X O   1 
HETATM 1495 O  O   B HOH G 5 .   ? -11.089 -5.178  8.980   0.50 15.72 ? 469 HOH X O   1 
HETATM 1496 O  O   . HOH G 5 .   ? -26.933 -7.031  2.184   1.00 25.48 ? 470 HOH X O   1 
HETATM 1497 O  O   . HOH G 5 .   ? -2.513  15.057  10.916  1.00 30.58 ? 471 HOH X O   1 
HETATM 1498 O  O   . HOH G 5 .   ? 1.193   -7.773  -0.893  1.00 25.09 ? 472 HOH X O   1 
HETATM 1499 O  O   . HOH G 5 .   ? -11.274 1.149   -9.537  1.00 25.71 ? 473 HOH X O   1 
HETATM 1500 O  O   . HOH G 5 .   ? 22.256  0.890   5.274   1.00 25.14 ? 474 HOH X O   1 
HETATM 1501 O  O   . HOH G 5 .   ? -8.347  11.268  -0.655  1.00 25.66 ? 475 HOH X O   1 
HETATM 1502 O  O   . HOH G 5 .   ? -13.635 -12.290 -7.635  1.00 37.71 ? 476 HOH X O   1 
HETATM 1503 O  O   . HOH G 5 .   ? 18.711  6.789   -11.734 1.00 26.46 ? 477 HOH X O   1 
HETATM 1504 O  O   . HOH G 5 .   ? -19.395 -11.437 4.872   1.00 29.10 ? 478 HOH X O   1 
HETATM 1505 O  O   . HOH G 5 .   ? -11.741 -2.109  7.957   1.00 26.10 ? 479 HOH X O   1 
HETATM 1506 O  O   . HOH G 5 .   ? 3.443   -7.785  2.849   1.00 29.74 ? 480 HOH X O   1 
HETATM 1507 O  O   . HOH G 5 .   ? -1.601  4.422   11.607  1.00 32.78 ? 481 HOH X O   1 
HETATM 1508 O  O   . HOH G 5 .   ? 18.982  16.974  -1.151  1.00 27.96 ? 482 HOH X O   1 
HETATM 1509 O  O   . HOH G 5 .   ? -4.233  -16.307 8.266   1.00 30.15 ? 483 HOH X O   1 
HETATM 1510 O  O   . HOH G 5 .   ? 3.590   13.587  13.367  1.00 25.77 ? 484 HOH X O   1 
HETATM 1511 O  O   . HOH G 5 .   ? 7.299   17.664  8.270   1.00 24.90 ? 485 HOH X O   1 
HETATM 1512 O  O   . HOH G 5 .   ? 11.738  1.741   13.160  1.00 29.44 ? 486 HOH X O   1 
HETATM 1513 O  O   . HOH G 5 .   ? -14.790 -15.848 -1.623  1.00 27.39 ? 487 HOH X O   1 
HETATM 1514 O  O   . HOH G 5 .   ? -23.656 2.662   -5.380  1.00 26.33 ? 488 HOH X O   1 
HETATM 1515 O  O   . HOH G 5 .   ? -11.159 -19.801 2.950   1.00 32.30 ? 489 HOH X O   1 
HETATM 1516 O  O   A HOH G 5 .   ? -20.838 0.759   2.783   0.50 18.47 ? 490 HOH X O   1 
HETATM 1517 O  O   B HOH G 5 .   ? -21.265 2.190   3.245   0.50 20.32 ? 490 HOH X O   1 
HETATM 1518 O  O   . HOH G 5 .   ? 6.879   3.093   10.849  1.00 35.65 ? 491 HOH X O   1 
HETATM 1519 O  O   . HOH G 5 .   ? -15.016 -17.716 -3.481  1.00 36.90 ? 492 HOH X O   1 
HETATM 1520 O  O   . HOH G 5 .   ? 0.954   -1.059  10.879  1.00 36.68 ? 493 HOH X O   1 
HETATM 1521 O  O   . HOH G 5 .   ? 5.964   -7.016  2.495   1.00 19.87 ? 494 HOH X O   1 
HETATM 1522 O  O   . HOH G 5 .   ? -12.723 -18.637 0.819   1.00 28.46 ? 495 HOH X O   1 
HETATM 1523 O  O   . HOH G 5 .   ? -23.054 1.406   -3.201  1.00 29.55 ? 496 HOH X O   1 
HETATM 1524 O  O   . HOH G 5 .   ? -25.091 1.395   -1.175  1.00 32.11 ? 497 HOH X O   1 
HETATM 1525 O  O   . HOH G 5 .   ? -10.897 -6.796  -11.660 1.00 26.77 ? 498 HOH X O   1 
HETATM 1526 O  O   . HOH G 5 .   ? -6.092  -9.048  12.232  1.00 25.62 ? 499 HOH X O   1 
HETATM 1527 O  O   . HOH G 5 .   ? 25.309  15.056  1.025   1.00 32.20 ? 500 HOH X O   1 
HETATM 1528 O  O   . HOH G 5 .   ? -5.813  -7.205  10.008  1.00 27.79 ? 501 HOH X O   1 
HETATM 1529 O  O   . HOH G 5 .   ? -23.038 -8.778  -5.872  1.00 20.73 ? 502 HOH X O   1 
HETATM 1530 O  O   . HOH G 5 .   ? 14.269  -11.380 -6.494  1.00 20.33 ? 503 HOH X O   1 
HETATM 1531 O  O   . HOH G 5 .   ? -23.642 -14.033 9.313   1.00 35.42 ? 504 HOH X O   1 
HETATM 1532 O  O   A HOH G 5 .   ? -4.537  -1.118  3.083   0.50 12.59 ? 505 HOH X O   1 
HETATM 1533 O  O   B HOH G 5 .   ? -4.224  0.320   4.219   0.50 20.98 ? 505 HOH X O   1 
HETATM 1534 O  O   . HOH G 5 .   ? 0.365   -11.146 -12.806 1.00 28.83 ? 506 HOH X O   1 
HETATM 1535 O  O   . HOH G 5 .   ? 25.295  -0.565  -4.315  1.00 27.68 ? 507 HOH X O   1 
HETATM 1536 O  O   A HOH G 5 .   ? -0.364  -12.744 -14.950 0.50 15.68 ? 508 HOH X O   1 
HETATM 1537 O  O   B HOH G 5 .   ? -2.202  -12.340 -15.403 0.50 20.99 ? 508 HOH X O   1 
HETATM 1538 O  O   . HOH G 5 .   ? 7.826   -15.768 3.775   1.00 26.33 ? 509 HOH X O   1 
HETATM 1539 O  O   . HOH G 5 .   ? 23.477  2.007   -7.878  1.00 28.81 ? 510 HOH X O   1 
HETATM 1540 O  O   . HOH G 5 .   ? 24.314  3.558   0.370   1.00 32.04 ? 511 HOH X O   1 
HETATM 1541 O  O   . HOH G 5 .   ? -9.437  -9.793  -10.797 1.00 33.55 ? 512 HOH X O   1 
HETATM 1542 O  O   . HOH G 5 .   ? -9.180  -18.508 -0.961  1.00 38.06 ? 513 HOH X O   1 
HETATM 1543 O  O   . HOH G 5 .   ? 19.337  -6.486  -3.015  1.00 30.14 ? 514 HOH X O   1 
HETATM 1544 O  O   . HOH G 5 .   ? -2.940  -8.003  -7.961  1.00 36.59 ? 515 HOH X O   1 
HETATM 1545 O  O   . HOH G 5 .   ? 17.161  -7.654  -3.731  1.00 38.95 ? 516 HOH X O   1 
HETATM 1546 O  O   . HOH G 5 .   ? -21.690 5.293   -6.923  1.00 32.80 ? 517 HOH X O   1 
HETATM 1547 O  O   . HOH G 5 .   ? 17.693  -5.765  -7.386  1.00 36.12 ? 518 HOH X O   1 
HETATM 1548 O  O   . HOH G 5 .   ? 3.219   -7.876  -8.793  1.00 36.53 ? 519 HOH X O   1 
HETATM 1549 O  O   . HOH G 5 .   ? 9.685   3.624   9.381   1.00 34.25 ? 520 HOH X O   1 
HETATM 1550 O  O   . HOH G 5 .   ? -7.780  -7.111  -5.433  1.00 30.20 ? 521 HOH X O   1 
HETATM 1551 O  O   . HOH G 5 .   ? -1.868  3.129   -16.446 1.00 39.53 ? 522 HOH X O   1 
HETATM 1552 O  O   . HOH G 5 .   ? 12.796  7.170   10.313  1.00 36.87 ? 523 HOH X O   1 
HETATM 1553 O  O   . HOH G 5 .   ? 9.506   -6.804  -13.314 1.00 35.88 ? 524 HOH X O   1 
HETATM 1554 O  O   . HOH G 5 .   ? 9.108   14.194  13.435  1.00 38.60 ? 525 HOH X O   1 
HETATM 1555 O  O   . HOH G 5 .   ? -9.298  12.427  10.135  1.00 40.54 ? 526 HOH X O   1 
HETATM 1556 O  O   . HOH G 5 .   ? 12.490  17.667  8.115   1.00 35.23 ? 527 HOH X O   1 
HETATM 1557 O  O   . HOH G 5 .   ? -17.683 2.392   -9.768  1.00 38.39 ? 528 HOH X O   1 
HETATM 1558 O  O   . HOH G 5 .   ? 11.765  4.773   10.616  1.00 36.76 ? 529 HOH X O   1 
HETATM 1559 O  O   . HOH G 5 .   ? -11.367 -0.557  -11.594 1.00 41.81 ? 530 HOH X O   1 
HETATM 1560 O  O   . HOH G 5 .   ? -15.586 -20.114 12.908  1.00 46.48 ? 531 HOH X O   1 
HETATM 1561 O  O   . HOH G 5 .   ? 2.152   -9.992  9.044   1.00 38.36 ? 532 HOH X O   1 
HETATM 1562 O  O   . HOH G 5 .   ? -14.291 3.207   -11.462 1.00 29.50 ? 533 HOH X O   1 
HETATM 1563 O  O   . HOH G 5 .   ? -0.470  15.032  14.305  1.00 33.84 ? 534 HOH X O   1 
HETATM 1564 O  O   . HOH G 5 .   ? -17.390 -18.562 1.064   1.00 35.14 ? 535 HOH X O   1 
HETATM 1565 O  O   . HOH G 5 .   ? 1.265   13.317  15.451  1.00 36.84 ? 536 HOH X O   1 
HETATM 1566 O  O   . HOH G 5 .   ? -15.927 -16.321 1.217   1.00 37.38 ? 537 HOH X O   1 
HETATM 1567 O  O   . HOH G 5 .   ? -7.529  -2.472  5.756   1.00 44.27 ? 538 HOH X O   1 
# 
loop_
_pdbx_poly_seq_scheme.asym_id 
_pdbx_poly_seq_scheme.entity_id 
_pdbx_poly_seq_scheme.seq_id 
_pdbx_poly_seq_scheme.mon_id 
_pdbx_poly_seq_scheme.ndb_seq_num 
_pdbx_poly_seq_scheme.pdb_seq_num 
_pdbx_poly_seq_scheme.auth_seq_num 
_pdbx_poly_seq_scheme.pdb_mon_id 
_pdbx_poly_seq_scheme.auth_mon_id 
_pdbx_poly_seq_scheme.pdb_strand_id 
_pdbx_poly_seq_scheme.pdb_ins_code 
_pdbx_poly_seq_scheme.hetero 
A 1 1   MET 1   1   1   MET MET X . n 
A 1 2   ASN 2   2   2   ASN ASN X . n 
A 1 3   ILE 3   3   3   ILE ILE X . n 
A 1 4   PHE 4   4   4   PHE PHE X . n 
A 1 5   GLU 5   5   5   GLU GLU X . n 
A 1 6   MET 6   6   6   MET MET X . n 
A 1 7   LEU 7   7   7   LEU LEU X . n 
A 1 8   ARG 8   8   8   ARG ARG X . n 
A 1 9   ILE 9   9   9   ILE ILE X . n 
A 1 10  ASP 10  10  10  ASP ASP X . n 
A 1 11  GLU 11  11  11  GLU GLU X . n 
A 1 12  GLY 12  12  12  GLY GLY X . n 
A 1 13  LEU 13  13  13  LEU LEU X . n 
A 1 14  ARG 14  14  14  ARG ARG X . n 
A 1 15  LEU 15  15  15  LEU LEU X . n 
A 1 16  LYS 16  16  16  LYS LYS X . n 
A 1 17  ILE 17  17  17  ILE ILE X . n 
A 1 18  TYR 18  18  18  TYR TYR X . n 
A 1 19  LYS 19  19  19  LYS LYS X . n 
A 1 20  ASP 20  20  20  ASP ASP X . n 
A 1 21  THR 21  21  21  THR THR X . n 
A 1 22  GLU 22  22  22  GLU GLU X . n 
A 1 23  GLY 23  23  23  GLY GLY X . n 
A 1 24  TYR 24  24  24  TYR TYR X . n 
A 1 25  TYR 25  25  25  TYR TYR X . n 
A 1 26  THR 26  26  26  THR THR X . n 
A 1 27  ILE 27  27  27  ILE ILE X . n 
A 1 28  GLY 28  28  28  GLY GLY X . n 
A 1 29  ILE 29  29  29  ILE ILE X . n 
A 1 30  GLY 30  30  30  GLY GLY X . n 
A 1 31  HIS 31  31  31  HIS HIS X . n 
A 1 32  LEU 32  32  32  LEU LEU X . n 
A 1 33  LEU 33  33  33  LEU LEU X . n 
A 1 34  THR 34  34  34  THR THR X . n 
A 1 35  LYS 35  35  35  LYS LYS X . n 
A 1 36  SER 36  36  36  SER SER X . n 
A 1 37  PRO 37  37  37  PRO PRO X . n 
A 1 38  SER 38  38  38  SER SER X . n 
A 1 39  LEU 39  39  39  LEU LEU X . n 
A 1 40  ASN 40  40  40  ASN ASN X . n 
A 1 41  ALA 41  41  41  ALA ALA X . n 
A 1 42  ALA 42  42  42  ALA ALA X . n 
A 1 43  LYS 43  43  43  LYS LYS X . n 
A 1 44  SER 44  44  44  SER SER X . n 
A 1 45  GLU 45  45  45  GLU GLU X . n 
A 1 46  LEU 46  46  46  LEU LEU X . n 
A 1 47  ASP 47  47  47  ASP ASP X . n 
A 1 48  LYS 48  48  48  LYS LYS X . n 
A 1 49  ALA 49  49  49  ALA ALA X . n 
A 1 50  ILE 50  50  50  ILE ILE X . n 
A 1 51  GLY 51  51  51  GLY GLY X . n 
A 1 52  ARG 52  52  52  ARG ARG X . n 
A 1 53  ASN 53  53  53  ASN ASN X . n 
A 1 54  THR 54  54  54  THR THR X . n 
A 1 55  ASN 55  55  55  ASN ASN X . n 
A 1 56  GLY 56  56  56  GLY GLY X . n 
A 1 57  VAL 57  57  57  VAL VAL X . n 
A 1 58  ILE 58  58  58  ILE ILE X . n 
A 1 59  THR 59  59  59  THR THR X . n 
A 1 60  LYS 60  60  60  LYS LYS X . n 
A 1 61  ASP 61  61  61  ASP ASP X . n 
A 1 62  GLU 62  62  62  GLU GLU X . n 
A 1 63  ALA 63  63  63  ALA ALA X . n 
A 1 64  GLU 64  64  64  GLU GLU X . n 
A 1 65  LYS 65  65  65  LYS LYS X . n 
A 1 66  LEU 66  66  66  LEU LEU X . n 
A 1 67  PHE 67  67  67  PHE PHE X . n 
A 1 68  ASN 68  68  68  ASN ASN X . n 
A 1 69  GLN 69  69  69  GLN GLN X . n 
A 1 70  ASP 70  70  70  ASP ASP X . n 
A 1 71  VAL 71  71  71  VAL VAL X . n 
A 1 72  ASP 72  72  72  ASP ASP X . n 
A 1 73  ALA 73  73  73  ALA ALA X . n 
A 1 74  ALA 74  74  74  ALA ALA X . n 
A 1 75  VAL 75  75  75  VAL VAL X . n 
A 1 76  ARG 76  76  76  ARG ARG X . n 
A 1 77  GLY 77  77  77  GLY GLY X . n 
A 1 78  ILE 78  78  78  ILE ILE X . n 
A 1 79  LEU 79  79  79  LEU LEU X . n 
A 1 80  ARG 80  80  80  ARG ARG X . n 
A 1 81  ASN 81  81  81  ASN ASN X . n 
A 1 82  ALA 82  82  82  ALA ALA X . n 
A 1 83  LYS 83  83  83  LYS LYS X . n 
A 1 84  LEU 84  84  84  LEU LEU X . n 
A 1 85  LYS 85  85  85  LYS LYS X . n 
A 1 86  PRO 86  86  86  PRO PRO X . n 
A 1 87  VAL 87  87  87  VAL VAL X . n 
A 1 88  TYR 88  88  88  TYR TYR X . n 
A 1 89  ASP 89  89  89  ASP ASP X . n 
A 1 90  SER 90  90  90  SER SER X . n 
A 1 91  LEU 91  91  91  LEU LEU X . n 
A 1 92  ASP 92  92  92  ASP ASP X . n 
A 1 93  ALA 93  93  93  ALA ALA X . n 
A 1 94  VAL 94  94  94  VAL VAL X . n 
A 1 95  ARG 95  95  95  ARG ARG X . n 
A 1 96  ARG 96  96  96  ARG ARG X . n 
A 1 97  ALA 97  97  97  ALA ALA X . n 
A 1 98  ALA 98  98  98  ALA ALA X . n 
A 1 99  ALA 99  99  99  ALA ALA X . n 
A 1 100 ILE 100 100 100 ILE ILE X . n 
A 1 101 ASN 101 101 101 ASN ASN X . n 
A 1 102 MET 102 102 102 MET MET X . n 
A 1 103 VAL 103 103 103 VAL VAL X . n 
A 1 104 PHE 104 104 104 PHE PHE X . n 
A 1 105 GLN 105 105 105 GLN GLN X . n 
A 1 106 MET 106 106 106 MET MET X . n 
A 1 107 GLY 107 107 107 GLY GLY X . n 
A 1 108 GLU 108 108 108 GLU GLU X . n 
A 1 109 THR 109 109 109 THR THR X . n 
A 1 110 GLY 110 110 110 GLY GLY X . n 
A 1 111 VAL 111 111 111 VAL VAL X . n 
A 1 112 ALA 112 112 112 ALA ALA X . n 
A 1 113 GLY 113 113 113 GLY GLY X . n 
A 1 114 PHE 114 114 114 PHE PHE X . n 
A 1 115 THR 115 115 115 THR THR X . n 
A 1 116 ASN 116 116 116 ASN ASN X . n 
A 1 117 SER 117 117 117 SER SER X . n 
A 1 118 LEU 118 118 118 LEU LEU X . n 
A 1 119 ARG 119 119 119 ARG ARG X . n 
A 1 120 MET 120 120 120 MET MET X . n 
A 1 121 LEU 121 121 121 LEU LEU X . n 
A 1 122 GLN 122 122 122 GLN GLN X . n 
A 1 123 GLN 123 123 123 GLN GLN X . n 
A 1 124 LYS 124 124 124 LYS LYS X . n 
A 1 125 ARG 125 125 125 ARG ARG X . n 
A 1 126 TRP 126 126 126 TRP TRP X . n 
A 1 127 ASP 127 127 127 ASP ASP X . n 
A 1 128 GLU 128 128 128 GLU GLU X . n 
A 1 129 ALA 129 129 129 ALA ALA X . n 
A 1 130 ALA 130 130 130 ALA ALA X . n 
A 1 131 VAL 131 131 131 VAL VAL X . n 
A 1 132 ASN 132 132 132 ASN ASN X . n 
A 1 133 LEU 133 133 133 LEU LEU X . n 
A 1 134 ALA 134 134 134 ALA ALA X . n 
A 1 135 LYS 135 135 135 LYS LYS X . n 
A 1 136 SER 136 136 136 SER SER X . n 
A 1 137 ARG 137 137 137 ARG ARG X . n 
A 1 138 TRP 138 138 138 TRP TRP X . n 
A 1 139 TYR 139 139 139 TYR TYR X . n 
A 1 140 ASN 140 140 140 ASN ASN X . n 
A 1 141 GLN 141 141 141 GLN GLN X . n 
A 1 142 THR 142 142 142 THR THR X . n 
A 1 143 PRO 143 143 143 PRO PRO X . n 
A 1 144 ASN 144 144 144 ASN ASN X . n 
A 1 145 ARG 145 145 145 ARG ARG X . n 
A 1 146 ALA 146 146 146 ALA ALA X . n 
A 1 147 LYS 147 147 147 LYS LYS X . n 
A 1 148 ARG 148 148 148 ARG ARG X . n 
A 1 149 VAL 149 149 149 VAL VAL X . n 
A 1 150 ILE 150 150 150 ILE ILE X . n 
A 1 151 THR 151 151 151 THR THR X . n 
A 1 152 THR 152 152 152 THR THR X . n 
A 1 153 PHE 153 153 153 PHE PHE X . n 
A 1 154 ARG 154 154 154 ARG ARG X . n 
A 1 155 THR 155 155 155 THR THR X . n 
A 1 156 GLY 156 156 156 GLY GLY X . n 
A 1 157 THR 157 157 157 THR THR X . n 
A 1 158 TRP 158 158 158 TRP TRP X . n 
A 1 159 ASP 159 159 159 ASP ASP X . n 
A 1 160 ALA 160 160 160 ALA ALA X . n 
A 1 161 TYR 161 161 161 TYR TYR X . n 
A 1 162 LYS 162 162 162 LYS LYS X . n 
# 
loop_
_pdbx_nonpoly_scheme.asym_id 
_pdbx_nonpoly_scheme.entity_id 
_pdbx_nonpoly_scheme.mon_id 
_pdbx_nonpoly_scheme.ndb_seq_num 
_pdbx_nonpoly_scheme.pdb_seq_num 
_pdbx_nonpoly_scheme.auth_seq_num 
_pdbx_nonpoly_scheme.pdb_mon_id 
_pdbx_nonpoly_scheme.auth_mon_id 
_pdbx_nonpoly_scheme.pdb_strand_id 
_pdbx_nonpoly_scheme.pdb_ins_code 
B 2 PO4 1   301 301 PO4 PO4 X . 
C 2 PO4 1   302 302 PO4 PO4 X . 
D 2 PO4 1   303 303 PO4 PO4 X . 
E 3 BME 1   304 304 BME BME X . 
F 4 YAN 1   305 305 YAN YAN X . 
G 5 HOH 1   306 1   HOH HOH X . 
G 5 HOH 2   307 2   HOH HOH X . 
G 5 HOH 3   308 3   HOH HOH X . 
G 5 HOH 4   309 4   HOH HOH X . 
G 5 HOH 5   310 5   HOH HOH X . 
G 5 HOH 6   311 6   HOH HOH X . 
G 5 HOH 7   312 7   HOH HOH X . 
G 5 HOH 8   313 8   HOH HOH X . 
G 5 HOH 9   314 9   HOH HOH X . 
G 5 HOH 10  315 10  HOH HOH X . 
G 5 HOH 11  316 11  HOH HOH X . 
G 5 HOH 12  317 12  HOH HOH X . 
G 5 HOH 13  318 13  HOH HOH X . 
G 5 HOH 14  319 14  HOH HOH X . 
G 5 HOH 15  320 15  HOH HOH X . 
G 5 HOH 16  321 16  HOH HOH X . 
G 5 HOH 17  322 17  HOH HOH X . 
G 5 HOH 18  323 18  HOH HOH X . 
G 5 HOH 19  324 19  HOH HOH X . 
G 5 HOH 20  325 20  HOH HOH X . 
G 5 HOH 21  326 21  HOH HOH X . 
G 5 HOH 22  327 22  HOH HOH X . 
G 5 HOH 23  328 23  HOH HOH X . 
G 5 HOH 24  329 24  HOH HOH X . 
G 5 HOH 25  330 25  HOH HOH X . 
G 5 HOH 26  331 26  HOH HOH X . 
G 5 HOH 27  332 27  HOH HOH X . 
G 5 HOH 28  333 28  HOH HOH X . 
G 5 HOH 29  334 29  HOH HOH X . 
G 5 HOH 30  335 30  HOH HOH X . 
G 5 HOH 31  336 31  HOH HOH X . 
G 5 HOH 32  337 32  HOH HOH X . 
G 5 HOH 33  338 33  HOH HOH X . 
G 5 HOH 34  339 34  HOH HOH X . 
G 5 HOH 35  340 35  HOH HOH X . 
G 5 HOH 36  341 36  HOH HOH X . 
G 5 HOH 37  342 37  HOH HOH X . 
G 5 HOH 38  343 38  HOH HOH X . 
G 5 HOH 39  344 39  HOH HOH X . 
G 5 HOH 40  345 40  HOH HOH X . 
G 5 HOH 41  346 41  HOH HOH X . 
G 5 HOH 42  347 42  HOH HOH X . 
G 5 HOH 43  348 43  HOH HOH X . 
G 5 HOH 44  349 44  HOH HOH X . 
G 5 HOH 45  350 45  HOH HOH X . 
G 5 HOH 46  351 46  HOH HOH X . 
G 5 HOH 47  352 47  HOH HOH X . 
G 5 HOH 48  353 48  HOH HOH X . 
G 5 HOH 49  354 49  HOH HOH X . 
G 5 HOH 50  355 50  HOH HOH X . 
G 5 HOH 51  356 51  HOH HOH X . 
G 5 HOH 52  357 52  HOH HOH X . 
G 5 HOH 53  358 53  HOH HOH X . 
G 5 HOH 54  359 54  HOH HOH X . 
G 5 HOH 55  360 55  HOH HOH X . 
G 5 HOH 56  361 56  HOH HOH X . 
G 5 HOH 57  362 57  HOH HOH X . 
G 5 HOH 58  363 58  HOH HOH X . 
G 5 HOH 59  364 59  HOH HOH X . 
G 5 HOH 60  365 60  HOH HOH X . 
G 5 HOH 61  366 61  HOH HOH X . 
G 5 HOH 62  367 62  HOH HOH X . 
G 5 HOH 63  368 63  HOH HOH X . 
G 5 HOH 64  369 64  HOH HOH X . 
G 5 HOH 65  370 65  HOH HOH X . 
G 5 HOH 66  371 66  HOH HOH X . 
G 5 HOH 67  372 67  HOH HOH X . 
G 5 HOH 68  373 68  HOH HOH X . 
G 5 HOH 69  374 69  HOH HOH X . 
G 5 HOH 70  375 70  HOH HOH X . 
G 5 HOH 71  376 71  HOH HOH X . 
G 5 HOH 72  377 72  HOH HOH X . 
G 5 HOH 73  378 73  HOH HOH X . 
G 5 HOH 74  379 74  HOH HOH X . 
G 5 HOH 75  380 75  HOH HOH X . 
G 5 HOH 76  381 76  HOH HOH X . 
G 5 HOH 77  382 77  HOH HOH X . 
G 5 HOH 78  383 78  HOH HOH X . 
G 5 HOH 79  384 79  HOH HOH X . 
G 5 HOH 80  385 80  HOH HOH X . 
G 5 HOH 81  386 81  HOH HOH X . 
G 5 HOH 82  387 82  HOH HOH X . 
G 5 HOH 83  388 83  HOH HOH X . 
G 5 HOH 84  389 84  HOH HOH X . 
G 5 HOH 85  390 85  HOH HOH X . 
G 5 HOH 86  391 86  HOH HOH X . 
G 5 HOH 87  392 87  HOH HOH X . 
G 5 HOH 88  393 88  HOH HOH X . 
G 5 HOH 89  394 89  HOH HOH X . 
G 5 HOH 90  395 90  HOH HOH X . 
G 5 HOH 91  396 91  HOH HOH X . 
G 5 HOH 92  397 92  HOH HOH X . 
G 5 HOH 93  398 93  HOH HOH X . 
G 5 HOH 94  399 94  HOH HOH X . 
G 5 HOH 95  400 95  HOH HOH X . 
G 5 HOH 96  401 96  HOH HOH X . 
G 5 HOH 97  402 97  HOH HOH X . 
G 5 HOH 98  403 98  HOH HOH X . 
G 5 HOH 99  404 99  HOH HOH X . 
G 5 HOH 100 405 100 HOH HOH X . 
G 5 HOH 101 406 101 HOH HOH X . 
G 5 HOH 102 407 102 HOH HOH X . 
G 5 HOH 103 408 103 HOH HOH X . 
G 5 HOH 104 409 104 HOH HOH X . 
G 5 HOH 105 410 105 HOH HOH X . 
G 5 HOH 106 411 106 HOH HOH X . 
G 5 HOH 107 412 107 HOH HOH X . 
G 5 HOH 108 413 108 HOH HOH X . 
G 5 HOH 109 414 109 HOH HOH X . 
G 5 HOH 110 415 110 HOH HOH X . 
G 5 HOH 111 416 111 HOH HOH X . 
G 5 HOH 112 417 112 HOH HOH X . 
G 5 HOH 113 418 113 HOH HOH X . 
G 5 HOH 114 419 114 HOH HOH X . 
G 5 HOH 115 420 115 HOH HOH X . 
G 5 HOH 116 421 116 HOH HOH X . 
G 5 HOH 117 422 117 HOH HOH X . 
G 5 HOH 118 423 118 HOH HOH X . 
G 5 HOH 119 424 119 HOH HOH X . 
G 5 HOH 120 425 120 HOH HOH X . 
G 5 HOH 121 426 121 HOH HOH X . 
G 5 HOH 122 427 122 HOH HOH X . 
G 5 HOH 123 428 123 HOH HOH X . 
G 5 HOH 124 429 124 HOH HOH X . 
G 5 HOH 125 430 125 HOH HOH X . 
G 5 HOH 126 431 126 HOH HOH X . 
G 5 HOH 127 432 127 HOH HOH X . 
G 5 HOH 128 433 128 HOH HOH X . 
G 5 HOH 129 434 129 HOH HOH X . 
G 5 HOH 130 435 130 HOH HOH X . 
G 5 HOH 131 436 131 HOH HOH X . 
G 5 HOH 132 437 132 HOH HOH X . 
G 5 HOH 133 438 133 HOH HOH X . 
G 5 HOH 134 439 134 HOH HOH X . 
G 5 HOH 135 440 135 HOH HOH X . 
G 5 HOH 136 441 136 HOH HOH X . 
G 5 HOH 137 442 137 HOH HOH X . 
G 5 HOH 138 443 138 HOH HOH X . 
G 5 HOH 139 444 139 HOH HOH X . 
G 5 HOH 140 445 141 HOH HOH X . 
G 5 HOH 141 446 142 HOH HOH X . 
G 5 HOH 142 447 143 HOH HOH X . 
G 5 HOH 143 448 144 HOH HOH X . 
G 5 HOH 144 449 145 HOH HOH X . 
G 5 HOH 145 450 146 HOH HOH X . 
G 5 HOH 146 451 147 HOH HOH X . 
G 5 HOH 147 452 148 HOH HOH X . 
G 5 HOH 148 453 149 HOH HOH X . 
G 5 HOH 149 454 150 HOH HOH X . 
G 5 HOH 150 455 151 HOH HOH X . 
G 5 HOH 151 456 152 HOH HOH X . 
G 5 HOH 152 457 153 HOH HOH X . 
G 5 HOH 153 458 154 HOH HOH X . 
G 5 HOH 154 459 155 HOH HOH X . 
G 5 HOH 155 460 156 HOH HOH X . 
G 5 HOH 156 461 157 HOH HOH X . 
G 5 HOH 157 462 158 HOH HOH X . 
G 5 HOH 158 463 159 HOH HOH X . 
G 5 HOH 159 464 161 HOH HOH X . 
G 5 HOH 160 465 162 HOH HOH X . 
G 5 HOH 161 466 163 HOH HOH X . 
G 5 HOH 162 467 164 HOH HOH X . 
G 5 HOH 163 468 165 HOH HOH X . 
G 5 HOH 164 469 166 HOH HOH X . 
G 5 HOH 165 470 167 HOH HOH X . 
G 5 HOH 166 471 169 HOH HOH X . 
G 5 HOH 167 472 170 HOH HOH X . 
G 5 HOH 168 473 172 HOH HOH X . 
G 5 HOH 169 474 173 HOH HOH X . 
G 5 HOH 170 475 174 HOH HOH X . 
G 5 HOH 171 476 175 HOH HOH X . 
G 5 HOH 172 477 176 HOH HOH X . 
G 5 HOH 173 478 177 HOH HOH X . 
G 5 HOH 174 479 178 HOH HOH X . 
G 5 HOH 175 480 179 HOH HOH X . 
G 5 HOH 176 481 180 HOH HOH X . 
G 5 HOH 177 482 181 HOH HOH X . 
G 5 HOH 178 483 182 HOH HOH X . 
G 5 HOH 179 484 183 HOH HOH X . 
G 5 HOH 180 485 184 HOH HOH X . 
G 5 HOH 181 486 187 HOH HOH X . 
G 5 HOH 182 487 188 HOH HOH X . 
G 5 HOH 183 488 189 HOH HOH X . 
G 5 HOH 184 489 190 HOH HOH X . 
G 5 HOH 185 490 191 HOH HOH X . 
G 5 HOH 186 491 194 HOH HOH X . 
G 5 HOH 187 492 195 HOH HOH X . 
G 5 HOH 188 493 196 HOH HOH X . 
G 5 HOH 189 494 198 HOH HOH X . 
G 5 HOH 190 495 199 HOH HOH X . 
G 5 HOH 191 496 200 HOH HOH X . 
G 5 HOH 192 497 201 HOH HOH X . 
G 5 HOH 193 498 202 HOH HOH X . 
G 5 HOH 194 499 203 HOH HOH X . 
G 5 HOH 195 500 204 HOH HOH X . 
G 5 HOH 196 501 205 HOH HOH X . 
G 5 HOH 197 502 206 HOH HOH X . 
G 5 HOH 198 503 207 HOH HOH X . 
G 5 HOH 199 504 208 HOH HOH X . 
G 5 HOH 200 505 209 HOH HOH X . 
G 5 HOH 201 506 210 HOH HOH X . 
G 5 HOH 202 507 211 HOH HOH X . 
G 5 HOH 203 508 212 HOH HOH X . 
G 5 HOH 204 509 213 HOH HOH X . 
G 5 HOH 205 510 214 HOH HOH X . 
G 5 HOH 206 511 215 HOH HOH X . 
G 5 HOH 207 512 216 HOH HOH X . 
G 5 HOH 208 513 217 HOH HOH X . 
G 5 HOH 209 514 218 HOH HOH X . 
G 5 HOH 210 515 219 HOH HOH X . 
G 5 HOH 211 516 220 HOH HOH X . 
G 5 HOH 212 517 221 HOH HOH X . 
G 5 HOH 213 518 222 HOH HOH X . 
G 5 HOH 214 519 223 HOH HOH X . 
G 5 HOH 215 520 224 HOH HOH X . 
G 5 HOH 216 521 225 HOH HOH X . 
G 5 HOH 217 522 226 HOH HOH X . 
G 5 HOH 218 523 227 HOH HOH X . 
G 5 HOH 219 524 228 HOH HOH X . 
G 5 HOH 220 525 229 HOH HOH X . 
G 5 HOH 221 526 230 HOH HOH X . 
G 5 HOH 222 527 231 HOH HOH X . 
G 5 HOH 223 528 232 HOH HOH X . 
G 5 HOH 224 529 233 HOH HOH X . 
G 5 HOH 225 530 234 HOH HOH X . 
G 5 HOH 226 531 235 HOH HOH X . 
G 5 HOH 227 532 236 HOH HOH X . 
G 5 HOH 228 533 237 HOH HOH X . 
G 5 HOH 229 534 238 HOH HOH X . 
G 5 HOH 230 535 239 HOH HOH X . 
G 5 HOH 231 536 240 HOH HOH X . 
G 5 HOH 232 537 241 HOH HOH X . 
G 5 HOH 233 538 242 HOH HOH X . 
# 
_pdbx_struct_assembly.id                   1 
_pdbx_struct_assembly.details              author_defined_assembly 
_pdbx_struct_assembly.method_details       ? 
_pdbx_struct_assembly.oligomeric_details   monomeric 
_pdbx_struct_assembly.oligomeric_count     1 
# 
_pdbx_struct_assembly_gen.assembly_id       1 
_pdbx_struct_assembly_gen.oper_expression   1 
_pdbx_struct_assembly_gen.asym_id_list      A,B,C,D,E,F,G 
# 
_pdbx_struct_oper_list.id                   1 
_pdbx_struct_oper_list.type                 'identity operation' 
_pdbx_struct_oper_list.name                 1_555 
_pdbx_struct_oper_list.symmetry_operation   x,y,z 
_pdbx_struct_oper_list.matrix[1][1]         1.0000000000 
_pdbx_struct_oper_list.matrix[1][2]         0.0000000000 
_pdbx_struct_oper_list.matrix[1][3]         0.0000000000 
_pdbx_struct_oper_list.vector[1]            0.0000000000 
_pdbx_struct_oper_list.matrix[2][1]         0.0000000000 
_pdbx_struct_oper_list.matrix[2][2]         1.0000000000 
_pdbx_struct_oper_list.matrix[2][3]         0.0000000000 
_pdbx_struct_oper_list.vector[2]            0.0000000000 
_pdbx_struct_oper_list.matrix[3][1]         0.0000000000 
_pdbx_struct_oper_list.matrix[3][2]         0.0000000000 
_pdbx_struct_oper_list.matrix[3][3]         1.0000000000 
_pdbx_struct_oper_list.vector[3]            0.0000000000 
# 
loop_
_pdbx_audit_revision_history.ordinal 
_pdbx_audit_revision_history.data_content_type 
_pdbx_audit_revision_history.major_revision 
_pdbx_audit_revision_history.minor_revision 
_pdbx_audit_revision_history.revision_date 
1 'Structure model' 1 0 2007-08-07 
2 'Structure model' 1 1 2011-07-13 
3 'Structure model' 1 2 2017-10-18 
4 'Structure model' 1 3 2021-10-20 
5 'Structure model' 1 4 2023-08-30 
# 
_pdbx_audit_revision_details.ordinal             1 
_pdbx_audit_revision_details.revision_ordinal    1 
_pdbx_audit_revision_details.data_content_type   'Structure model' 
_pdbx_audit_revision_details.provider            repository 
_pdbx_audit_revision_details.type                'Initial release' 
_pdbx_audit_revision_details.description         ? 
_pdbx_audit_revision_details.details             ? 
# 
loop_
_pdbx_audit_revision_group.ordinal 
_pdbx_audit_revision_group.revision_ordinal 
_pdbx_audit_revision_group.data_content_type 
_pdbx_audit_revision_group.group 
1 2 'Structure model' 'Version format compliance' 
2 3 'Structure model' 'Refinement description'    
3 4 'Structure model' 'Database references'       
4 4 'Structure model' 'Derived calculations'      
5 5 'Structure model' 'Data collection'           
6 5 'Structure model' 'Refinement description'    
# 
loop_
_pdbx_audit_revision_category.ordinal 
_pdbx_audit_revision_category.revision_ordinal 
_pdbx_audit_revision_category.data_content_type 
_pdbx_audit_revision_category.category 
1 3 'Structure model' software                      
2 4 'Structure model' database_2                    
3 4 'Structure model' struct_ref_seq_dif            
4 4 'Structure model' struct_site                   
5 5 'Structure model' chem_comp_atom                
6 5 'Structure model' chem_comp_bond                
7 5 'Structure model' pdbx_initial_refinement_model 
# 
loop_
_pdbx_audit_revision_item.ordinal 
_pdbx_audit_revision_item.revision_ordinal 
_pdbx_audit_revision_item.data_content_type 
_pdbx_audit_revision_item.item 
1  3 'Structure model' '_software.classification'            
2  3 'Structure model' '_software.contact_author'            
3  3 'Structure model' '_software.contact_author_email'      
4  3 'Structure model' '_software.date'                      
5  3 'Structure model' '_software.language'                  
6  3 'Structure model' '_software.location'                  
7  3 'Structure model' '_software.name'                      
8  3 'Structure model' '_software.type'                      
9  3 'Structure model' '_software.version'                   
10 4 'Structure model' '_database_2.pdbx_DOI'                
11 4 'Structure model' '_database_2.pdbx_database_accession' 
12 4 'Structure model' '_struct_ref_seq_dif.details'         
13 4 'Structure model' '_struct_site.pdbx_auth_asym_id'      
14 4 'Structure model' '_struct_site.pdbx_auth_comp_id'      
15 4 'Structure model' '_struct_site.pdbx_auth_seq_id'       
# 
loop_
_software.name 
_software.version 
_software.date 
_software.type 
_software.contact_author 
_software.contact_author_email 
_software.classification 
_software.location 
_software.language 
_software.citation_id 
_software.pdbx_ordinal 
DENZO       .        ?                package 'Zbyszek Otwinowski' zbyszek@mix.swmed.edu    'data reduction'  
http://www.lnls.br/infra/linhasluz/denzo-hkl.htm ?          ? 1 
SCALEPACK   .        ?                package 'Zbyszek Otwinowski' zbyszek@mix.swmed.edu    'data scaling'    
http://www.lnls.br/infra/linhasluz/denzo-hkl.htm ?          ? 2 
REFMAC      .        ?                program 'Murshudov, G.N.'    ccp4@dl.ac.uk            refinement        
http://www.ccp4.ac.uk/main.html                  Fortran_77 ? 3 
PDB_EXTRACT 2.000    'April. 3, 2006' package PDB                  sw-help@rcsb.rutgers.edu 'data extraction' 
http://pdb.rutgers.edu/software/                 C++        ? 4 
HKL-2000    .        ?                ?       ?                    ?                        'data collection' ? ?          ? 5 
HKL-2000    .        ?                ?       ?                    ?                        'data reduction'  ? ?          ? 6 
REFMAC      5.2.0019 ?                ?       ?                    ?                        phasing           ? ?          ? 7 
# 
_pdbx_validate_torsion.id              1 
_pdbx_validate_torsion.PDB_model_num   1 
_pdbx_validate_torsion.auth_comp_id    ILE 
_pdbx_validate_torsion.auth_asym_id    X 
_pdbx_validate_torsion.auth_seq_id     29 
_pdbx_validate_torsion.PDB_ins_code    ? 
_pdbx_validate_torsion.label_alt_id    ? 
_pdbx_validate_torsion.phi             -103.34 
_pdbx_validate_torsion.psi             74.83 
# 
loop_
_pdbx_unobs_or_zero_occ_atoms.id 
_pdbx_unobs_or_zero_occ_atoms.PDB_model_num 
_pdbx_unobs_or_zero_occ_atoms.polymer_flag 
_pdbx_unobs_or_zero_occ_atoms.occupancy_flag 
_pdbx_unobs_or_zero_occ_atoms.auth_asym_id 
_pdbx_unobs_or_zero_occ_atoms.auth_comp_id 
_pdbx_unobs_or_zero_occ_atoms.auth_seq_id 
_pdbx_unobs_or_zero_occ_atoms.PDB_ins_code 
_pdbx_unobs_or_zero_occ_atoms.auth_atom_id 
_pdbx_unobs_or_zero_occ_atoms.label_alt_id 
_pdbx_unobs_or_zero_occ_atoms.label_asym_id 
_pdbx_unobs_or_zero_occ_atoms.label_comp_id 
_pdbx_unobs_or_zero_occ_atoms.label_seq_id 
_pdbx_unobs_or_zero_occ_atoms.label_atom_id 
1  1 Y 1 X LYS 16  ? CE  ? A LYS 16  CE  
2  1 Y 1 X LYS 16  ? NZ  ? A LYS 16  NZ  
3  1 Y 1 X ASN 55  ? CB  ? A ASN 55  CB  
4  1 Y 1 X ASN 55  ? CG  ? A ASN 55  CG  
5  1 Y 1 X ASN 55  ? OD1 ? A ASN 55  OD1 
6  1 Y 1 X ASN 55  ? ND2 ? A ASN 55  ND2 
7  1 Y 1 X LYS 60  ? NZ  ? A LYS 60  NZ  
8  1 Y 1 X LYS 83  ? CG  ? A LYS 83  CG  
9  1 Y 1 X LYS 83  ? CD  ? A LYS 83  CD  
10 1 Y 1 X LYS 83  ? CE  ? A LYS 83  CE  
11 1 Y 1 X LYS 83  ? NZ  ? A LYS 83  NZ  
12 1 Y 1 X LYS 135 ? CE  ? A LYS 135 CE  
13 1 Y 1 X LYS 135 ? NZ  ? A LYS 135 NZ  
14 1 Y 1 X LYS 147 ? NZ  ? A LYS 147 NZ  
# 
loop_
_chem_comp_atom.comp_id 
_chem_comp_atom.atom_id 
_chem_comp_atom.type_symbol 
_chem_comp_atom.pdbx_aromatic_flag 
_chem_comp_atom.pdbx_stereo_config 
_chem_comp_atom.pdbx_ordinal 
ALA N    N  N N 1   
ALA CA   C  N S 2   
ALA C    C  N N 3   
ALA O    O  N N 4   
ALA CB   C  N N 5   
ALA OXT  O  N N 6   
ALA H    H  N N 7   
ALA H2   H  N N 8   
ALA HA   H  N N 9   
ALA HB1  H  N N 10  
ALA HB2  H  N N 11  
ALA HB3  H  N N 12  
ALA HXT  H  N N 13  
ARG N    N  N N 14  
ARG CA   C  N S 15  
ARG C    C  N N 16  
ARG O    O  N N 17  
ARG CB   C  N N 18  
ARG CG   C  N N 19  
ARG CD   C  N N 20  
ARG NE   N  N N 21  
ARG CZ   C  N N 22  
ARG NH1  N  N N 23  
ARG NH2  N  N N 24  
ARG OXT  O  N N 25  
ARG H    H  N N 26  
ARG H2   H  N N 27  
ARG HA   H  N N 28  
ARG HB2  H  N N 29  
ARG HB3  H  N N 30  
ARG HG2  H  N N 31  
ARG HG3  H  N N 32  
ARG HD2  H  N N 33  
ARG HD3  H  N N 34  
ARG HE   H  N N 35  
ARG HH11 H  N N 36  
ARG HH12 H  N N 37  
ARG HH21 H  N N 38  
ARG HH22 H  N N 39  
ARG HXT  H  N N 40  
ASN N    N  N N 41  
ASN CA   C  N S 42  
ASN C    C  N N 43  
ASN O    O  N N 44  
ASN CB   C  N N 45  
ASN CG   C  N N 46  
ASN OD1  O  N N 47  
ASN ND2  N  N N 48  
ASN OXT  O  N N 49  
ASN H    H  N N 50  
ASN H2   H  N N 51  
ASN HA   H  N N 52  
ASN HB2  H  N N 53  
ASN HB3  H  N N 54  
ASN HD21 H  N N 55  
ASN HD22 H  N N 56  
ASN HXT  H  N N 57  
ASP N    N  N N 58  
ASP CA   C  N S 59  
ASP C    C  N N 60  
ASP O    O  N N 61  
ASP CB   C  N N 62  
ASP CG   C  N N 63  
ASP OD1  O  N N 64  
ASP OD2  O  N N 65  
ASP OXT  O  N N 66  
ASP H    H  N N 67  
ASP H2   H  N N 68  
ASP HA   H  N N 69  
ASP HB2  H  N N 70  
ASP HB3  H  N N 71  
ASP HD2  H  N N 72  
ASP HXT  H  N N 73  
BME C1   C  N N 74  
BME C2   C  N N 75  
BME O1   O  N N 76  
BME S2   S  N N 77  
BME H11  H  N N 78  
BME H12  H  N N 79  
BME H21  H  N N 80  
BME H22  H  N N 81  
BME HO1  H  N N 82  
BME HS2  H  N N 83  
CYS N    N  N N 84  
CYS CA   C  N R 85  
CYS C    C  N N 86  
CYS O    O  N N 87  
CYS CB   C  N N 88  
CYS SG   S  N N 89  
CYS OXT  O  N N 90  
CYS H    H  N N 91  
CYS H2   H  N N 92  
CYS HA   H  N N 93  
CYS HB2  H  N N 94  
CYS HB3  H  N N 95  
CYS HG   H  N N 96  
CYS HXT  H  N N 97  
GLN N    N  N N 98  
GLN CA   C  N S 99  
GLN C    C  N N 100 
GLN O    O  N N 101 
GLN CB   C  N N 102 
GLN CG   C  N N 103 
GLN CD   C  N N 104 
GLN OE1  O  N N 105 
GLN NE2  N  N N 106 
GLN OXT  O  N N 107 
GLN H    H  N N 108 
GLN H2   H  N N 109 
GLN HA   H  N N 110 
GLN HB2  H  N N 111 
GLN HB3  H  N N 112 
GLN HG2  H  N N 113 
GLN HG3  H  N N 114 
GLN HE21 H  N N 115 
GLN HE22 H  N N 116 
GLN HXT  H  N N 117 
GLU N    N  N N 118 
GLU CA   C  N S 119 
GLU C    C  N N 120 
GLU O    O  N N 121 
GLU CB   C  N N 122 
GLU CG   C  N N 123 
GLU CD   C  N N 124 
GLU OE1  O  N N 125 
GLU OE2  O  N N 126 
GLU OXT  O  N N 127 
GLU H    H  N N 128 
GLU H2   H  N N 129 
GLU HA   H  N N 130 
GLU HB2  H  N N 131 
GLU HB3  H  N N 132 
GLU HG2  H  N N 133 
GLU HG3  H  N N 134 
GLU HE2  H  N N 135 
GLU HXT  H  N N 136 
GLY N    N  N N 137 
GLY CA   C  N N 138 
GLY C    C  N N 139 
GLY O    O  N N 140 
GLY OXT  O  N N 141 
GLY H    H  N N 142 
GLY H2   H  N N 143 
GLY HA2  H  N N 144 
GLY HA3  H  N N 145 
GLY HXT  H  N N 146 
HIS N    N  N N 147 
HIS CA   C  N S 148 
HIS C    C  N N 149 
HIS O    O  N N 150 
HIS CB   C  N N 151 
HIS CG   C  Y N 152 
HIS ND1  N  Y N 153 
HIS CD2  C  Y N 154 
HIS CE1  C  Y N 155 
HIS NE2  N  Y N 156 
HIS OXT  O  N N 157 
HIS H    H  N N 158 
HIS H2   H  N N 159 
HIS HA   H  N N 160 
HIS HB2  H  N N 161 
HIS HB3  H  N N 162 
HIS HD1  H  N N 163 
HIS HD2  H  N N 164 
HIS HE1  H  N N 165 
HIS HE2  H  N N 166 
HIS HXT  H  N N 167 
HOH O    O  N N 168 
HOH H1   H  N N 169 
HOH H2   H  N N 170 
ILE N    N  N N 171 
ILE CA   C  N S 172 
ILE C    C  N N 173 
ILE O    O  N N 174 
ILE CB   C  N S 175 
ILE CG1  C  N N 176 
ILE CG2  C  N N 177 
ILE CD1  C  N N 178 
ILE OXT  O  N N 179 
ILE H    H  N N 180 
ILE H2   H  N N 181 
ILE HA   H  N N 182 
ILE HB   H  N N 183 
ILE HG12 H  N N 184 
ILE HG13 H  N N 185 
ILE HG21 H  N N 186 
ILE HG22 H  N N 187 
ILE HG23 H  N N 188 
ILE HD11 H  N N 189 
ILE HD12 H  N N 190 
ILE HD13 H  N N 191 
ILE HXT  H  N N 192 
LEU N    N  N N 193 
LEU CA   C  N S 194 
LEU C    C  N N 195 
LEU O    O  N N 196 
LEU CB   C  N N 197 
LEU CG   C  N N 198 
LEU CD1  C  N N 199 
LEU CD2  C  N N 200 
LEU OXT  O  N N 201 
LEU H    H  N N 202 
LEU H2   H  N N 203 
LEU HA   H  N N 204 
LEU HB2  H  N N 205 
LEU HB3  H  N N 206 
LEU HG   H  N N 207 
LEU HD11 H  N N 208 
LEU HD12 H  N N 209 
LEU HD13 H  N N 210 
LEU HD21 H  N N 211 
LEU HD22 H  N N 212 
LEU HD23 H  N N 213 
LEU HXT  H  N N 214 
LYS N    N  N N 215 
LYS CA   C  N S 216 
LYS C    C  N N 217 
LYS O    O  N N 218 
LYS CB   C  N N 219 
LYS CG   C  N N 220 
LYS CD   C  N N 221 
LYS CE   C  N N 222 
LYS NZ   N  N N 223 
LYS OXT  O  N N 224 
LYS H    H  N N 225 
LYS H2   H  N N 226 
LYS HA   H  N N 227 
LYS HB2  H  N N 228 
LYS HB3  H  N N 229 
LYS HG2  H  N N 230 
LYS HG3  H  N N 231 
LYS HD2  H  N N 232 
LYS HD3  H  N N 233 
LYS HE2  H  N N 234 
LYS HE3  H  N N 235 
LYS HZ1  H  N N 236 
LYS HZ2  H  N N 237 
LYS HZ3  H  N N 238 
LYS HXT  H  N N 239 
MET N    N  N N 240 
MET CA   C  N S 241 
MET C    C  N N 242 
MET O    O  N N 243 
MET CB   C  N N 244 
MET CG   C  N N 245 
MET SD   S  N N 246 
MET CE   C  N N 247 
MET OXT  O  N N 248 
MET H    H  N N 249 
MET H2   H  N N 250 
MET HA   H  N N 251 
MET HB2  H  N N 252 
MET HB3  H  N N 253 
MET HG2  H  N N 254 
MET HG3  H  N N 255 
MET HE1  H  N N 256 
MET HE2  H  N N 257 
MET HE3  H  N N 258 
MET HXT  H  N N 259 
PHE N    N  N N 260 
PHE CA   C  N S 261 
PHE C    C  N N 262 
PHE O    O  N N 263 
PHE CB   C  N N 264 
PHE CG   C  Y N 265 
PHE CD1  C  Y N 266 
PHE CD2  C  Y N 267 
PHE CE1  C  Y N 268 
PHE CE2  C  Y N 269 
PHE CZ   C  Y N 270 
PHE OXT  O  N N 271 
PHE H    H  N N 272 
PHE H2   H  N N 273 
PHE HA   H  N N 274 
PHE HB2  H  N N 275 
PHE HB3  H  N N 276 
PHE HD1  H  N N 277 
PHE HD2  H  N N 278 
PHE HE1  H  N N 279 
PHE HE2  H  N N 280 
PHE HZ   H  N N 281 
PHE HXT  H  N N 282 
PO4 P    P  N N 283 
PO4 O1   O  N N 284 
PO4 O2   O  N N 285 
PO4 O3   O  N N 286 
PO4 O4   O  N N 287 
PRO N    N  N N 288 
PRO CA   C  N S 289 
PRO C    C  N N 290 
PRO O    O  N N 291 
PRO CB   C  N N 292 
PRO CG   C  N N 293 
PRO CD   C  N N 294 
PRO OXT  O  N N 295 
PRO H    H  N N 296 
PRO HA   H  N N 297 
PRO HB2  H  N N 298 
PRO HB3  H  N N 299 
PRO HG2  H  N N 300 
PRO HG3  H  N N 301 
PRO HD2  H  N N 302 
PRO HD3  H  N N 303 
PRO HXT  H  N N 304 
SER N    N  N N 305 
SER CA   C  N S 306 
SER C    C  N N 307 
SER O    O  N N 308 
SER CB   C  N N 309 
SER OG   O  N N 310 
SER OXT  O  N N 311 
SER H    H  N N 312 
SER H2   H  N N 313 
SER HA   H  N N 314 
SER HB2  H  N N 315 
SER HB3  H  N N 316 
SER HG   H  N N 317 
SER HXT  H  N N 318 
THR N    N  N N 319 
THR CA   C  N S 320 
THR C    C  N N 321 
THR O    O  N N 322 
THR CB   C  N R 323 
THR OG1  O  N N 324 
THR CG2  C  N N 325 
THR OXT  O  N N 326 
THR H    H  N N 327 
THR H2   H  N N 328 
THR HA   H  N N 329 
THR HB   H  N N 330 
THR HG1  H  N N 331 
THR HG21 H  N N 332 
THR HG22 H  N N 333 
THR HG23 H  N N 334 
THR HXT  H  N N 335 
TRP N    N  N N 336 
TRP CA   C  N S 337 
TRP C    C  N N 338 
TRP O    O  N N 339 
TRP CB   C  N N 340 
TRP CG   C  Y N 341 
TRP CD1  C  Y N 342 
TRP CD2  C  Y N 343 
TRP NE1  N  Y N 344 
TRP CE2  C  Y N 345 
TRP CE3  C  Y N 346 
TRP CZ2  C  Y N 347 
TRP CZ3  C  Y N 348 
TRP CH2  C  Y N 349 
TRP OXT  O  N N 350 
TRP H    H  N N 351 
TRP H2   H  N N 352 
TRP HA   H  N N 353 
TRP HB2  H  N N 354 
TRP HB3  H  N N 355 
TRP HD1  H  N N 356 
TRP HE1  H  N N 357 
TRP HE3  H  N N 358 
TRP HZ2  H  N N 359 
TRP HZ3  H  N N 360 
TRP HH2  H  N N 361 
TRP HXT  H  N N 362 
TYR N    N  N N 363 
TYR CA   C  N S 364 
TYR C    C  N N 365 
TYR O    O  N N 366 
TYR CB   C  N N 367 
TYR CG   C  Y N 368 
TYR CD1  C  Y N 369 
TYR CD2  C  Y N 370 
TYR CE1  C  Y N 371 
TYR CE2  C  Y N 372 
TYR CZ   C  Y N 373 
TYR OH   O  N N 374 
TYR OXT  O  N N 375 
TYR H    H  N N 376 
TYR H2   H  N N 377 
TYR HA   H  N N 378 
TYR HB2  H  N N 379 
TYR HB3  H  N N 380 
TYR HD1  H  N N 381 
TYR HD2  H  N N 382 
TYR HE1  H  N N 383 
TYR HE2  H  N N 384 
TYR HH   H  N N 385 
TYR HXT  H  N N 386 
VAL N    N  N N 387 
VAL CA   C  N S 388 
VAL C    C  N N 389 
VAL O    O  N N 390 
VAL CB   C  N N 391 
VAL CG1  C  N N 392 
VAL CG2  C  N N 393 
VAL OXT  O  N N 394 
VAL H    H  N N 395 
VAL H2   H  N N 396 
VAL HA   H  N N 397 
VAL HB   H  N N 398 
VAL HG11 H  N N 399 
VAL HG12 H  N N 400 
VAL HG13 H  N N 401 
VAL HG21 H  N N 402 
VAL HG22 H  N N 403 
VAL HG23 H  N N 404 
VAL HXT  H  N N 405 
YAN CL1  CL N N 406 
YAN CAG  C  Y N 407 
YAN CAE  C  Y N 408 
YAN CAC  C  Y N 409 
YAN CAD  C  Y N 410 
YAN CAF  C  Y N 411 
YAN CAH  C  Y N 412 
YAN CL2  CL N N 413 
YAN HAE  H  N N 414 
YAN HAC  H  N N 415 
YAN HAD  H  N N 416 
YAN HAF  H  N N 417 
# 
loop_
_chem_comp_bond.comp_id 
_chem_comp_bond.atom_id_1 
_chem_comp_bond.atom_id_2 
_chem_comp_bond.value_order 
_chem_comp_bond.pdbx_aromatic_flag 
_chem_comp_bond.pdbx_stereo_config 
_chem_comp_bond.pdbx_ordinal 
ALA N   CA   sing N N 1   
ALA N   H    sing N N 2   
ALA N   H2   sing N N 3   
ALA CA  C    sing N N 4   
ALA CA  CB   sing N N 5   
ALA CA  HA   sing N N 6   
ALA C   O    doub N N 7   
ALA C   OXT  sing N N 8   
ALA CB  HB1  sing N N 9   
ALA CB  HB2  sing N N 10  
ALA CB  HB3  sing N N 11  
ALA OXT HXT  sing N N 12  
ARG N   CA   sing N N 13  
ARG N   H    sing N N 14  
ARG N   H2   sing N N 15  
ARG CA  C    sing N N 16  
ARG CA  CB   sing N N 17  
ARG CA  HA   sing N N 18  
ARG C   O    doub N N 19  
ARG C   OXT  sing N N 20  
ARG CB  CG   sing N N 21  
ARG CB  HB2  sing N N 22  
ARG CB  HB3  sing N N 23  
ARG CG  CD   sing N N 24  
ARG CG  HG2  sing N N 25  
ARG CG  HG3  sing N N 26  
ARG CD  NE   sing N N 27  
ARG CD  HD2  sing N N 28  
ARG CD  HD3  sing N N 29  
ARG NE  CZ   sing N N 30  
ARG NE  HE   sing N N 31  
ARG CZ  NH1  sing N N 32  
ARG CZ  NH2  doub N N 33  
ARG NH1 HH11 sing N N 34  
ARG NH1 HH12 sing N N 35  
ARG NH2 HH21 sing N N 36  
ARG NH2 HH22 sing N N 37  
ARG OXT HXT  sing N N 38  
ASN N   CA   sing N N 39  
ASN N   H    sing N N 40  
ASN N   H2   sing N N 41  
ASN CA  C    sing N N 42  
ASN CA  CB   sing N N 43  
ASN CA  HA   sing N N 44  
ASN C   O    doub N N 45  
ASN C   OXT  sing N N 46  
ASN CB  CG   sing N N 47  
ASN CB  HB2  sing N N 48  
ASN CB  HB3  sing N N 49  
ASN CG  OD1  doub N N 50  
ASN CG  ND2  sing N N 51  
ASN ND2 HD21 sing N N 52  
ASN ND2 HD22 sing N N 53  
ASN OXT HXT  sing N N 54  
ASP N   CA   sing N N 55  
ASP N   H    sing N N 56  
ASP N   H2   sing N N 57  
ASP CA  C    sing N N 58  
ASP CA  CB   sing N N 59  
ASP CA  HA   sing N N 60  
ASP C   O    doub N N 61  
ASP C   OXT  sing N N 62  
ASP CB  CG   sing N N 63  
ASP CB  HB2  sing N N 64  
ASP CB  HB3  sing N N 65  
ASP CG  OD1  doub N N 66  
ASP CG  OD2  sing N N 67  
ASP OD2 HD2  sing N N 68  
ASP OXT HXT  sing N N 69  
BME C1  C2   sing N N 70  
BME C1  O1   sing N N 71  
BME C1  H11  sing N N 72  
BME C1  H12  sing N N 73  
BME C2  S2   sing N N 74  
BME C2  H21  sing N N 75  
BME C2  H22  sing N N 76  
BME O1  HO1  sing N N 77  
BME S2  HS2  sing N N 78  
CYS N   CA   sing N N 79  
CYS N   H    sing N N 80  
CYS N   H2   sing N N 81  
CYS CA  C    sing N N 82  
CYS CA  CB   sing N N 83  
CYS CA  HA   sing N N 84  
CYS C   O    doub N N 85  
CYS C   OXT  sing N N 86  
CYS CB  SG   sing N N 87  
CYS CB  HB2  sing N N 88  
CYS CB  HB3  sing N N 89  
CYS SG  HG   sing N N 90  
CYS OXT HXT  sing N N 91  
GLN N   CA   sing N N 92  
GLN N   H    sing N N 93  
GLN N   H2   sing N N 94  
GLN CA  C    sing N N 95  
GLN CA  CB   sing N N 96  
GLN CA  HA   sing N N 97  
GLN C   O    doub N N 98  
GLN C   OXT  sing N N 99  
GLN CB  CG   sing N N 100 
GLN CB  HB2  sing N N 101 
GLN CB  HB3  sing N N 102 
GLN CG  CD   sing N N 103 
GLN CG  HG2  sing N N 104 
GLN CG  HG3  sing N N 105 
GLN CD  OE1  doub N N 106 
GLN CD  NE2  sing N N 107 
GLN NE2 HE21 sing N N 108 
GLN NE2 HE22 sing N N 109 
GLN OXT HXT  sing N N 110 
GLU N   CA   sing N N 111 
GLU N   H    sing N N 112 
GLU N   H2   sing N N 113 
GLU CA  C    sing N N 114 
GLU CA  CB   sing N N 115 
GLU CA  HA   sing N N 116 
GLU C   O    doub N N 117 
GLU C   OXT  sing N N 118 
GLU CB  CG   sing N N 119 
GLU CB  HB2  sing N N 120 
GLU CB  HB3  sing N N 121 
GLU CG  CD   sing N N 122 
GLU CG  HG2  sing N N 123 
GLU CG  HG3  sing N N 124 
GLU CD  OE1  doub N N 125 
GLU CD  OE2  sing N N 126 
GLU OE2 HE2  sing N N 127 
GLU OXT HXT  sing N N 128 
GLY N   CA   sing N N 129 
GLY N   H    sing N N 130 
GLY N   H2   sing N N 131 
GLY CA  C    sing N N 132 
GLY CA  HA2  sing N N 133 
GLY CA  HA3  sing N N 134 
GLY C   O    doub N N 135 
GLY C   OXT  sing N N 136 
GLY OXT HXT  sing N N 137 
HIS N   CA   sing N N 138 
HIS N   H    sing N N 139 
HIS N   H2   sing N N 140 
HIS CA  C    sing N N 141 
HIS CA  CB   sing N N 142 
HIS CA  HA   sing N N 143 
HIS C   O    doub N N 144 
HIS C   OXT  sing N N 145 
HIS CB  CG   sing N N 146 
HIS CB  HB2  sing N N 147 
HIS CB  HB3  sing N N 148 
HIS CG  ND1  sing Y N 149 
HIS CG  CD2  doub Y N 150 
HIS ND1 CE1  doub Y N 151 
HIS ND1 HD1  sing N N 152 
HIS CD2 NE2  sing Y N 153 
HIS CD2 HD2  sing N N 154 
HIS CE1 NE2  sing Y N 155 
HIS CE1 HE1  sing N N 156 
HIS NE2 HE2  sing N N 157 
HIS OXT HXT  sing N N 158 
HOH O   H1   sing N N 159 
HOH O   H2   sing N N 160 
ILE N   CA   sing N N 161 
ILE N   H    sing N N 162 
ILE N   H2   sing N N 163 
ILE CA  C    sing N N 164 
ILE CA  CB   sing N N 165 
ILE CA  HA   sing N N 166 
ILE C   O    doub N N 167 
ILE C   OXT  sing N N 168 
ILE CB  CG1  sing N N 169 
ILE CB  CG2  sing N N 170 
ILE CB  HB   sing N N 171 
ILE CG1 CD1  sing N N 172 
ILE CG1 HG12 sing N N 173 
ILE CG1 HG13 sing N N 174 
ILE CG2 HG21 sing N N 175 
ILE CG2 HG22 sing N N 176 
ILE CG2 HG23 sing N N 177 
ILE CD1 HD11 sing N N 178 
ILE CD1 HD12 sing N N 179 
ILE CD1 HD13 sing N N 180 
ILE OXT HXT  sing N N 181 
LEU N   CA   sing N N 182 
LEU N   H    sing N N 183 
LEU N   H2   sing N N 184 
LEU CA  C    sing N N 185 
LEU CA  CB   sing N N 186 
LEU CA  HA   sing N N 187 
LEU C   O    doub N N 188 
LEU C   OXT  sing N N 189 
LEU CB  CG   sing N N 190 
LEU CB  HB2  sing N N 191 
LEU CB  HB3  sing N N 192 
LEU CG  CD1  sing N N 193 
LEU CG  CD2  sing N N 194 
LEU CG  HG   sing N N 195 
LEU CD1 HD11 sing N N 196 
LEU CD1 HD12 sing N N 197 
LEU CD1 HD13 sing N N 198 
LEU CD2 HD21 sing N N 199 
LEU CD2 HD22 sing N N 200 
LEU CD2 HD23 sing N N 201 
LEU OXT HXT  sing N N 202 
LYS N   CA   sing N N 203 
LYS N   H    sing N N 204 
LYS N   H2   sing N N 205 
LYS CA  C    sing N N 206 
LYS CA  CB   sing N N 207 
LYS CA  HA   sing N N 208 
LYS C   O    doub N N 209 
LYS C   OXT  sing N N 210 
LYS CB  CG   sing N N 211 
LYS CB  HB2  sing N N 212 
LYS CB  HB3  sing N N 213 
LYS CG  CD   sing N N 214 
LYS CG  HG2  sing N N 215 
LYS CG  HG3  sing N N 216 
LYS CD  CE   sing N N 217 
LYS CD  HD2  sing N N 218 
LYS CD  HD3  sing N N 219 
LYS CE  NZ   sing N N 220 
LYS CE  HE2  sing N N 221 
LYS CE  HE3  sing N N 222 
LYS NZ  HZ1  sing N N 223 
LYS NZ  HZ2  sing N N 224 
LYS NZ  HZ3  sing N N 225 
LYS OXT HXT  sing N N 226 
MET N   CA   sing N N 227 
MET N   H    sing N N 228 
MET N   H2   sing N N 229 
MET CA  C    sing N N 230 
MET CA  CB   sing N N 231 
MET CA  HA   sing N N 232 
MET C   O    doub N N 233 
MET C   OXT  sing N N 234 
MET CB  CG   sing N N 235 
MET CB  HB2  sing N N 236 
MET CB  HB3  sing N N 237 
MET CG  SD   sing N N 238 
MET CG  HG2  sing N N 239 
MET CG  HG3  sing N N 240 
MET SD  CE   sing N N 241 
MET CE  HE1  sing N N 242 
MET CE  HE2  sing N N 243 
MET CE  HE3  sing N N 244 
MET OXT HXT  sing N N 245 
PHE N   CA   sing N N 246 
PHE N   H    sing N N 247 
PHE N   H2   sing N N 248 
PHE CA  C    sing N N 249 
PHE CA  CB   sing N N 250 
PHE CA  HA   sing N N 251 
PHE C   O    doub N N 252 
PHE C   OXT  sing N N 253 
PHE CB  CG   sing N N 254 
PHE CB  HB2  sing N N 255 
PHE CB  HB3  sing N N 256 
PHE CG  CD1  doub Y N 257 
PHE CG  CD2  sing Y N 258 
PHE CD1 CE1  sing Y N 259 
PHE CD1 HD1  sing N N 260 
PHE CD2 CE2  doub Y N 261 
PHE CD2 HD2  sing N N 262 
PHE CE1 CZ   doub Y N 263 
PHE CE1 HE1  sing N N 264 
PHE CE2 CZ   sing Y N 265 
PHE CE2 HE2  sing N N 266 
PHE CZ  HZ   sing N N 267 
PHE OXT HXT  sing N N 268 
PO4 P   O1   doub N N 269 
PO4 P   O2   sing N N 270 
PO4 P   O3   sing N N 271 
PO4 P   O4   sing N N 272 
PRO N   CA   sing N N 273 
PRO N   CD   sing N N 274 
PRO N   H    sing N N 275 
PRO CA  C    sing N N 276 
PRO CA  CB   sing N N 277 
PRO CA  HA   sing N N 278 
PRO C   O    doub N N 279 
PRO C   OXT  sing N N 280 
PRO CB  CG   sing N N 281 
PRO CB  HB2  sing N N 282 
PRO CB  HB3  sing N N 283 
PRO CG  CD   sing N N 284 
PRO CG  HG2  sing N N 285 
PRO CG  HG3  sing N N 286 
PRO CD  HD2  sing N N 287 
PRO CD  HD3  sing N N 288 
PRO OXT HXT  sing N N 289 
SER N   CA   sing N N 290 
SER N   H    sing N N 291 
SER N   H2   sing N N 292 
SER CA  C    sing N N 293 
SER CA  CB   sing N N 294 
SER CA  HA   sing N N 295 
SER C   O    doub N N 296 
SER C   OXT  sing N N 297 
SER CB  OG   sing N N 298 
SER CB  HB2  sing N N 299 
SER CB  HB3  sing N N 300 
SER OG  HG   sing N N 301 
SER OXT HXT  sing N N 302 
THR N   CA   sing N N 303 
THR N   H    sing N N 304 
THR N   H2   sing N N 305 
THR CA  C    sing N N 306 
THR CA  CB   sing N N 307 
THR CA  HA   sing N N 308 
THR C   O    doub N N 309 
THR C   OXT  sing N N 310 
THR CB  OG1  sing N N 311 
THR CB  CG2  sing N N 312 
THR CB  HB   sing N N 313 
THR OG1 HG1  sing N N 314 
THR CG2 HG21 sing N N 315 
THR CG2 HG22 sing N N 316 
THR CG2 HG23 sing N N 317 
THR OXT HXT  sing N N 318 
TRP N   CA   sing N N 319 
TRP N   H    sing N N 320 
TRP N   H2   sing N N 321 
TRP CA  C    sing N N 322 
TRP CA  CB   sing N N 323 
TRP CA  HA   sing N N 324 
TRP C   O    doub N N 325 
TRP C   OXT  sing N N 326 
TRP CB  CG   sing N N 327 
TRP CB  HB2  sing N N 328 
TRP CB  HB3  sing N N 329 
TRP CG  CD1  doub Y N 330 
TRP CG  CD2  sing Y N 331 
TRP CD1 NE1  sing Y N 332 
TRP CD1 HD1  sing N N 333 
TRP CD2 CE2  doub Y N 334 
TRP CD2 CE3  sing Y N 335 
TRP NE1 CE2  sing Y N 336 
TRP NE1 HE1  sing N N 337 
TRP CE2 CZ2  sing Y N 338 
TRP CE3 CZ3  doub Y N 339 
TRP CE3 HE3  sing N N 340 
TRP CZ2 CH2  doub Y N 341 
TRP CZ2 HZ2  sing N N 342 
TRP CZ3 CH2  sing Y N 343 
TRP CZ3 HZ3  sing N N 344 
TRP CH2 HH2  sing N N 345 
TRP OXT HXT  sing N N 346 
TYR N   CA   sing N N 347 
TYR N   H    sing N N 348 
TYR N   H2   sing N N 349 
TYR CA  C    sing N N 350 
TYR CA  CB   sing N N 351 
TYR CA  HA   sing N N 352 
TYR C   O    doub N N 353 
TYR C   OXT  sing N N 354 
TYR CB  CG   sing N N 355 
TYR CB  HB2  sing N N 356 
TYR CB  HB3  sing N N 357 
TYR CG  CD1  doub Y N 358 
TYR CG  CD2  sing Y N 359 
TYR CD1 CE1  sing Y N 360 
TYR CD1 HD1  sing N N 361 
TYR CD2 CE2  doub Y N 362 
TYR CD2 HD2  sing N N 363 
TYR CE1 CZ   doub Y N 364 
TYR CE1 HE1  sing N N 365 
TYR CE2 CZ   sing Y N 366 
TYR CE2 HE2  sing N N 367 
TYR CZ  OH   sing N N 368 
TYR OH  HH   sing N N 369 
TYR OXT HXT  sing N N 370 
VAL N   CA   sing N N 371 
VAL N   H    sing N N 372 
VAL N   H2   sing N N 373 
VAL CA  C    sing N N 374 
VAL CA  CB   sing N N 375 
VAL CA  HA   sing N N 376 
VAL C   O    doub N N 377 
VAL C   OXT  sing N N 378 
VAL CB  CG1  sing N N 379 
VAL CB  CG2  sing N N 380 
VAL CB  HB   sing N N 381 
VAL CG1 HG11 sing N N 382 
VAL CG1 HG12 sing N N 383 
VAL CG1 HG13 sing N N 384 
VAL CG2 HG21 sing N N 385 
VAL CG2 HG22 sing N N 386 
VAL CG2 HG23 sing N N 387 
VAL OXT HXT  sing N N 388 
YAN CL1 CAG  sing N N 389 
YAN CAG CAE  doub Y N 390 
YAN CAG CAH  sing Y N 391 
YAN CAE CAC  sing Y N 392 
YAN CAE HAE  sing N N 393 
YAN CAC CAD  doub Y N 394 
YAN CAC HAC  sing N N 395 
YAN CAD CAF  sing Y N 396 
YAN CAD HAD  sing N N 397 
YAN CAF CAH  doub Y N 398 
YAN CAF HAF  sing N N 399 
YAN CAH CL2  sing N N 400 
# 
loop_
_pdbx_entity_nonpoly.entity_id 
_pdbx_entity_nonpoly.name 
_pdbx_entity_nonpoly.comp_id 
2 'PHOSPHATE ION'      PO4 
3 BETA-MERCAPTOETHANOL BME 
4 1,2-DICHLOROBENZENE  YAN 
5 water                HOH 
# 
_pdbx_initial_refinement_model.id               1 
_pdbx_initial_refinement_model.entity_id_list   ? 
_pdbx_initial_refinement_model.type             'experimental model' 
_pdbx_initial_refinement_model.source_name      PDB 
_pdbx_initial_refinement_model.accession_code   181L 
_pdbx_initial_refinement_model.details          ? 
# 
